data_8XZL
# 
_entry.id   8XZL 
# 
_audit_conform.dict_name       mmcif_pdbx.dic 
_audit_conform.dict_version    5.395 
_audit_conform.dict_location   http://mmcif.pdb.org/dictionaries/ascii/mmcif_pdbx.dic 
# 
loop_
_database_2.database_id 
_database_2.database_code 
_database_2.pdbx_database_accession 
_database_2.pdbx_DOI 
PDB   8XZL         pdb_00008xzl 10.2210/pdb8xzl/pdb 
WWPDB D_1300044552 ?            ?                   
# 
loop_
_pdbx_audit_revision_history.ordinal 
_pdbx_audit_revision_history.data_content_type 
_pdbx_audit_revision_history.major_revision 
_pdbx_audit_revision_history.minor_revision 
_pdbx_audit_revision_history.revision_date 
1 'Structure model' 1 0 2024-07-24 
2 'Structure model' 1 1 2024-08-21 
# 
_pdbx_audit_revision_details.ordinal             1 
_pdbx_audit_revision_details.revision_ordinal    1 
_pdbx_audit_revision_details.data_content_type   'Structure model' 
_pdbx_audit_revision_details.provider            repository 
_pdbx_audit_revision_details.type                'Initial release' 
_pdbx_audit_revision_details.description         ? 
_pdbx_audit_revision_details.details             ? 
# 
_pdbx_audit_revision_group.ordinal             1 
_pdbx_audit_revision_group.revision_ordinal    2 
_pdbx_audit_revision_group.data_content_type   'Structure model' 
_pdbx_audit_revision_group.group               'Database references' 
# 
_pdbx_audit_revision_category.ordinal             1 
_pdbx_audit_revision_category.revision_ordinal    2 
_pdbx_audit_revision_category.data_content_type   'Structure model' 
_pdbx_audit_revision_category.category            citation 
# 
loop_
_pdbx_audit_revision_item.ordinal 
_pdbx_audit_revision_item.revision_ordinal 
_pdbx_audit_revision_item.data_content_type 
_pdbx_audit_revision_item.item 
1 2 'Structure model' '_citation.journal_volume' 
2 2 'Structure model' '_citation.page_first'     
3 2 'Structure model' '_citation.page_last'      
# 
_pdbx_database_status.status_code                     REL 
_pdbx_database_status.status_code_sf                  REL 
_pdbx_database_status.status_code_mr                  ? 
_pdbx_database_status.entry_id                        8XZL 
_pdbx_database_status.recvd_initial_deposition_date   2024-01-21 
_pdbx_database_status.SG_entry                        N 
_pdbx_database_status.deposit_site                    PDBJ 
_pdbx_database_status.process_site                    PDBJ 
_pdbx_database_status.status_code_cs                  ? 
_pdbx_database_status.status_code_nmr_data            ? 
_pdbx_database_status.methods_development_category    ? 
_pdbx_database_status.pdb_format_compatible           Y 
# 
_pdbx_contact_author.id                 2 
_pdbx_contact_author.email              aimingren@zju.edu.cn 
_pdbx_contact_author.name_first         Aiming 
_pdbx_contact_author.name_last          Ren 
_pdbx_contact_author.name_mi            ? 
_pdbx_contact_author.role               'principal investigator/group leader' 
_pdbx_contact_author.identifier_ORCID   0000-0002-5420-4899 
# 
loop_
_audit_author.name 
_audit_author.pdbx_ordinal 
_audit_author.identifier_ORCID 
'Li, C.Y.'  1 ? 
'Ren, A.M.' 2 ? 
# 
_citation.abstract                  ? 
_citation.abstract_id_CAS           ? 
_citation.book_id_ISBN              ? 
_citation.book_publisher            ? 
_citation.book_publisher_city       ? 
_citation.book_title                ? 
_citation.coordinate_linkage        ? 
_citation.country                   UK 
_citation.database_id_Medline       ? 
_citation.details                   ? 
_citation.id                        primary 
_citation.journal_abbrev            'Nucleic Acids Res.' 
_citation.journal_id_ASTM           NARHAD 
_citation.journal_id_CSD            0389 
_citation.journal_id_ISSN           1362-4962 
_citation.journal_full              ? 
_citation.journal_issue             ? 
_citation.journal_volume            52 
_citation.language                  ? 
_citation.page_first                8454 
_citation.page_last                 8465 
_citation.title                     
'Structure-based characterization and compound identification of the wild-type THF class-II riboswitch.' 
_citation.year                      2024 
_citation.database_id_CSD           ? 
_citation.pdbx_database_id_DOI      10.1093/nar/gkae377 
_citation.pdbx_database_id_PubMed   38769061 
_citation.pdbx_database_id_patent   ? 
_citation.unpublished_flag          ? 
# 
loop_
_citation_author.citation_id 
_citation_author.name 
_citation_author.ordinal 
_citation_author.identifier_ORCID 
primary 'Li, C.'    1  ?                   
primary 'Xu, X.'    2  ?                   
primary 'Geng, Z.'  3  ?                   
primary 'Zheng, L.' 4  ?                   
primary 'Song, Q.'  5  ?                   
primary 'Shen, X.'  6  ?                   
primary 'Wu, J.'    7  ?                   
primary 'Zhao, J.'  8  ?                   
primary 'Li, H.'    9  ?                   
primary 'He, M.'    10 ?                   
primary 'Tai, X.'   11 ?                   
primary 'Zhang, L.' 12 0000-0001-8139-0474 
primary 'Ma, J.'    13 ?                   
primary 'Dong, Y.'  14 ?                   
primary 'Ren, A.'   15 0000-0002-5420-4899 
# 
loop_
_entity.id 
_entity.type 
_entity.src_method 
_entity.pdbx_description 
_entity.formula_weight 
_entity.pdbx_number_of_molecules 
_entity.pdbx_ec 
_entity.pdbx_mutation 
_entity.pdbx_fragment 
_entity.details 
1 polymer     man 'RNA (53-MER)'      17174.043 1  ? ? ? ? 
2 non-polymer syn 'DIHYDROFOLIC ACID' 443.413   1  ? ? ? ? 
3 non-polymer syn 'MAGNESIUM ION'     24.305    4  ? ? ? ? 
4 non-polymer syn SPERMINE            202.340   1  ? ? ? ? 
5 water       nat water               18.015    14 ? ? ? ? 
# 
_entity_name_com.entity_id   1 
_entity_name_com.name        env6 
# 
_entity_poly.entity_id                      1 
_entity_poly.type                           polyribonucleotide 
_entity_poly.nstd_linkage                   no 
_entity_poly.nstd_monomer                   yes 
_entity_poly.pdbx_seq_one_letter_code       '(GTP)GGUGUGUACCGUUCAACUCGUCCCAGCUUCGACUGGGACUACGGGAGCGCCU' 
_entity_poly.pdbx_seq_one_letter_code_can   GGGUGUGUACCGUUCAACUCGUCCCAGCUUCGACUGGGACUACGGGAGCGCCU 
_entity_poly.pdbx_strand_id                 A 
_entity_poly.pdbx_target_identifier         ? 
# 
loop_
_pdbx_entity_nonpoly.entity_id 
_pdbx_entity_nonpoly.name 
_pdbx_entity_nonpoly.comp_id 
2 'DIHYDROFOLIC ACID' DHF 
3 'MAGNESIUM ION'     MG  
4 SPERMINE            SPM 
5 water               HOH 
# 
loop_
_entity_poly_seq.entity_id 
_entity_poly_seq.num 
_entity_poly_seq.mon_id 
_entity_poly_seq.hetero 
1 1  GTP n 
1 2  G   n 
1 3  G   n 
1 4  U   n 
1 5  G   n 
1 6  U   n 
1 7  G   n 
1 8  U   n 
1 9  A   n 
1 10 C   n 
1 11 C   n 
1 12 G   n 
1 13 U   n 
1 14 U   n 
1 15 C   n 
1 16 A   n 
1 17 A   n 
1 18 C   n 
1 19 U   n 
1 20 C   n 
1 21 G   n 
1 22 U   n 
1 23 C   n 
1 24 C   n 
1 25 C   n 
1 26 A   n 
1 27 G   n 
1 28 C   n 
1 29 U   n 
1 30 U   n 
1 31 C   n 
1 32 G   n 
1 33 A   n 
1 34 C   n 
1 35 U   n 
1 36 G   n 
1 37 G   n 
1 38 G   n 
1 39 A   n 
1 40 C   n 
1 41 U   n 
1 42 A   n 
1 43 C   n 
1 44 G   n 
1 45 G   n 
1 46 G   n 
1 47 A   n 
1 48 G   n 
1 49 C   n 
1 50 G   n 
1 51 C   n 
1 52 C   n 
1 53 U   n 
# 
_entity_src_gen.entity_id                          1 
_entity_src_gen.pdbx_src_id                        1 
_entity_src_gen.pdbx_alt_source_flag               sample 
_entity_src_gen.pdbx_seq_type                      'Biological sequence' 
_entity_src_gen.pdbx_beg_seq_num                   1 
_entity_src_gen.pdbx_end_seq_num                   53 
_entity_src_gen.gene_src_common_name               ? 
_entity_src_gen.gene_src_genus                     ? 
_entity_src_gen.pdbx_gene_src_gene                 ? 
_entity_src_gen.gene_src_species                   ? 
_entity_src_gen.gene_src_strain                    ? 
_entity_src_gen.gene_src_tissue                    ? 
_entity_src_gen.gene_src_tissue_fraction           ? 
_entity_src_gen.gene_src_details                   ? 
_entity_src_gen.pdbx_gene_src_fragment             ? 
_entity_src_gen.pdbx_gene_src_scientific_name      'unidentified eubacterium clone A70' 
_entity_src_gen.pdbx_gene_src_ncbi_taxonomy_id     41312 
_entity_src_gen.pdbx_gene_src_variant              ? 
_entity_src_gen.pdbx_gene_src_cell_line            ? 
_entity_src_gen.pdbx_gene_src_atcc                 ? 
_entity_src_gen.pdbx_gene_src_organ                ? 
_entity_src_gen.pdbx_gene_src_organelle            ? 
_entity_src_gen.pdbx_gene_src_cell                 ? 
_entity_src_gen.pdbx_gene_src_cellular_location    ? 
_entity_src_gen.host_org_common_name               ? 
_entity_src_gen.pdbx_host_org_scientific_name      'in vitro transcription vector pT7-TP(deltai)' 
_entity_src_gen.pdbx_host_org_ncbi_taxonomy_id     905931 
_entity_src_gen.host_org_genus                     ? 
_entity_src_gen.pdbx_host_org_gene                 ? 
_entity_src_gen.pdbx_host_org_organ                ? 
_entity_src_gen.host_org_species                   ? 
_entity_src_gen.pdbx_host_org_tissue               ? 
_entity_src_gen.pdbx_host_org_tissue_fraction      ? 
_entity_src_gen.pdbx_host_org_strain               ? 
_entity_src_gen.pdbx_host_org_variant              ? 
_entity_src_gen.pdbx_host_org_cell_line            ? 
_entity_src_gen.pdbx_host_org_atcc                 ? 
_entity_src_gen.pdbx_host_org_culture_collection   ? 
_entity_src_gen.pdbx_host_org_cell                 ? 
_entity_src_gen.pdbx_host_org_organelle            ? 
_entity_src_gen.pdbx_host_org_cellular_location    ? 
_entity_src_gen.pdbx_host_org_vector_type          ? 
_entity_src_gen.pdbx_host_org_vector               ? 
_entity_src_gen.host_org_details                   ? 
_entity_src_gen.expression_system_id               ? 
_entity_src_gen.plasmid_name                       ? 
_entity_src_gen.plasmid_details                    ? 
_entity_src_gen.pdbx_description                   ? 
# 
loop_
_chem_comp.id 
_chem_comp.type 
_chem_comp.mon_nstd_flag 
_chem_comp.name 
_chem_comp.pdbx_synonyms 
_chem_comp.formula 
_chem_comp.formula_weight 
A   'RNA linking' y "ADENOSINE-5'-MONOPHOSPHATE" ? 'C10 H14 N5 O7 P'   347.221 
C   'RNA linking' y "CYTIDINE-5'-MONOPHOSPHATE"  ? 'C9 H14 N3 O8 P'    323.197 
DHF non-polymer   . 'DIHYDROFOLIC ACID'          ? 'C19 H21 N7 O6'     443.413 
G   'RNA linking' y "GUANOSINE-5'-MONOPHOSPHATE" ? 'C10 H14 N5 O8 P'   363.221 
GTP non-polymer   n "GUANOSINE-5'-TRIPHOSPHATE"  ? 'C10 H16 N5 O14 P3' 523.180 
HOH non-polymer   . WATER                        ? 'H2 O'              18.015  
MG  non-polymer   . 'MAGNESIUM ION'              ? 'Mg 2'              24.305  
SPM non-polymer   . SPERMINE                     ? 'C10 H26 N4'        202.340 
U   'RNA linking' y "URIDINE-5'-MONOPHOSPHATE"   ? 'C9 H13 N2 O9 P'    324.181 
# 
loop_
_pdbx_poly_seq_scheme.asym_id 
_pdbx_poly_seq_scheme.entity_id 
_pdbx_poly_seq_scheme.seq_id 
_pdbx_poly_seq_scheme.mon_id 
_pdbx_poly_seq_scheme.ndb_seq_num 
_pdbx_poly_seq_scheme.pdb_seq_num 
_pdbx_poly_seq_scheme.auth_seq_num 
_pdbx_poly_seq_scheme.pdb_mon_id 
_pdbx_poly_seq_scheme.auth_mon_id 
_pdbx_poly_seq_scheme.pdb_strand_id 
_pdbx_poly_seq_scheme.pdb_ins_code 
_pdbx_poly_seq_scheme.hetero 
A 1 1  GTP 1  1  1  GTP GTP A . n 
A 1 2  G   2  2  2  G   G   A . n 
A 1 3  G   3  3  3  G   G   A . n 
A 1 4  U   4  4  4  U   U   A . n 
A 1 5  G   5  5  5  G   G   A . n 
A 1 6  U   6  6  6  U   U   A . n 
A 1 7  G   7  7  7  G   G   A . n 
A 1 8  U   8  8  8  U   U   A . n 
A 1 9  A   9  9  9  A   A   A . n 
A 1 10 C   10 10 10 C   C   A . n 
A 1 11 C   11 11 11 C   C   A . n 
A 1 12 G   12 12 12 G   G   A . n 
A 1 13 U   13 13 13 U   U   A . n 
A 1 14 U   14 14 14 U   U   A . n 
A 1 15 C   15 15 15 C   C   A . n 
A 1 16 A   16 16 16 A   A   A . n 
A 1 17 A   17 17 17 A   A   A . n 
A 1 18 C   18 18 18 C   C   A . n 
A 1 19 U   19 19 19 U   U   A . n 
A 1 20 C   20 20 20 C   C   A . n 
A 1 21 G   21 21 21 G   G   A . n 
A 1 22 U   22 22 22 U   U   A . n 
A 1 23 C   23 23 23 C   C   A . n 
A 1 24 C   24 24 24 C   C   A . n 
A 1 25 C   25 25 25 C   C   A . n 
A 1 26 A   26 26 26 A   A   A . n 
A 1 27 G   27 27 27 G   G   A . n 
A 1 28 C   28 28 28 C   C   A . n 
A 1 29 U   29 29 29 U   U   A . n 
A 1 30 U   30 30 30 U   U   A . n 
A 1 31 C   31 31 31 C   C   A . n 
A 1 32 G   32 32 32 G   G   A . n 
A 1 33 A   33 33 33 A   A   A . n 
A 1 34 C   34 34 34 C   C   A . n 
A 1 35 U   35 35 35 U   U   A . n 
A 1 36 G   36 36 36 G   G   A . n 
A 1 37 G   37 37 37 G   G   A . n 
A 1 38 G   38 38 38 G   G   A . n 
A 1 39 A   39 39 39 A   A   A . n 
A 1 40 C   40 40 40 C   C   A . n 
A 1 41 U   41 41 41 U   U   A . n 
A 1 42 A   42 42 42 A   A   A . n 
A 1 43 C   43 43 43 C   C   A . n 
A 1 44 G   44 44 44 G   G   A . n 
A 1 45 G   45 45 45 G   G   A . n 
A 1 46 G   46 46 46 G   G   A . n 
A 1 47 A   47 47 47 A   A   A . n 
A 1 48 G   48 48 48 G   G   A . n 
A 1 49 C   49 49 49 C   C   A . n 
A 1 50 G   50 50 50 G   G   A . n 
A 1 51 C   51 51 51 C   C   A . n 
A 1 52 C   52 52 52 C   C   A . n 
A 1 53 U   53 53 53 U   U   A . n 
# 
loop_
_pdbx_nonpoly_scheme.asym_id 
_pdbx_nonpoly_scheme.entity_id 
_pdbx_nonpoly_scheme.mon_id 
_pdbx_nonpoly_scheme.ndb_seq_num 
_pdbx_nonpoly_scheme.pdb_seq_num 
_pdbx_nonpoly_scheme.auth_seq_num 
_pdbx_nonpoly_scheme.pdb_mon_id 
_pdbx_nonpoly_scheme.auth_mon_id 
_pdbx_nonpoly_scheme.pdb_strand_id 
_pdbx_nonpoly_scheme.pdb_ins_code 
B 2 DHF 1  101 101 DHF DHF A . 
C 3 MG  1  102 1   MG  MG  A . 
D 3 MG  1  103 2   MG  MG  A . 
E 3 MG  1  104 3   MG  MG  A . 
F 3 MG  1  105 4   MG  MG  A . 
G 4 SPM 1  106 201 SPM SPM A . 
H 5 HOH 1  201 2   HOH HOH A . 
H 5 HOH 2  202 1   HOH HOH A . 
H 5 HOH 3  203 13  HOH HOH A . 
H 5 HOH 4  204 11  HOH HOH A . 
H 5 HOH 5  205 6   HOH HOH A . 
H 5 HOH 6  206 9   HOH HOH A . 
H 5 HOH 7  207 8   HOH HOH A . 
H 5 HOH 8  208 4   HOH HOH A . 
H 5 HOH 9  209 10  HOH HOH A . 
H 5 HOH 10 210 14  HOH HOH A . 
H 5 HOH 11 211 5   HOH HOH A . 
H 5 HOH 12 212 7   HOH HOH A . 
H 5 HOH 13 213 3   HOH HOH A . 
H 5 HOH 14 214 12  HOH HOH A . 
# 
loop_
_software.citation_id 
_software.classification 
_software.compiler_name 
_software.compiler_version 
_software.contact_author 
_software.contact_author_email 
_software.date 
_software.description 
_software.dependencies 
_software.hardware 
_software.language 
_software.location 
_software.mods 
_software.name 
_software.os 
_software.os_version 
_software.type 
_software.version 
_software.pdbx_ordinal 
? refinement       ? ? ? ? ? ? ? ? ? ? ? PHENIX   ? ? ? '(1.18.2_3874: ???)' 1 
? 'data scaling'   ? ? ? ? ? ? ? ? ? ? ? HKL-3000 ? ? ? .                    2 
? 'data reduction' ? ? ? ? ? ? ? ? ? ? ? HKL-3000 ? ? ? .                    3 
? phasing          ? ? ? ? ? ? ? ? ? ? ? PHASER   ? ? ? .                    4 
# 
_cell.angle_alpha                  90.00 
_cell.angle_alpha_esd              ? 
_cell.angle_beta                   90.00 
_cell.angle_beta_esd               ? 
_cell.angle_gamma                  90.00 
_cell.angle_gamma_esd              ? 
_cell.entry_id                     8XZL 
_cell.details                      ? 
_cell.formula_units_Z              ? 
_cell.length_a                     48.904 
_cell.length_a_esd                 ? 
_cell.length_b                     56.999 
_cell.length_b_esd                 ? 
_cell.length_c                     62.989 
_cell.length_c_esd                 ? 
_cell.volume                       ? 
_cell.volume_esd                   ? 
_cell.Z_PDB                        4 
_cell.reciprocal_angle_alpha       ? 
_cell.reciprocal_angle_beta        ? 
_cell.reciprocal_angle_gamma       ? 
_cell.reciprocal_angle_alpha_esd   ? 
_cell.reciprocal_angle_beta_esd    ? 
_cell.reciprocal_angle_gamma_esd   ? 
_cell.reciprocal_length_a          ? 
_cell.reciprocal_length_b          ? 
_cell.reciprocal_length_c          ? 
_cell.reciprocal_length_a_esd      ? 
_cell.reciprocal_length_b_esd      ? 
_cell.reciprocal_length_c_esd      ? 
_cell.pdbx_unique_axis             ? 
_cell.pdbx_esd_method              ? 
# 
_symmetry.entry_id                         8XZL 
_symmetry.cell_setting                     ? 
_symmetry.Int_Tables_number                19 
_symmetry.space_group_name_Hall            ? 
_symmetry.space_group_name_H-M             'P 21 21 21' 
_symmetry.pdbx_full_space_group_name_H-M   ? 
# 
_exptl.absorpt_coefficient_mu     ? 
_exptl.absorpt_correction_T_max   ? 
_exptl.absorpt_correction_T_min   ? 
_exptl.absorpt_correction_type    ? 
_exptl.absorpt_process_details    ? 
_exptl.entry_id                   8XZL 
_exptl.crystals_number            1 
_exptl.details                    ? 
_exptl.method                     'X-RAY DIFFRACTION' 
_exptl.method_details             ? 
# 
_exptl_crystal.colour                       ? 
_exptl_crystal.density_diffrn               ? 
_exptl_crystal.density_Matthews             2.63 
_exptl_crystal.density_method               ? 
_exptl_crystal.density_percent_sol          53.29 
_exptl_crystal.description                  ? 
_exptl_crystal.F_000                        ? 
_exptl_crystal.id                           1 
_exptl_crystal.preparation                  ? 
_exptl_crystal.size_max                     ? 
_exptl_crystal.size_mid                     ? 
_exptl_crystal.size_min                     ? 
_exptl_crystal.size_rad                     ? 
_exptl_crystal.colour_lustre                ? 
_exptl_crystal.colour_modifier              ? 
_exptl_crystal.colour_primary               ? 
_exptl_crystal.density_meas                 ? 
_exptl_crystal.density_meas_esd             ? 
_exptl_crystal.density_meas_gt              ? 
_exptl_crystal.density_meas_lt              ? 
_exptl_crystal.density_meas_temp            ? 
_exptl_crystal.density_meas_temp_esd        ? 
_exptl_crystal.density_meas_temp_gt         ? 
_exptl_crystal.density_meas_temp_lt         ? 
_exptl_crystal.pdbx_crystal_image_url       ? 
_exptl_crystal.pdbx_crystal_image_format    ? 
_exptl_crystal.pdbx_mosaicity               ? 
_exptl_crystal.pdbx_mosaicity_esd           ? 
_exptl_crystal.pdbx_mosaic_method           ? 
_exptl_crystal.pdbx_mosaic_block_size       ? 
_exptl_crystal.pdbx_mosaic_block_size_esd   ? 
# 
_exptl_crystal_grow.apparatus       ? 
_exptl_crystal_grow.atmosphere      ? 
_exptl_crystal_grow.crystal_id      1 
_exptl_crystal_grow.details         ? 
_exptl_crystal_grow.method          'VAPOR DIFFUSION, SITTING DROP' 
_exptl_crystal_grow.method_ref      ? 
_exptl_crystal_grow.pH              ? 
_exptl_crystal_grow.pressure        ? 
_exptl_crystal_grow.pressure_esd    ? 
_exptl_crystal_grow.seeding         ? 
_exptl_crystal_grow.seeding_ref     ? 
_exptl_crystal_grow.temp_details    ? 
_exptl_crystal_grow.temp_esd        ? 
_exptl_crystal_grow.time            ? 
_exptl_crystal_grow.pdbx_details    
'0.08 M Sodium chloride, 0.04 M Sodium cacodylate trihydrate pH 7.0, 30% v/v MPD, 0.012 M Spermine tetrahydrochloride' 
_exptl_crystal_grow.pdbx_pH_range   ? 
_exptl_crystal_grow.temp            289 
# 
_diffrn.ambient_environment              ? 
_diffrn.ambient_temp                     100 
_diffrn.ambient_temp_details             ? 
_diffrn.ambient_temp_esd                 ? 
_diffrn.crystal_id                       1 
_diffrn.crystal_support                  ? 
_diffrn.crystal_treatment                ? 
_diffrn.details                          ? 
_diffrn.id                               1 
_diffrn.ambient_pressure                 ? 
_diffrn.ambient_pressure_esd             ? 
_diffrn.ambient_pressure_gt              ? 
_diffrn.ambient_pressure_lt              ? 
_diffrn.ambient_temp_gt                  ? 
_diffrn.ambient_temp_lt                  ? 
_diffrn.pdbx_serial_crystal_experiment   N 
# 
_diffrn_detector.details                      ? 
_diffrn_detector.detector                     PIXEL 
_diffrn_detector.diffrn_id                    1 
_diffrn_detector.type                         'DECTRIS PILATUS 6M' 
_diffrn_detector.area_resol_mean              ? 
_diffrn_detector.dtime                        ? 
_diffrn_detector.pdbx_frames_total            ? 
_diffrn_detector.pdbx_collection_time_total   ? 
_diffrn_detector.pdbx_collection_date         2021-12-11 
_diffrn_detector.pdbx_frequency               ? 
_diffrn_detector.id                           ? 
_diffrn_detector.number_of_axes               ? 
# 
_diffrn_radiation.collimation                      ? 
_diffrn_radiation.diffrn_id                        1 
_diffrn_radiation.filter_edge                      ? 
_diffrn_radiation.inhomogeneity                    ? 
_diffrn_radiation.monochromator                    ? 
_diffrn_radiation.polarisn_norm                    ? 
_diffrn_radiation.polarisn_ratio                   ? 
_diffrn_radiation.probe                            ? 
_diffrn_radiation.type                             ? 
_diffrn_radiation.xray_symbol                      ? 
_diffrn_radiation.wavelength_id                    1 
_diffrn_radiation.pdbx_monochromatic_or_laue_m_l   M 
_diffrn_radiation.pdbx_wavelength_list             ? 
_diffrn_radiation.pdbx_wavelength                  ? 
_diffrn_radiation.pdbx_diffrn_protocol             'SINGLE WAVELENGTH' 
_diffrn_radiation.pdbx_analyzer                    ? 
_diffrn_radiation.pdbx_scattering_type             x-ray 
# 
_diffrn_radiation_wavelength.id           1 
_diffrn_radiation_wavelength.wavelength   0.97853 
_diffrn_radiation_wavelength.wt           1.0 
# 
_diffrn_source.current                     ? 
_diffrn_source.details                     ? 
_diffrn_source.diffrn_id                   1 
_diffrn_source.power                       ? 
_diffrn_source.size                        ? 
_diffrn_source.source                      SYNCHROTRON 
_diffrn_source.target                      ? 
_diffrn_source.type                        'SSRF BEAMLINE BL18U1' 
_diffrn_source.voltage                     ? 
_diffrn_source.take-off_angle              ? 
_diffrn_source.pdbx_wavelength_list        0.97853 
_diffrn_source.pdbx_wavelength             ? 
_diffrn_source.pdbx_synchrotron_beamline   BL18U1 
_diffrn_source.pdbx_synchrotron_site       SSRF 
# 
_reflns.B_iso_Wilson_estimate                          ? 
_reflns.entry_id                                       8XZL 
_reflns.data_reduction_details                         ? 
_reflns.data_reduction_method                          ? 
_reflns.d_resolution_high                              2.13 
_reflns.d_resolution_low                               50.00 
_reflns.details                                        ? 
_reflns.limit_h_max                                    ? 
_reflns.limit_h_min                                    ? 
_reflns.limit_k_max                                    ? 
_reflns.limit_k_min                                    ? 
_reflns.limit_l_max                                    ? 
_reflns.limit_l_min                                    ? 
_reflns.number_all                                     ? 
_reflns.number_obs                                     10293 
_reflns.observed_criterion                             ? 
_reflns.observed_criterion_F_max                       ? 
_reflns.observed_criterion_F_min                       ? 
_reflns.observed_criterion_I_max                       ? 
_reflns.observed_criterion_I_min                       ? 
_reflns.observed_criterion_sigma_F                     ? 
_reflns.observed_criterion_sigma_I                     ? 
_reflns.percent_possible_obs                           99.9 
_reflns.R_free_details                                 ? 
_reflns.Rmerge_F_all                                   ? 
_reflns.Rmerge_F_obs                                   ? 
_reflns.Friedel_coverage                               ? 
_reflns.number_gt                                      ? 
_reflns.threshold_expression                           ? 
_reflns.pdbx_redundancy                                11.9 
_reflns.pdbx_netI_over_av_sigmaI                       ? 
_reflns.pdbx_netI_over_sigmaI                          6.7 
_reflns.pdbx_res_netI_over_av_sigmaI_2                 ? 
_reflns.pdbx_res_netI_over_sigmaI_2                    ? 
_reflns.pdbx_chi_squared                               1.701 
_reflns.pdbx_scaling_rejects                           ? 
_reflns.pdbx_d_res_high_opt                            ? 
_reflns.pdbx_d_res_low_opt                             ? 
_reflns.pdbx_d_res_opt_method                          ? 
_reflns.phase_calculation_details                      ? 
_reflns.pdbx_Rrim_I_all                                0.101 
_reflns.pdbx_Rpim_I_all                                0.031 
_reflns.pdbx_d_opt                                     ? 
_reflns.pdbx_number_measured_all                       122667 
_reflns.pdbx_diffrn_id                                 1 
_reflns.pdbx_ordinal                                   1 
_reflns.pdbx_CC_half                                   0.933 
_reflns.pdbx_CC_star                                   0.983 
_reflns.pdbx_R_split                                   ? 
_reflns.pdbx_Rmerge_I_obs                              0.096 
_reflns.pdbx_Rmerge_I_all                              ? 
_reflns.pdbx_Rsym_value                                ? 
_reflns.pdbx_CC_split_method                           ? 
_reflns.pdbx_aniso_diffraction_limit_axis_1_ortho[1]   ? 
_reflns.pdbx_aniso_diffraction_limit_axis_1_ortho[2]   ? 
_reflns.pdbx_aniso_diffraction_limit_axis_1_ortho[3]   ? 
_reflns.pdbx_aniso_diffraction_limit_axis_2_ortho[1]   ? 
_reflns.pdbx_aniso_diffraction_limit_axis_2_ortho[2]   ? 
_reflns.pdbx_aniso_diffraction_limit_axis_2_ortho[3]   ? 
_reflns.pdbx_aniso_diffraction_limit_axis_3_ortho[1]   ? 
_reflns.pdbx_aniso_diffraction_limit_axis_3_ortho[2]   ? 
_reflns.pdbx_aniso_diffraction_limit_axis_3_ortho[3]   ? 
_reflns.pdbx_aniso_diffraction_limit_1                 ? 
_reflns.pdbx_aniso_diffraction_limit_2                 ? 
_reflns.pdbx_aniso_diffraction_limit_3                 ? 
_reflns.pdbx_aniso_B_tensor_eigenvector_1_ortho[1]     ? 
_reflns.pdbx_aniso_B_tensor_eigenvector_1_ortho[2]     ? 
_reflns.pdbx_aniso_B_tensor_eigenvector_1_ortho[3]     ? 
_reflns.pdbx_aniso_B_tensor_eigenvector_2_ortho[1]     ? 
_reflns.pdbx_aniso_B_tensor_eigenvector_2_ortho[2]     ? 
_reflns.pdbx_aniso_B_tensor_eigenvector_2_ortho[3]     ? 
_reflns.pdbx_aniso_B_tensor_eigenvector_3_ortho[1]     ? 
_reflns.pdbx_aniso_B_tensor_eigenvector_3_ortho[2]     ? 
_reflns.pdbx_aniso_B_tensor_eigenvector_3_ortho[3]     ? 
_reflns.pdbx_aniso_B_tensor_eigenvalue_1               ? 
_reflns.pdbx_aniso_B_tensor_eigenvalue_2               ? 
_reflns.pdbx_aniso_B_tensor_eigenvalue_3               ? 
_reflns.pdbx_orthogonalization_convention              ? 
_reflns.pdbx_percent_possible_ellipsoidal              ? 
_reflns.pdbx_percent_possible_spherical                ? 
_reflns.pdbx_percent_possible_ellipsoidal_anomalous    ? 
_reflns.pdbx_percent_possible_spherical_anomalous      ? 
_reflns.pdbx_redundancy_anomalous                      ? 
_reflns.pdbx_CC_half_anomalous                         ? 
_reflns.pdbx_absDiff_over_sigma_anomalous              ? 
_reflns.pdbx_percent_possible_anomalous                ? 
_reflns.pdbx_observed_signal_threshold                 ? 
_reflns.pdbx_signal_type                               ? 
_reflns.pdbx_signal_details                            ? 
_reflns.pdbx_signal_software_id                        ? 
# 
loop_
_reflns_shell.d_res_high 
_reflns_shell.d_res_low 
_reflns_shell.meanI_over_sigI_all 
_reflns_shell.meanI_over_sigI_obs 
_reflns_shell.number_measured_all 
_reflns_shell.number_measured_obs 
_reflns_shell.number_possible 
_reflns_shell.number_unique_all 
_reflns_shell.number_unique_obs 
_reflns_shell.percent_possible_obs 
_reflns_shell.Rmerge_F_all 
_reflns_shell.Rmerge_F_obs 
_reflns_shell.meanI_over_sigI_gt 
_reflns_shell.meanI_over_uI_all 
_reflns_shell.meanI_over_uI_gt 
_reflns_shell.number_measured_gt 
_reflns_shell.number_unique_gt 
_reflns_shell.percent_possible_gt 
_reflns_shell.Rmerge_F_gt 
_reflns_shell.Rmerge_I_gt 
_reflns_shell.pdbx_redundancy 
_reflns_shell.pdbx_chi_squared 
_reflns_shell.pdbx_netI_over_sigmaI_all 
_reflns_shell.pdbx_netI_over_sigmaI_obs 
_reflns_shell.pdbx_Rrim_I_all 
_reflns_shell.pdbx_Rpim_I_all 
_reflns_shell.pdbx_rejects 
_reflns_shell.pdbx_ordinal 
_reflns_shell.pdbx_diffrn_id 
_reflns_shell.pdbx_CC_half 
_reflns_shell.pdbx_CC_star 
_reflns_shell.pdbx_R_split 
_reflns_shell.percent_possible_all 
_reflns_shell.Rmerge_I_all 
_reflns_shell.Rmerge_I_obs 
_reflns_shell.pdbx_Rsym_value 
_reflns_shell.pdbx_percent_possible_ellipsoidal 
_reflns_shell.pdbx_percent_possible_spherical 
_reflns_shell.pdbx_percent_possible_ellipsoidal_anomalous 
_reflns_shell.pdbx_percent_possible_spherical_anomalous 
_reflns_shell.pdbx_redundancy_anomalous 
_reflns_shell.pdbx_CC_half_anomalous 
_reflns_shell.pdbx_absDiff_over_sigma_anomalous 
_reflns_shell.pdbx_percent_possible_anomalous 
2.13 2.17  ? ? ? ? ? ? 492 ? ? ? ? ? ? ? ? ? ? ? 10.7 0.562 ? ? 0.854 0.255 ? 1  1 0.881 0.968 ? 100.0 ? 0.814 ? ? ? ? ? ? ? ? ? 
2.17 2.21  ? ? ? ? ? ? 517 ? ? ? ? ? ? ? ? ? ? ? 11.1 0.542 ? ? 0.754 0.224 ? 2  1 0.909 0.976 ? 99.6  ? 0.719 ? ? ? ? ? ? ? ? ? 
2.21 2.25  ? ? ? ? ? ? 485 ? ? ? ? ? ? ? ? ? ? ? 11.4 0.955 ? ? 0.746 0.222 ? 3  1 0.918 0.978 ? 100.0 ? 0.712 ? ? ? ? ? ? ? ? ? 
2.25 2.29  ? ? ? ? ? ? 508 ? ? ? ? ? ? ? ? ? ? ? 11.2 0.767 ? ? 0.782 0.233 ? 4  1 0.910 0.976 ? 99.8  ? 0.746 ? ? ? ? ? ? ? ? ? 
2.29 2.34  ? ? ? ? ? ? 514 ? ? ? ? ? ? ? ? ? ? ? 11.3 0.884 ? ? 0.565 0.165 ? 5  1 0.957 0.989 ? 100.0 ? 0.540 ? ? ? ? ? ? ? ? ? 
2.34 2.40  ? ? ? ? ? ? 489 ? ? ? ? ? ? ? ? ? ? ? 12.9 0.835 ? ? 0.497 0.139 ? 6  1 0.967 0.992 ? 100.0 ? 0.476 ? ? ? ? ? ? ? ? ? 
2.40 2.46  ? ? ? ? ? ? 504 ? ? ? ? ? ? ? ? ? ? ? 13.0 0.850 ? ? 0.414 0.115 ? 7  1 0.970 0.992 ? 99.8  ? 0.397 ? ? ? ? ? ? ? ? ? 
2.46 2.53  ? ? ? ? ? ? 515 ? ? ? ? ? ? ? ? ? ? ? 13.0 0.931 ? ? 0.363 0.102 ? 8  1 0.983 0.996 ? 100.0 ? 0.349 ? ? ? ? ? ? ? ? ? 
2.53 2.60  ? ? ? ? ? ? 504 ? ? ? ? ? ? ? ? ? ? ? 12.8 1.091 ? ? 0.310 0.088 ? 9  1 0.976 0.994 ? 100.0 ? 0.297 ? ? ? ? ? ? ? ? ? 
2.60 2.68  ? ? ? ? ? ? 504 ? ? ? ? ? ? ? ? ? ? ? 12.5 1.289 ? ? 0.252 0.072 ? 10 1 0.982 0.995 ? 100.0 ? 0.242 ? ? ? ? ? ? ? ? ? 
2.68 2.78  ? ? ? ? ? ? 504 ? ? ? ? ? ? ? ? ? ? ? 11.7 1.518 ? ? 0.232 0.068 ? 11 1 0.983 0.996 ? 99.8  ? 0.221 ? ? ? ? ? ? ? ? ? 
2.78 2.89  ? ? ? ? ? ? 520 ? ? ? ? ? ? ? ? ? ? ? 12.0 1.714 ? ? 0.194 0.057 ? 12 1 0.990 0.998 ? 100.0 ? 0.185 ? ? ? ? ? ? ? ? ? 
2.89 3.02  ? ? ? ? ? ? 515 ? ? ? ? ? ? ? ? ? ? ? 12.7 1.972 ? ? 0.148 0.043 ? 13 1 0.996 0.999 ? 100.0 ? 0.141 ? ? ? ? ? ? ? ? ? 
3.02 3.18  ? ? ? ? ? ? 506 ? ? ? ? ? ? ? ? ? ? ? 12.3 2.434 ? ? 0.125 0.039 ? 14 1 0.993 0.998 ? 99.8  ? 0.119 ? ? ? ? ? ? ? ? ? 
3.18 3.38  ? ? ? ? ? ? 520 ? ? ? ? ? ? ? ? ? ? ? 12.2 2.714 ? ? 0.112 0.034 ? 15 1 0.996 0.999 ? 100.0 ? 0.107 ? ? ? ? ? ? ? ? ? 
3.38 3.64  ? ? ? ? ? ? 512 ? ? ? ? ? ? ? ? ? ? ? 11.0 2.804 ? ? 0.103 0.032 ? 16 1 0.996 0.999 ? 99.8  ? 0.097 ? ? ? ? ? ? ? ? ? 
3.64 4.01  ? ? ? ? ? ? 523 ? ? ? ? ? ? ? ? ? ? ? 12.2 2.926 ? ? 0.099 0.030 ? 17 1 0.993 0.998 ? 100.0 ? 0.095 ? ? ? ? ? ? ? ? ? 
4.01 4.59  ? ? ? ? ? ? 526 ? ? ? ? ? ? ? ? ? ? ? 12.4 2.946 ? ? 0.095 0.028 ? 18 1 0.995 0.999 ? 100.0 ? 0.091 ? ? ? ? ? ? ? ? ? 
4.59 5.78  ? ? ? ? ? ? 548 ? ? ? ? ? ? ? ? ? ? ? 11.3 2.659 ? ? 0.085 0.025 ? 19 1 0.997 0.999 ? 100.0 ? 0.081 ? ? ? ? ? ? ? ? ? 
5.78 50.00 ? ? ? ? ? ? 587 ? ? ? ? ? ? ? ? ? ? ? 10.7 3.259 ? ? 0.089 0.029 ? 20 1 0.996 0.999 ? 99.8  ? 0.083 ? ? ? ? ? ? ? ? ? 
# 
_refine.aniso_B[1][1]                            ? 
_refine.aniso_B[1][2]                            ? 
_refine.aniso_B[1][3]                            ? 
_refine.aniso_B[2][2]                            ? 
_refine.aniso_B[2][3]                            ? 
_refine.aniso_B[3][3]                            ? 
_refine.B_iso_max                                ? 
_refine.B_iso_mean                               ? 
_refine.B_iso_min                                ? 
_refine.correlation_coeff_Fo_to_Fc               ? 
_refine.correlation_coeff_Fo_to_Fc_free          ? 
_refine.details                                  ? 
_refine.diff_density_max                         ? 
_refine.diff_density_max_esd                     ? 
_refine.diff_density_min                         ? 
_refine.diff_density_min_esd                     ? 
_refine.diff_density_rms                         ? 
_refine.diff_density_rms_esd                     ? 
_refine.entry_id                                 8XZL 
_refine.pdbx_refine_id                           'X-RAY DIFFRACTION' 
_refine.ls_abs_structure_details                 ? 
_refine.ls_abs_structure_Flack                   ? 
_refine.ls_abs_structure_Flack_esd               ? 
_refine.ls_abs_structure_Rogers                  ? 
_refine.ls_abs_structure_Rogers_esd              ? 
_refine.ls_d_res_high                            2.13 
_refine.ls_d_res_low                             31.49 
_refine.ls_extinction_coef                       ? 
_refine.ls_extinction_coef_esd                   ? 
_refine.ls_extinction_expression                 ? 
_refine.ls_extinction_method                     ? 
_refine.ls_goodness_of_fit_all                   ? 
_refine.ls_goodness_of_fit_all_esd               ? 
_refine.ls_goodness_of_fit_obs                   ? 
_refine.ls_goodness_of_fit_obs_esd               ? 
_refine.ls_hydrogen_treatment                    ? 
_refine.ls_matrix_type                           ? 
_refine.ls_number_constraints                    ? 
_refine.ls_number_parameters                     ? 
_refine.ls_number_reflns_all                     ? 
_refine.ls_number_reflns_obs                     10188 
_refine.ls_number_reflns_R_free                  537 
_refine.ls_number_reflns_R_work                  ? 
_refine.ls_number_restraints                     ? 
_refine.ls_percent_reflns_obs                    99.16 
_refine.ls_percent_reflns_R_free                 5.27 
_refine.ls_R_factor_all                          ? 
_refine.ls_R_factor_obs                          0.1999 
_refine.ls_R_factor_R_free                       0.2104 
_refine.ls_R_factor_R_free_error                 ? 
_refine.ls_R_factor_R_free_error_details         ? 
_refine.ls_R_factor_R_work                       0.1993 
_refine.ls_R_Fsqd_factor_obs                     ? 
_refine.ls_R_I_factor_obs                        ? 
_refine.ls_redundancy_reflns_all                 ? 
_refine.ls_redundancy_reflns_obs                 ? 
_refine.ls_restrained_S_all                      ? 
_refine.ls_restrained_S_obs                      ? 
_refine.ls_shift_over_esd_max                    ? 
_refine.ls_shift_over_esd_mean                   ? 
_refine.ls_structure_factor_coef                 ? 
_refine.ls_weighting_details                     ? 
_refine.ls_weighting_scheme                      ? 
_refine.ls_wR_factor_all                         ? 
_refine.ls_wR_factor_obs                         ? 
_refine.ls_wR_factor_R_free                      ? 
_refine.ls_wR_factor_R_work                      ? 
_refine.occupancy_max                            ? 
_refine.occupancy_min                            ? 
_refine.solvent_model_details                    'FLAT BULK SOLVENT MODEL' 
_refine.solvent_model_param_bsol                 ? 
_refine.solvent_model_param_ksol                 ? 
_refine.pdbx_R_complete                          ? 
_refine.ls_R_factor_gt                           ? 
_refine.ls_goodness_of_fit_gt                    ? 
_refine.ls_goodness_of_fit_ref                   ? 
_refine.ls_shift_over_su_max                     ? 
_refine.ls_shift_over_su_max_lt                  ? 
_refine.ls_shift_over_su_mean                    ? 
_refine.ls_shift_over_su_mean_lt                 ? 
_refine.pdbx_ls_sigma_I                          ? 
_refine.pdbx_ls_sigma_F                          1.38 
_refine.pdbx_ls_sigma_Fsqd                       ? 
_refine.pdbx_data_cutoff_high_absF               ? 
_refine.pdbx_data_cutoff_high_rms_absF           ? 
_refine.pdbx_data_cutoff_low_absF                ? 
_refine.pdbx_isotropic_thermal_model             ? 
_refine.pdbx_ls_cross_valid_method               THROUGHOUT 
_refine.pdbx_method_to_determine_struct          'MOLECULAR REPLACEMENT' 
_refine.pdbx_starting_model                      ? 
_refine.pdbx_stereochemistry_target_values       ML 
_refine.pdbx_R_Free_selection_details            ? 
_refine.pdbx_stereochem_target_val_spec_case     ? 
_refine.pdbx_overall_ESU_R                       ? 
_refine.pdbx_overall_ESU_R_Free                  ? 
_refine.pdbx_solvent_vdw_probe_radii             1.11 
_refine.pdbx_solvent_ion_probe_radii             ? 
_refine.pdbx_solvent_shrinkage_radii             0.90 
_refine.pdbx_real_space_R                        ? 
_refine.pdbx_density_correlation                 ? 
_refine.pdbx_pd_number_of_powder_patterns        ? 
_refine.pdbx_pd_number_of_points                 ? 
_refine.pdbx_pd_meas_number_of_points            ? 
_refine.pdbx_pd_proc_ls_prof_R_factor            ? 
_refine.pdbx_pd_proc_ls_prof_wR_factor           ? 
_refine.pdbx_pd_Marquardt_correlation_coeff      ? 
_refine.pdbx_pd_Fsqrd_R_factor                   ? 
_refine.pdbx_pd_ls_matrix_band_width             ? 
_refine.pdbx_overall_phase_error                 32.73 
_refine.pdbx_overall_SU_R_free_Cruickshank_DPI   ? 
_refine.pdbx_overall_SU_R_free_Blow_DPI          ? 
_refine.pdbx_overall_SU_R_Blow_DPI               ? 
_refine.pdbx_TLS_residual_ADP_flag               ? 
_refine.pdbx_diffrn_id                           1 
_refine.overall_SU_B                             ? 
_refine.overall_SU_ML                            0.24 
_refine.overall_SU_R_Cruickshank_DPI             ? 
_refine.overall_SU_R_free                        ? 
_refine.overall_FOM_free_R_set                   ? 
_refine.overall_FOM_work_R_set                   ? 
_refine.pdbx_average_fsc_overall                 ? 
_refine.pdbx_average_fsc_work                    ? 
_refine.pdbx_average_fsc_free                    ? 
# 
_refine_hist.pdbx_refine_id                   'X-RAY DIFFRACTION' 
_refine_hist.cycle_id                         LAST 
_refine_hist.pdbx_number_atoms_protein        0 
_refine_hist.pdbx_number_atoms_nucleic_acid   1104 
_refine_hist.pdbx_number_atoms_ligand         82 
_refine_hist.number_atoms_solvent             14 
_refine_hist.number_atoms_total               1200 
_refine_hist.d_res_high                       2.13 
_refine_hist.d_res_low                        31.49 
# 
loop_
_refine_ls_restr.pdbx_refine_id 
_refine_ls_restr.criterion 
_refine_ls_restr.dev_ideal 
_refine_ls_restr.dev_ideal_target 
_refine_ls_restr.number 
_refine_ls_restr.rejects 
_refine_ls_restr.type 
_refine_ls_restr.weight 
_refine_ls_restr.pdbx_restraint_function 
'X-RAY DIFFRACTION' ? 0.005  ? 1312 ? f_bond_d           ? ? 
'X-RAY DIFFRACTION' ? 1.180  ? 2029 ? f_angle_d          ? ? 
'X-RAY DIFFRACTION' ? 12.484 ? 655  ? f_dihedral_angle_d ? ? 
'X-RAY DIFFRACTION' ? 0.040  ? 265  ? f_chiral_restr     ? ? 
'X-RAY DIFFRACTION' ? 0.007  ? 58   ? f_plane_restr      ? ? 
# 
loop_
_refine_ls_shell.pdbx_refine_id 
_refine_ls_shell.d_res_high 
_refine_ls_shell.d_res_low 
_refine_ls_shell.number_reflns_all 
_refine_ls_shell.number_reflns_obs 
_refine_ls_shell.number_reflns_R_free 
_refine_ls_shell.number_reflns_R_work 
_refine_ls_shell.percent_reflns_obs 
_refine_ls_shell.percent_reflns_R_free 
_refine_ls_shell.R_factor_all 
_refine_ls_shell.R_factor_obs 
_refine_ls_shell.R_factor_R_free_error 
_refine_ls_shell.R_factor_R_work 
_refine_ls_shell.redundancy_reflns_all 
_refine_ls_shell.redundancy_reflns_obs 
_refine_ls_shell.wR_factor_all 
_refine_ls_shell.wR_factor_obs 
_refine_ls_shell.wR_factor_R_free 
_refine_ls_shell.wR_factor_R_work 
_refine_ls_shell.pdbx_R_complete 
_refine_ls_shell.pdbx_total_number_of_bins_used 
_refine_ls_shell.pdbx_phase_error 
_refine_ls_shell.pdbx_fsc_work 
_refine_ls_shell.pdbx_fsc_free 
_refine_ls_shell.R_factor_R_free 
'X-RAY DIFFRACTION' 2.13 2.35  . . 134 2340 98.00  . . . . 0.3145 . . . . . . . . . . . 0.3968 
'X-RAY DIFFRACTION' 2.35 2.69  . . 136 2356 99.00  . . . . 0.3042 . . . . . . . . . . . 0.3323 
'X-RAY DIFFRACTION' 2.69 3.38  . . 134 2416 100.00 . . . . 0.2615 . . . . . . . . . . . 0.2505 
'X-RAY DIFFRACTION' 3.38 31.49 . . 133 2539 100.00 . . . . 0.1626 . . . . . . . . . . . 0.1742 
# 
_struct.entry_id                     8XZL 
_struct.title                        'Crystal structure of folE riboswitch with DHF' 
_struct.pdbx_model_details           ? 
_struct.pdbx_formula_weight          ? 
_struct.pdbx_formula_weight_method   ? 
_struct.pdbx_model_type_details      ? 
_struct.pdbx_CASP_flag               N 
# 
_struct_keywords.entry_id        8XZL 
_struct_keywords.text            'riboswitch, DHF, RNA' 
_struct_keywords.pdbx_keywords   RNA 
# 
loop_
_struct_asym.id 
_struct_asym.pdbx_blank_PDB_chainid_flag 
_struct_asym.pdbx_modified 
_struct_asym.entity_id 
_struct_asym.details 
A N N 1 ? 
B N N 2 ? 
C N N 3 ? 
D N N 3 ? 
E N N 3 ? 
F N N 3 ? 
G N N 4 ? 
H N N 5 ? 
# 
_struct_ref.id                         1 
_struct_ref.db_name                    PDB 
_struct_ref.db_code                    8XZL 
_struct_ref.pdbx_db_accession          8XZL 
_struct_ref.pdbx_db_isoform            ? 
_struct_ref.entity_id                  1 
_struct_ref.pdbx_seq_one_letter_code   ? 
_struct_ref.pdbx_align_begin           1 
# 
_struct_ref_seq.align_id                      1 
_struct_ref_seq.ref_id                        1 
_struct_ref_seq.pdbx_PDB_id_code              8XZL 
_struct_ref_seq.pdbx_strand_id                A 
_struct_ref_seq.seq_align_beg                 1 
_struct_ref_seq.pdbx_seq_align_beg_ins_code   ? 
_struct_ref_seq.seq_align_end                 53 
_struct_ref_seq.pdbx_seq_align_end_ins_code   ? 
_struct_ref_seq.pdbx_db_accession             8XZL 
_struct_ref_seq.db_align_beg                  1 
_struct_ref_seq.pdbx_db_align_beg_ins_code    ? 
_struct_ref_seq.db_align_end                  53 
_struct_ref_seq.pdbx_db_align_end_ins_code    ? 
_struct_ref_seq.pdbx_auth_seq_align_beg       1 
_struct_ref_seq.pdbx_auth_seq_align_end       53 
# 
_pdbx_struct_assembly.id                   1 
_pdbx_struct_assembly.details              author_defined_assembly 
_pdbx_struct_assembly.method_details       ? 
_pdbx_struct_assembly.oligomeric_details   monomeric 
_pdbx_struct_assembly.oligomeric_count     1 
# 
_pdbx_struct_assembly_gen.assembly_id       1 
_pdbx_struct_assembly_gen.oper_expression   1 
_pdbx_struct_assembly_gen.asym_id_list      A,B,C,D,E,F,G,H 
# 
_pdbx_struct_assembly_auth_evidence.id                     1 
_pdbx_struct_assembly_auth_evidence.assembly_id            1 
_pdbx_struct_assembly_auth_evidence.experimental_support   'isothermal titration calorimetry' 
_pdbx_struct_assembly_auth_evidence.details                ? 
# 
_pdbx_struct_oper_list.id                   1 
_pdbx_struct_oper_list.type                 'identity operation' 
_pdbx_struct_oper_list.name                 1_555 
_pdbx_struct_oper_list.symmetry_operation   x,y,z 
_pdbx_struct_oper_list.matrix[1][1]         1.0000000000 
_pdbx_struct_oper_list.matrix[1][2]         0.0000000000 
_pdbx_struct_oper_list.matrix[1][3]         0.0000000000 
_pdbx_struct_oper_list.vector[1]            0.0000000000 
_pdbx_struct_oper_list.matrix[2][1]         0.0000000000 
_pdbx_struct_oper_list.matrix[2][2]         1.0000000000 
_pdbx_struct_oper_list.matrix[2][3]         0.0000000000 
_pdbx_struct_oper_list.vector[2]            0.0000000000 
_pdbx_struct_oper_list.matrix[3][1]         0.0000000000 
_pdbx_struct_oper_list.matrix[3][2]         0.0000000000 
_pdbx_struct_oper_list.matrix[3][3]         1.0000000000 
_pdbx_struct_oper_list.vector[3]            0.0000000000 
# 
loop_
_struct_conn.id 
_struct_conn.conn_type_id 
_struct_conn.pdbx_leaving_atom_flag 
_struct_conn.pdbx_PDB_id 
_struct_conn.ptnr1_label_asym_id 
_struct_conn.ptnr1_label_comp_id 
_struct_conn.ptnr1_label_seq_id 
_struct_conn.ptnr1_label_atom_id 
_struct_conn.pdbx_ptnr1_label_alt_id 
_struct_conn.pdbx_ptnr1_PDB_ins_code 
_struct_conn.pdbx_ptnr1_standard_comp_id 
_struct_conn.ptnr1_symmetry 
_struct_conn.ptnr2_label_asym_id 
_struct_conn.ptnr2_label_comp_id 
_struct_conn.ptnr2_label_seq_id 
_struct_conn.ptnr2_label_atom_id 
_struct_conn.pdbx_ptnr2_label_alt_id 
_struct_conn.pdbx_ptnr2_PDB_ins_code 
_struct_conn.ptnr1_auth_asym_id 
_struct_conn.ptnr1_auth_comp_id 
_struct_conn.ptnr1_auth_seq_id 
_struct_conn.ptnr2_auth_asym_id 
_struct_conn.ptnr2_auth_comp_id 
_struct_conn.ptnr2_auth_seq_id 
_struct_conn.ptnr2_symmetry 
_struct_conn.pdbx_ptnr3_label_atom_id 
_struct_conn.pdbx_ptnr3_label_seq_id 
_struct_conn.pdbx_ptnr3_label_comp_id 
_struct_conn.pdbx_ptnr3_label_asym_id 
_struct_conn.pdbx_ptnr3_label_alt_id 
_struct_conn.pdbx_ptnr3_PDB_ins_code 
_struct_conn.details 
_struct_conn.pdbx_dist_value 
_struct_conn.pdbx_value_order 
_struct_conn.pdbx_role 
covale1  covale both ? A GTP 1  "O3'" ? ? ? 1_555 A G   2  P  ? ? A GTP 1   A G   2   1_555 ? ? ? ? ? ? ?             1.681 ? ? 
metalc1  metalc ?    ? A U   4  O4    ? ? ? 1_555 D MG  .  MG ? ? A U   4   A MG  103 1_555 ? ? ? ? ? ? ?             2.623 ? ? 
metalc2  metalc ?    ? A U   53 "O3'" ? ? ? 1_555 C MG  .  MG ? ? A U   53  A MG  102 1_555 ? ? ? ? ? ? ?             2.087 ? ? 
metalc3  metalc ?    ? C MG  .  MG    ? ? ? 1_555 H HOH .  O  ? ? A MG  102 A HOH 201 1_555 ? ? ? ? ? ? ?             2.169 ? ? 
metalc4  metalc ?    ? C MG  .  MG    ? ? ? 1_555 H HOH .  O  ? ? A MG  102 A HOH 202 1_555 ? ? ? ? ? ? ?             2.078 ? ? 
metalc5  metalc ?    ? D MG  .  MG    ? ? ? 1_555 H HOH .  O  ? ? A MG  103 A HOH 213 1_555 ? ? ? ? ? ? ?             2.459 ? ? 
metalc6  metalc ?    ? E MG  .  MG    ? ? ? 1_555 H HOH .  O  ? ? A MG  104 A HOH 208 1_555 ? ? ? ? ? ? ?             2.095 ? ? 
metalc7  metalc ?    ? F MG  .  MG    ? ? ? 1_555 H HOH .  O  ? ? A MG  105 A HOH 203 1_555 ? ? ? ? ? ? ?             2.644 ? ? 
metalc8  metalc ?    ? F MG  .  MG    ? ? ? 1_555 H HOH .  O  ? ? A MG  105 A HOH 210 1_555 ? ? ? ? ? ? ?             1.968 ? ? 
hydrog1  hydrog ?    ? A GTP 1  N1    ? ? ? 1_555 A U   53 O2 ? ? A GTP 1   A U   53  1_555 ? ? ? ? ? ? TYPE_28_PAIR  ?     ? ? 
hydrog2  hydrog ?    ? A GTP 1  O6    ? ? ? 1_555 A U   53 N3 ? ? A GTP 1   A U   53  1_555 ? ? ? ? ? ? TYPE_28_PAIR  ?     ? ? 
hydrog3  hydrog ?    ? A G   2  N1    ? ? ? 1_555 A C   52 N3 ? ? A G   2   A C   52  1_555 ? ? ? ? ? ? WATSON-CRICK  ?     ? ? 
hydrog4  hydrog ?    ? A G   2  N2    ? ? ? 1_555 A C   52 O2 ? ? A G   2   A C   52  1_555 ? ? ? ? ? ? WATSON-CRICK  ?     ? ? 
hydrog5  hydrog ?    ? A G   2  O6    ? ? ? 1_555 A C   52 N4 ? ? A G   2   A C   52  1_555 ? ? ? ? ? ? WATSON-CRICK  ?     ? ? 
hydrog6  hydrog ?    ? A G   3  N1    ? ? ? 1_555 A C   51 N3 ? ? A G   3   A C   51  1_555 ? ? ? ? ? ? WATSON-CRICK  ?     ? ? 
hydrog7  hydrog ?    ? A G   3  N2    ? ? ? 1_555 A C   51 O2 ? ? A G   3   A C   51  1_555 ? ? ? ? ? ? WATSON-CRICK  ?     ? ? 
hydrog8  hydrog ?    ? A G   3  O6    ? ? ? 1_555 A C   51 N4 ? ? A G   3   A C   51  1_555 ? ? ? ? ? ? WATSON-CRICK  ?     ? ? 
hydrog9  hydrog ?    ? A U   4  N3    ? ? ? 1_555 A G   50 O6 ? ? A U   4   A G   50  1_555 ? ? ? ? ? ? TYPE_28_PAIR  ?     ? ? 
hydrog10 hydrog ?    ? A U   4  O2    ? ? ? 1_555 A G   50 N1 ? ? A U   4   A G   50  1_555 ? ? ? ? ? ? TYPE_28_PAIR  ?     ? ? 
hydrog11 hydrog ?    ? A G   5  N1    ? ? ? 1_555 A C   49 N3 ? ? A G   5   A C   49  1_555 ? ? ? ? ? ? WATSON-CRICK  ?     ? ? 
hydrog12 hydrog ?    ? A G   5  N2    ? ? ? 1_555 A C   49 O2 ? ? A G   5   A C   49  1_555 ? ? ? ? ? ? WATSON-CRICK  ?     ? ? 
hydrog13 hydrog ?    ? A G   5  O6    ? ? ? 1_555 A C   49 N4 ? ? A G   5   A C   49  1_555 ? ? ? ? ? ? WATSON-CRICK  ?     ? ? 
hydrog14 hydrog ?    ? A U   6  N3    ? ? ? 1_555 A G   48 O6 ? ? A U   6   A G   48  1_555 ? ? ? ? ? ? TYPE_28_PAIR  ?     ? ? 
hydrog15 hydrog ?    ? A U   6  O2    ? ? ? 1_555 A G   48 N1 ? ? A U   6   A G   48  1_555 ? ? ? ? ? ? TYPE_28_PAIR  ?     ? ? 
hydrog16 hydrog ?    ? A G   7  N2    ? ? ? 1_555 A A   47 N7 ? ? A G   7   A A   47  1_555 ? ? ? ? ? ? TYPE_11_PAIR  ?     ? ? 
hydrog17 hydrog ?    ? A G   7  N3    ? ? ? 1_555 A A   47 N6 ? ? A G   7   A A   47  1_555 ? ? ? ? ? ? TYPE_11_PAIR  ?     ? ? 
hydrog18 hydrog ?    ? A A   9  N6    ? ? ? 1_555 A G   46 N3 ? ? A A   9   A G   46  1_555 ? ? ? ? ? ? TYPE_11_PAIR  ?     ? ? 
hydrog19 hydrog ?    ? A A   9  N7    ? ? ? 1_555 A G   46 N2 ? ? A A   9   A G   46  1_555 ? ? ? ? ? ? TYPE_11_PAIR  ?     ? ? 
hydrog20 hydrog ?    ? A C   10 N3    ? ? ? 1_555 A G   45 N1 ? ? A C   10  A G   45  1_555 ? ? ? ? ? ? WATSON-CRICK  ?     ? ? 
hydrog21 hydrog ?    ? A C   10 N4    ? ? ? 1_555 A G   45 O6 ? ? A C   10  A G   45  1_555 ? ? ? ? ? ? WATSON-CRICK  ?     ? ? 
hydrog22 hydrog ?    ? A C   10 O2    ? ? ? 1_555 A G   45 N2 ? ? A C   10  A G   45  1_555 ? ? ? ? ? ? WATSON-CRICK  ?     ? ? 
hydrog23 hydrog ?    ? A C   11 N3    ? ? ? 1_555 A G   44 N1 ? ? A C   11  A G   44  1_555 ? ? ? ? ? ? WATSON-CRICK  ?     ? ? 
hydrog24 hydrog ?    ? A C   11 N4    ? ? ? 1_555 A G   44 O6 ? ? A C   11  A G   44  1_555 ? ? ? ? ? ? WATSON-CRICK  ?     ? ? 
hydrog25 hydrog ?    ? A C   11 O2    ? ? ? 1_555 A G   44 N2 ? ? A C   11  A G   44  1_555 ? ? ? ? ? ? WATSON-CRICK  ?     ? ? 
hydrog26 hydrog ?    ? A G   12 N1    ? ? ? 1_555 A C   43 N3 ? ? A G   12  A C   43  1_555 ? ? ? ? ? ? WATSON-CRICK  ?     ? ? 
hydrog27 hydrog ?    ? A G   12 N2    ? ? ? 1_555 A C   43 O2 ? ? A G   12  A C   43  1_555 ? ? ? ? ? ? WATSON-CRICK  ?     ? ? 
hydrog28 hydrog ?    ? A G   12 O6    ? ? ? 1_555 A C   43 N4 ? ? A G   12  A C   43  1_555 ? ? ? ? ? ? WATSON-CRICK  ?     ? ? 
hydrog29 hydrog ?    ? A U   13 N3    ? ? ? 1_555 A A   42 N1 ? ? A U   13  A A   42  1_555 ? ? ? ? ? ? WATSON-CRICK  ?     ? ? 
hydrog30 hydrog ?    ? A U   13 O4    ? ? ? 1_555 A A   42 N6 ? ? A U   13  A A   42  1_555 ? ? ? ? ? ? WATSON-CRICK  ?     ? ? 
hydrog31 hydrog ?    ? A U   14 N3    ? ? ? 1_555 A A   17 N7 ? ? A U   14  A A   17  1_555 ? ? ? ? ? ? HOOGSTEEN     ?     ? ? 
hydrog32 hydrog ?    ? A U   14 O4    ? ? ? 1_555 A A   17 N6 ? ? A U   14  A A   17  1_555 ? ? ? ? ? ? HOOGSTEEN     ?     ? ? 
hydrog33 hydrog ?    ? A A   16 N6    ? ? ? 1_555 A C   43 O2 ? ? A A   16  A C   43  1_555 ? ? ? ? ? ? 'A-C MISPAIR' ?     ? ? 
hydrog34 hydrog ?    ? A A   17 N6    ? ? ? 1_555 A A   42 N3 ? ? A A   17  A A   42  1_555 ? ? ? ? ? ? 'A-A MISPAIR' ?     ? ? 
hydrog35 hydrog ?    ? A G   21 N1    ? ? ? 1_555 A C   40 N3 ? ? A G   21  A C   40  1_555 ? ? ? ? ? ? WATSON-CRICK  ?     ? ? 
hydrog36 hydrog ?    ? A G   21 N2    ? ? ? 1_555 A C   40 O2 ? ? A G   21  A C   40  1_555 ? ? ? ? ? ? WATSON-CRICK  ?     ? ? 
hydrog37 hydrog ?    ? A G   21 O6    ? ? ? 1_555 A C   40 N4 ? ? A G   21  A C   40  1_555 ? ? ? ? ? ? WATSON-CRICK  ?     ? ? 
hydrog38 hydrog ?    ? A U   22 N3    ? ? ? 1_555 A A   39 N1 ? ? A U   22  A A   39  1_555 ? ? ? ? ? ? WATSON-CRICK  ?     ? ? 
hydrog39 hydrog ?    ? A U   22 O4    ? ? ? 1_555 A A   39 N6 ? ? A U   22  A A   39  1_555 ? ? ? ? ? ? WATSON-CRICK  ?     ? ? 
hydrog40 hydrog ?    ? A C   23 N3    ? ? ? 1_555 A G   38 N1 ? ? A C   23  A G   38  1_555 ? ? ? ? ? ? WATSON-CRICK  ?     ? ? 
hydrog41 hydrog ?    ? A C   23 N4    ? ? ? 1_555 A G   38 O6 ? ? A C   23  A G   38  1_555 ? ? ? ? ? ? WATSON-CRICK  ?     ? ? 
hydrog42 hydrog ?    ? A C   23 O2    ? ? ? 1_555 A G   38 N2 ? ? A C   23  A G   38  1_555 ? ? ? ? ? ? WATSON-CRICK  ?     ? ? 
hydrog43 hydrog ?    ? A C   24 N3    ? ? ? 1_555 A G   37 N1 ? ? A C   24  A G   37  1_555 ? ? ? ? ? ? WATSON-CRICK  ?     ? ? 
hydrog44 hydrog ?    ? A C   24 N4    ? ? ? 1_555 A G   37 O6 ? ? A C   24  A G   37  1_555 ? ? ? ? ? ? WATSON-CRICK  ?     ? ? 
hydrog45 hydrog ?    ? A C   24 O2    ? ? ? 1_555 A G   37 N2 ? ? A C   24  A G   37  1_555 ? ? ? ? ? ? WATSON-CRICK  ?     ? ? 
hydrog46 hydrog ?    ? A C   25 N3    ? ? ? 1_555 A G   36 N1 ? ? A C   25  A G   36  1_555 ? ? ? ? ? ? WATSON-CRICK  ?     ? ? 
hydrog47 hydrog ?    ? A C   25 N4    ? ? ? 1_555 A G   36 O6 ? ? A C   25  A G   36  1_555 ? ? ? ? ? ? WATSON-CRICK  ?     ? ? 
hydrog48 hydrog ?    ? A C   25 O2    ? ? ? 1_555 A G   36 N2 ? ? A C   25  A G   36  1_555 ? ? ? ? ? ? WATSON-CRICK  ?     ? ? 
hydrog49 hydrog ?    ? A A   26 N1    ? ? ? 1_555 A U   35 N3 ? ? A A   26  A U   35  1_555 ? ? ? ? ? ? WATSON-CRICK  ?     ? ? 
hydrog50 hydrog ?    ? A A   26 N6    ? ? ? 1_555 A U   35 O4 ? ? A A   26  A U   35  1_555 ? ? ? ? ? ? WATSON-CRICK  ?     ? ? 
hydrog51 hydrog ?    ? A G   27 N1    ? ? ? 1_555 A C   34 N3 ? ? A G   27  A C   34  1_555 ? ? ? ? ? ? WATSON-CRICK  ?     ? ? 
hydrog52 hydrog ?    ? A G   27 N2    ? ? ? 1_555 A C   34 O2 ? ? A G   27  A C   34  1_555 ? ? ? ? ? ? WATSON-CRICK  ?     ? ? 
hydrog53 hydrog ?    ? A G   27 O6    ? ? ? 1_555 A C   34 N4 ? ? A G   27  A C   34  1_555 ? ? ? ? ? ? WATSON-CRICK  ?     ? ? 
hydrog54 hydrog ?    ? A C   28 N3    ? ? ? 1_555 A G   32 N1 ? ? A C   28  A G   32  1_555 ? ? ? ? ? ? WATSON-CRICK  ?     ? ? 
hydrog55 hydrog ?    ? A C   28 N4    ? ? ? 1_555 A G   32 O6 ? ? A C   28  A G   32  1_555 ? ? ? ? ? ? WATSON-CRICK  ?     ? ? 
hydrog56 hydrog ?    ? A C   28 O2    ? ? ? 1_555 A G   32 N2 ? ? A C   28  A G   32  1_555 ? ? ? ? ? ? WATSON-CRICK  ?     ? ? 
# 
loop_
_struct_conn_type.id 
_struct_conn_type.criteria 
_struct_conn_type.reference 
covale ? ? 
metalc ? ? 
hydrog ? ? 
# 
loop_
_pdbx_struct_conn_angle.id 
_pdbx_struct_conn_angle.ptnr1_label_atom_id 
_pdbx_struct_conn_angle.ptnr1_label_alt_id 
_pdbx_struct_conn_angle.ptnr1_label_asym_id 
_pdbx_struct_conn_angle.ptnr1_label_comp_id 
_pdbx_struct_conn_angle.ptnr1_label_seq_id 
_pdbx_struct_conn_angle.ptnr1_auth_atom_id 
_pdbx_struct_conn_angle.ptnr1_auth_asym_id 
_pdbx_struct_conn_angle.ptnr1_auth_comp_id 
_pdbx_struct_conn_angle.ptnr1_auth_seq_id 
_pdbx_struct_conn_angle.ptnr1_PDB_ins_code 
_pdbx_struct_conn_angle.ptnr1_symmetry 
_pdbx_struct_conn_angle.ptnr2_label_atom_id 
_pdbx_struct_conn_angle.ptnr2_label_alt_id 
_pdbx_struct_conn_angle.ptnr2_label_asym_id 
_pdbx_struct_conn_angle.ptnr2_label_comp_id 
_pdbx_struct_conn_angle.ptnr2_label_seq_id 
_pdbx_struct_conn_angle.ptnr2_auth_atom_id 
_pdbx_struct_conn_angle.ptnr2_auth_asym_id 
_pdbx_struct_conn_angle.ptnr2_auth_comp_id 
_pdbx_struct_conn_angle.ptnr2_auth_seq_id 
_pdbx_struct_conn_angle.ptnr2_PDB_ins_code 
_pdbx_struct_conn_angle.ptnr2_symmetry 
_pdbx_struct_conn_angle.ptnr3_label_atom_id 
_pdbx_struct_conn_angle.ptnr3_label_alt_id 
_pdbx_struct_conn_angle.ptnr3_label_asym_id 
_pdbx_struct_conn_angle.ptnr3_label_comp_id 
_pdbx_struct_conn_angle.ptnr3_label_seq_id 
_pdbx_struct_conn_angle.ptnr3_auth_atom_id 
_pdbx_struct_conn_angle.ptnr3_auth_asym_id 
_pdbx_struct_conn_angle.ptnr3_auth_comp_id 
_pdbx_struct_conn_angle.ptnr3_auth_seq_id 
_pdbx_struct_conn_angle.ptnr3_PDB_ins_code 
_pdbx_struct_conn_angle.ptnr3_symmetry 
_pdbx_struct_conn_angle.value 
_pdbx_struct_conn_angle.value_esd 
1 O4    ? A U   4  ? A U   4   ? 1_555 MG ? D MG . ? A MG 103 ? 1_555 O ? H HOH . ? A HOH 213 ? 1_555 149.7 ? 
2 "O3'" ? A U   53 ? A U   53  ? 1_555 MG ? C MG . ? A MG 102 ? 1_555 O ? H HOH . ? A HOH 201 ? 1_555 61.6  ? 
3 "O3'" ? A U   53 ? A U   53  ? 1_555 MG ? C MG . ? A MG 102 ? 1_555 O ? H HOH . ? A HOH 202 ? 1_555 69.3  ? 
4 O     ? H HOH .  ? A HOH 201 ? 1_555 MG ? C MG . ? A MG 102 ? 1_555 O ? H HOH . ? A HOH 202 ? 1_555 71.2  ? 
5 O     ? H HOH .  ? A HOH 203 ? 1_555 MG ? F MG . ? A MG 105 ? 1_555 O ? H HOH . ? A HOH 210 ? 1_555 138.5 ? 
# 
loop_
_pdbx_validate_close_contact.id 
_pdbx_validate_close_contact.PDB_model_num 
_pdbx_validate_close_contact.auth_atom_id_1 
_pdbx_validate_close_contact.auth_asym_id_1 
_pdbx_validate_close_contact.auth_comp_id_1 
_pdbx_validate_close_contact.auth_seq_id_1 
_pdbx_validate_close_contact.PDB_ins_code_1 
_pdbx_validate_close_contact.label_alt_id_1 
_pdbx_validate_close_contact.auth_atom_id_2 
_pdbx_validate_close_contact.auth_asym_id_2 
_pdbx_validate_close_contact.auth_comp_id_2 
_pdbx_validate_close_contact.auth_seq_id_2 
_pdbx_validate_close_contact.PDB_ins_code_2 
_pdbx_validate_close_contact.label_alt_id_2 
_pdbx_validate_close_contact.dist 
1 1 O     A HOH 203 ? ? O A HOH 204 ? ? 2.18 
2 1 "O3'" A U   53  ? ? O A HOH 201 ? ? 2.18 
# 
_pdbx_validate_rmsd_bond.id                        1 
_pdbx_validate_rmsd_bond.PDB_model_num             1 
_pdbx_validate_rmsd_bond.auth_atom_id_1            "O3'" 
_pdbx_validate_rmsd_bond.auth_asym_id_1            A 
_pdbx_validate_rmsd_bond.auth_comp_id_1            GTP 
_pdbx_validate_rmsd_bond.auth_seq_id_1             1 
_pdbx_validate_rmsd_bond.PDB_ins_code_1            ? 
_pdbx_validate_rmsd_bond.label_alt_id_1            ? 
_pdbx_validate_rmsd_bond.auth_atom_id_2            P 
_pdbx_validate_rmsd_bond.auth_asym_id_2            A 
_pdbx_validate_rmsd_bond.auth_comp_id_2            G 
_pdbx_validate_rmsd_bond.auth_seq_id_2             2 
_pdbx_validate_rmsd_bond.PDB_ins_code_2            ? 
_pdbx_validate_rmsd_bond.label_alt_id_2            ? 
_pdbx_validate_rmsd_bond.bond_value                1.681 
_pdbx_validate_rmsd_bond.bond_target_value         1.607 
_pdbx_validate_rmsd_bond.bond_deviation            0.074 
_pdbx_validate_rmsd_bond.bond_standard_deviation   0.012 
_pdbx_validate_rmsd_bond.linker_flag               Y 
# 
loop_
_pdbx_validate_rmsd_angle.id 
_pdbx_validate_rmsd_angle.PDB_model_num 
_pdbx_validate_rmsd_angle.auth_atom_id_1 
_pdbx_validate_rmsd_angle.auth_asym_id_1 
_pdbx_validate_rmsd_angle.auth_comp_id_1 
_pdbx_validate_rmsd_angle.auth_seq_id_1 
_pdbx_validate_rmsd_angle.PDB_ins_code_1 
_pdbx_validate_rmsd_angle.label_alt_id_1 
_pdbx_validate_rmsd_angle.auth_atom_id_2 
_pdbx_validate_rmsd_angle.auth_asym_id_2 
_pdbx_validate_rmsd_angle.auth_comp_id_2 
_pdbx_validate_rmsd_angle.auth_seq_id_2 
_pdbx_validate_rmsd_angle.PDB_ins_code_2 
_pdbx_validate_rmsd_angle.label_alt_id_2 
_pdbx_validate_rmsd_angle.auth_atom_id_3 
_pdbx_validate_rmsd_angle.auth_asym_id_3 
_pdbx_validate_rmsd_angle.auth_comp_id_3 
_pdbx_validate_rmsd_angle.auth_seq_id_3 
_pdbx_validate_rmsd_angle.PDB_ins_code_3 
_pdbx_validate_rmsd_angle.label_alt_id_3 
_pdbx_validate_rmsd_angle.angle_value 
_pdbx_validate_rmsd_angle.angle_target_value 
_pdbx_validate_rmsd_angle.angle_deviation 
_pdbx_validate_rmsd_angle.angle_standard_deviation 
_pdbx_validate_rmsd_angle.linker_flag 
1 1 "O3'" A GTP 1 ? ? P A G 2 ? ? "O5'" A G 2 ? ? 84.83  104.00 -19.17 1.90 Y 
2 1 "O3'" A GTP 1 ? ? P A G 2 ? ? OP1   A G 2 ? ? 121.74 110.50 11.24  1.10 Y 
# 
_pdbx_entry_details.entry_id                 8XZL 
_pdbx_entry_details.has_ligand_of_interest   Y 
_pdbx_entry_details.compound_details         ? 
_pdbx_entry_details.source_details           ? 
_pdbx_entry_details.nonpolymer_details       ? 
_pdbx_entry_details.sequence_details         ? 
# 
loop_
_chem_comp_atom.comp_id 
_chem_comp_atom.atom_id 
_chem_comp_atom.type_symbol 
_chem_comp_atom.pdbx_aromatic_flag 
_chem_comp_atom.pdbx_stereo_config 
_chem_comp_atom.pdbx_ordinal 
A   OP3    O  N N 1   
A   P      P  N N 2   
A   OP1    O  N N 3   
A   OP2    O  N N 4   
A   "O5'"  O  N N 5   
A   "C5'"  C  N N 6   
A   "C4'"  C  N R 7   
A   "O4'"  O  N N 8   
A   "C3'"  C  N S 9   
A   "O3'"  O  N N 10  
A   "C2'"  C  N R 11  
A   "O2'"  O  N N 12  
A   "C1'"  C  N R 13  
A   N9     N  Y N 14  
A   C8     C  Y N 15  
A   N7     N  Y N 16  
A   C5     C  Y N 17  
A   C6     C  Y N 18  
A   N6     N  N N 19  
A   N1     N  Y N 20  
A   C2     C  Y N 21  
A   N3     N  Y N 22  
A   C4     C  Y N 23  
A   HOP3   H  N N 24  
A   HOP2   H  N N 25  
A   "H5'"  H  N N 26  
A   "H5''" H  N N 27  
A   "H4'"  H  N N 28  
A   "H3'"  H  N N 29  
A   "HO3'" H  N N 30  
A   "H2'"  H  N N 31  
A   "HO2'" H  N N 32  
A   "H1'"  H  N N 33  
A   H8     H  N N 34  
A   H61    H  N N 35  
A   H62    H  N N 36  
A   H2     H  N N 37  
C   OP3    O  N N 38  
C   P      P  N N 39  
C   OP1    O  N N 40  
C   OP2    O  N N 41  
C   "O5'"  O  N N 42  
C   "C5'"  C  N N 43  
C   "C4'"  C  N R 44  
C   "O4'"  O  N N 45  
C   "C3'"  C  N S 46  
C   "O3'"  O  N N 47  
C   "C2'"  C  N R 48  
C   "O2'"  O  N N 49  
C   "C1'"  C  N R 50  
C   N1     N  N N 51  
C   C2     C  N N 52  
C   O2     O  N N 53  
C   N3     N  N N 54  
C   C4     C  N N 55  
C   N4     N  N N 56  
C   C5     C  N N 57  
C   C6     C  N N 58  
C   HOP3   H  N N 59  
C   HOP2   H  N N 60  
C   "H5'"  H  N N 61  
C   "H5''" H  N N 62  
C   "H4'"  H  N N 63  
C   "H3'"  H  N N 64  
C   "HO3'" H  N N 65  
C   "H2'"  H  N N 66  
C   "HO2'" H  N N 67  
C   "H1'"  H  N N 68  
C   H41    H  N N 69  
C   H42    H  N N 70  
C   H5     H  N N 71  
C   H6     H  N N 72  
DHF N1     N  Y N 73  
DHF C2     C  Y N 74  
DHF NA2    N  N N 75  
DHF N3     N  Y N 76  
DHF C4     C  Y N 77  
DHF O4     O  N N 78  
DHF C4A    C  Y N 79  
DHF N5     N  N N 80  
DHF C6     C  N N 81  
DHF C7     C  N N 82  
DHF N8     N  N N 83  
DHF C8A    C  Y N 84  
DHF C9     C  N N 85  
DHF N10    N  N N 86  
DHF C11    C  Y N 87  
DHF C12    C  Y N 88  
DHF C13    C  Y N 89  
DHF C14    C  Y N 90  
DHF C15    C  Y N 91  
DHF C16    C  Y N 92  
DHF C      C  N N 93  
DHF O      O  N N 94  
DHF N      N  N N 95  
DHF CA     C  N S 96  
DHF CB     C  N N 97  
DHF CG     C  N N 98  
DHF CD     C  N N 99  
DHF OE1    O  N N 100 
DHF OE2    O  N N 101 
DHF CT     C  N N 102 
DHF O1     O  N N 103 
DHF O2     O  N N 104 
DHF HN1    H  N N 105 
DHF HN21   H  N N 106 
DHF HN22   H  N N 107 
DHF H71    H  N N 108 
DHF H72    H  N N 109 
DHF HN8    H  N N 110 
DHF H91    H  N N 111 
DHF H92    H  N N 112 
DHF HN0    H  N N 113 
DHF H12    H  N N 114 
DHF H13    H  N N 115 
DHF H15    H  N N 116 
DHF H16    H  N N 117 
DHF HN     H  N N 118 
DHF HA     H  N N 119 
DHF HB1    H  N N 120 
DHF HB2    H  N N 121 
DHF HG1    H  N N 122 
DHF HG2    H  N N 123 
DHF HOE2   H  N N 124 
DHF HO2    H  N N 125 
G   OP3    O  N N 126 
G   P      P  N N 127 
G   OP1    O  N N 128 
G   OP2    O  N N 129 
G   "O5'"  O  N N 130 
G   "C5'"  C  N N 131 
G   "C4'"  C  N R 132 
G   "O4'"  O  N N 133 
G   "C3'"  C  N S 134 
G   "O3'"  O  N N 135 
G   "C2'"  C  N R 136 
G   "O2'"  O  N N 137 
G   "C1'"  C  N R 138 
G   N9     N  Y N 139 
G   C8     C  Y N 140 
G   N7     N  Y N 141 
G   C5     C  Y N 142 
G   C6     C  N N 143 
G   O6     O  N N 144 
G   N1     N  N N 145 
G   C2     C  N N 146 
G   N2     N  N N 147 
G   N3     N  N N 148 
G   C4     C  Y N 149 
G   HOP3   H  N N 150 
G   HOP2   H  N N 151 
G   "H5'"  H  N N 152 
G   "H5''" H  N N 153 
G   "H4'"  H  N N 154 
G   "H3'"  H  N N 155 
G   "HO3'" H  N N 156 
G   "H2'"  H  N N 157 
G   "HO2'" H  N N 158 
G   "H1'"  H  N N 159 
G   H8     H  N N 160 
G   H1     H  N N 161 
G   H21    H  N N 162 
G   H22    H  N N 163 
GTP PG     P  N N 164 
GTP O1G    O  N N 165 
GTP O2G    O  N N 166 
GTP O3G    O  N N 167 
GTP O3B    O  N N 168 
GTP PB     P  N N 169 
GTP O1B    O  N N 170 
GTP O2B    O  N N 171 
GTP O3A    O  N N 172 
GTP PA     P  N N 173 
GTP O1A    O  N N 174 
GTP O2A    O  N N 175 
GTP "O5'"  O  N N 176 
GTP "C5'"  C  N N 177 
GTP "C4'"  C  N R 178 
GTP "O4'"  O  N N 179 
GTP "C3'"  C  N S 180 
GTP "O3'"  O  N N 181 
GTP "C2'"  C  N R 182 
GTP "O2'"  O  N N 183 
GTP "C1'"  C  N R 184 
GTP N9     N  Y N 185 
GTP C8     C  Y N 186 
GTP N7     N  Y N 187 
GTP C5     C  Y N 188 
GTP C6     C  N N 189 
GTP O6     O  N N 190 
GTP N1     N  N N 191 
GTP C2     C  N N 192 
GTP N2     N  N N 193 
GTP N3     N  N N 194 
GTP C4     C  Y N 195 
GTP HOG2   H  N N 196 
GTP HOG3   H  N N 197 
GTP HOB2   H  N N 198 
GTP HOA2   H  N N 199 
GTP "H5'"  H  N N 200 
GTP "H5''" H  N N 201 
GTP "H4'"  H  N N 202 
GTP "H3'"  H  N N 203 
GTP "HO3'" H  N N 204 
GTP "H2'"  H  N N 205 
GTP "HO2'" H  N N 206 
GTP "H1'"  H  N N 207 
GTP H8     H  N N 208 
GTP HN1    H  N N 209 
GTP HN21   H  N N 210 
GTP HN22   H  N N 211 
HOH O      O  N N 212 
HOH H1     H  N N 213 
HOH H2     H  N N 214 
MG  MG     MG N N 215 
SPM N1     N  N N 216 
SPM C2     C  N N 217 
SPM C3     C  N N 218 
SPM C4     C  N N 219 
SPM N5     N  N N 220 
SPM C6     C  N N 221 
SPM C7     C  N N 222 
SPM C8     C  N N 223 
SPM C9     C  N N 224 
SPM N10    N  N N 225 
SPM C11    C  N N 226 
SPM C12    C  N N 227 
SPM C13    C  N N 228 
SPM N14    N  N N 229 
SPM HN11   H  N N 230 
SPM HN12   H  N N 231 
SPM H21    H  N N 232 
SPM H22    H  N N 233 
SPM H31    H  N N 234 
SPM H32    H  N N 235 
SPM H41    H  N N 236 
SPM H42    H  N N 237 
SPM HN5    H  N N 238 
SPM H61    H  N N 239 
SPM H62    H  N N 240 
SPM H71    H  N N 241 
SPM H72    H  N N 242 
SPM H81    H  N N 243 
SPM H82    H  N N 244 
SPM H91    H  N N 245 
SPM H92    H  N N 246 
SPM HN0    H  N N 247 
SPM H111   H  N N 248 
SPM H112   H  N N 249 
SPM H121   H  N N 250 
SPM H122   H  N N 251 
SPM H131   H  N N 252 
SPM H132   H  N N 253 
SPM HN41   H  N N 254 
SPM HN42   H  N N 255 
U   OP3    O  N N 256 
U   P      P  N N 257 
U   OP1    O  N N 258 
U   OP2    O  N N 259 
U   "O5'"  O  N N 260 
U   "C5'"  C  N N 261 
U   "C4'"  C  N R 262 
U   "O4'"  O  N N 263 
U   "C3'"  C  N S 264 
U   "O3'"  O  N N 265 
U   "C2'"  C  N R 266 
U   "O2'"  O  N N 267 
U   "C1'"  C  N R 268 
U   N1     N  N N 269 
U   C2     C  N N 270 
U   O2     O  N N 271 
U   N3     N  N N 272 
U   C4     C  N N 273 
U   O4     O  N N 274 
U   C5     C  N N 275 
U   C6     C  N N 276 
U   HOP3   H  N N 277 
U   HOP2   H  N N 278 
U   "H5'"  H  N N 279 
U   "H5''" H  N N 280 
U   "H4'"  H  N N 281 
U   "H3'"  H  N N 282 
U   "HO3'" H  N N 283 
U   "H2'"  H  N N 284 
U   "HO2'" H  N N 285 
U   "H1'"  H  N N 286 
U   H3     H  N N 287 
U   H5     H  N N 288 
U   H6     H  N N 289 
# 
loop_
_chem_comp_bond.comp_id 
_chem_comp_bond.atom_id_1 
_chem_comp_bond.atom_id_2 
_chem_comp_bond.value_order 
_chem_comp_bond.pdbx_aromatic_flag 
_chem_comp_bond.pdbx_stereo_config 
_chem_comp_bond.pdbx_ordinal 
A   OP3   P      sing N N 1   
A   OP3   HOP3   sing N N 2   
A   P     OP1    doub N N 3   
A   P     OP2    sing N N 4   
A   P     "O5'"  sing N N 5   
A   OP2   HOP2   sing N N 6   
A   "O5'" "C5'"  sing N N 7   
A   "C5'" "C4'"  sing N N 8   
A   "C5'" "H5'"  sing N N 9   
A   "C5'" "H5''" sing N N 10  
A   "C4'" "O4'"  sing N N 11  
A   "C4'" "C3'"  sing N N 12  
A   "C4'" "H4'"  sing N N 13  
A   "O4'" "C1'"  sing N N 14  
A   "C3'" "O3'"  sing N N 15  
A   "C3'" "C2'"  sing N N 16  
A   "C3'" "H3'"  sing N N 17  
A   "O3'" "HO3'" sing N N 18  
A   "C2'" "O2'"  sing N N 19  
A   "C2'" "C1'"  sing N N 20  
A   "C2'" "H2'"  sing N N 21  
A   "O2'" "HO2'" sing N N 22  
A   "C1'" N9     sing N N 23  
A   "C1'" "H1'"  sing N N 24  
A   N9    C8     sing Y N 25  
A   N9    C4     sing Y N 26  
A   C8    N7     doub Y N 27  
A   C8    H8     sing N N 28  
A   N7    C5     sing Y N 29  
A   C5    C6     sing Y N 30  
A   C5    C4     doub Y N 31  
A   C6    N6     sing N N 32  
A   C6    N1     doub Y N 33  
A   N6    H61    sing N N 34  
A   N6    H62    sing N N 35  
A   N1    C2     sing Y N 36  
A   C2    N3     doub Y N 37  
A   C2    H2     sing N N 38  
A   N3    C4     sing Y N 39  
C   OP3   P      sing N N 40  
C   OP3   HOP3   sing N N 41  
C   P     OP1    doub N N 42  
C   P     OP2    sing N N 43  
C   P     "O5'"  sing N N 44  
C   OP2   HOP2   sing N N 45  
C   "O5'" "C5'"  sing N N 46  
C   "C5'" "C4'"  sing N N 47  
C   "C5'" "H5'"  sing N N 48  
C   "C5'" "H5''" sing N N 49  
C   "C4'" "O4'"  sing N N 50  
C   "C4'" "C3'"  sing N N 51  
C   "C4'" "H4'"  sing N N 52  
C   "O4'" "C1'"  sing N N 53  
C   "C3'" "O3'"  sing N N 54  
C   "C3'" "C2'"  sing N N 55  
C   "C3'" "H3'"  sing N N 56  
C   "O3'" "HO3'" sing N N 57  
C   "C2'" "O2'"  sing N N 58  
C   "C2'" "C1'"  sing N N 59  
C   "C2'" "H2'"  sing N N 60  
C   "O2'" "HO2'" sing N N 61  
C   "C1'" N1     sing N N 62  
C   "C1'" "H1'"  sing N N 63  
C   N1    C2     sing N N 64  
C   N1    C6     sing N N 65  
C   C2    O2     doub N N 66  
C   C2    N3     sing N N 67  
C   N3    C4     doub N N 68  
C   C4    N4     sing N N 69  
C   C4    C5     sing N N 70  
C   N4    H41    sing N N 71  
C   N4    H42    sing N N 72  
C   C5    C6     doub N N 73  
C   C5    H5     sing N N 74  
C   C6    H6     sing N N 75  
DHF N1    C2     sing Y N 76  
DHF N1    C8A    sing Y N 77  
DHF N1    HN1    sing N N 78  
DHF C2    NA2    sing N N 79  
DHF C2    N3     doub Y N 80  
DHF NA2   HN21   sing N N 81  
DHF NA2   HN22   sing N N 82  
DHF N3    C4     sing Y N 83  
DHF C4    O4     doub N N 84  
DHF C4    C4A    sing Y N 85  
DHF C4A   N5     sing N N 86  
DHF C4A   C8A    doub Y N 87  
DHF N5    C6     doub N N 88  
DHF C6    C7     sing N N 89  
DHF C6    C9     sing N N 90  
DHF C7    N8     sing N N 91  
DHF C7    H71    sing N N 92  
DHF C7    H72    sing N N 93  
DHF N8    C8A    sing N N 94  
DHF N8    HN8    sing N N 95  
DHF C9    N10    sing N N 96  
DHF C9    H91    sing N N 97  
DHF C9    H92    sing N N 98  
DHF N10   C14    sing N N 99  
DHF N10   HN0    sing N N 100 
DHF C11   C12    doub Y N 101 
DHF C11   C16    sing Y N 102 
DHF C11   C      sing N N 103 
DHF C12   C13    sing Y N 104 
DHF C12   H12    sing N N 105 
DHF C13   C14    doub Y N 106 
DHF C13   H13    sing N N 107 
DHF C14   C15    sing Y N 108 
DHF C15   C16    doub Y N 109 
DHF C15   H15    sing N N 110 
DHF C16   H16    sing N N 111 
DHF C     O      doub N N 112 
DHF C     N      sing N N 113 
DHF N     CA     sing N N 114 
DHF N     HN     sing N N 115 
DHF CA    CB     sing N N 116 
DHF CA    CT     sing N N 117 
DHF CA    HA     sing N N 118 
DHF CB    CG     sing N N 119 
DHF CB    HB1    sing N N 120 
DHF CB    HB2    sing N N 121 
DHF CG    CD     sing N N 122 
DHF CG    HG1    sing N N 123 
DHF CG    HG2    sing N N 124 
DHF CD    OE1    doub N N 125 
DHF CD    OE2    sing N N 126 
DHF OE2   HOE2   sing N N 127 
DHF CT    O1     doub N N 128 
DHF CT    O2     sing N N 129 
DHF O2    HO2    sing N N 130 
G   OP3   P      sing N N 131 
G   OP3   HOP3   sing N N 132 
G   P     OP1    doub N N 133 
G   P     OP2    sing N N 134 
G   P     "O5'"  sing N N 135 
G   OP2   HOP2   sing N N 136 
G   "O5'" "C5'"  sing N N 137 
G   "C5'" "C4'"  sing N N 138 
G   "C5'" "H5'"  sing N N 139 
G   "C5'" "H5''" sing N N 140 
G   "C4'" "O4'"  sing N N 141 
G   "C4'" "C3'"  sing N N 142 
G   "C4'" "H4'"  sing N N 143 
G   "O4'" "C1'"  sing N N 144 
G   "C3'" "O3'"  sing N N 145 
G   "C3'" "C2'"  sing N N 146 
G   "C3'" "H3'"  sing N N 147 
G   "O3'" "HO3'" sing N N 148 
G   "C2'" "O2'"  sing N N 149 
G   "C2'" "C1'"  sing N N 150 
G   "C2'" "H2'"  sing N N 151 
G   "O2'" "HO2'" sing N N 152 
G   "C1'" N9     sing N N 153 
G   "C1'" "H1'"  sing N N 154 
G   N9    C8     sing Y N 155 
G   N9    C4     sing Y N 156 
G   C8    N7     doub Y N 157 
G   C8    H8     sing N N 158 
G   N7    C5     sing Y N 159 
G   C5    C6     sing N N 160 
G   C5    C4     doub Y N 161 
G   C6    O6     doub N N 162 
G   C6    N1     sing N N 163 
G   N1    C2     sing N N 164 
G   N1    H1     sing N N 165 
G   C2    N2     sing N N 166 
G   C2    N3     doub N N 167 
G   N2    H21    sing N N 168 
G   N2    H22    sing N N 169 
G   N3    C4     sing N N 170 
GTP PG    O1G    doub N N 171 
GTP PG    O2G    sing N N 172 
GTP PG    O3G    sing N N 173 
GTP PG    O3B    sing N N 174 
GTP O2G   HOG2   sing N N 175 
GTP O3G   HOG3   sing N N 176 
GTP O3B   PB     sing N N 177 
GTP PB    O1B    doub N N 178 
GTP PB    O2B    sing N N 179 
GTP PB    O3A    sing N N 180 
GTP O2B   HOB2   sing N N 181 
GTP O3A   PA     sing N N 182 
GTP PA    O1A    doub N N 183 
GTP PA    O2A    sing N N 184 
GTP PA    "O5'"  sing N N 185 
GTP O2A   HOA2   sing N N 186 
GTP "O5'" "C5'"  sing N N 187 
GTP "C5'" "C4'"  sing N N 188 
GTP "C5'" "H5'"  sing N N 189 
GTP "C5'" "H5''" sing N N 190 
GTP "C4'" "O4'"  sing N N 191 
GTP "C4'" "C3'"  sing N N 192 
GTP "C4'" "H4'"  sing N N 193 
GTP "O4'" "C1'"  sing N N 194 
GTP "C3'" "O3'"  sing N N 195 
GTP "C3'" "C2'"  sing N N 196 
GTP "C3'" "H3'"  sing N N 197 
GTP "O3'" "HO3'" sing N N 198 
GTP "C2'" "O2'"  sing N N 199 
GTP "C2'" "C1'"  sing N N 200 
GTP "C2'" "H2'"  sing N N 201 
GTP "O2'" "HO2'" sing N N 202 
GTP "C1'" N9     sing N N 203 
GTP "C1'" "H1'"  sing N N 204 
GTP N9    C8     sing Y N 205 
GTP N9    C4     sing Y N 206 
GTP C8    N7     doub Y N 207 
GTP C8    H8     sing N N 208 
GTP N7    C5     sing Y N 209 
GTP C5    C6     sing N N 210 
GTP C5    C4     doub Y N 211 
GTP C6    O6     doub N N 212 
GTP C6    N1     sing N N 213 
GTP N1    C2     sing N N 214 
GTP N1    HN1    sing N N 215 
GTP C2    N2     sing N N 216 
GTP C2    N3     doub N N 217 
GTP N2    HN21   sing N N 218 
GTP N2    HN22   sing N N 219 
GTP N3    C4     sing N N 220 
HOH O     H1     sing N N 221 
HOH O     H2     sing N N 222 
SPM N1    C2     sing N N 223 
SPM N1    HN11   sing N N 224 
SPM N1    HN12   sing N N 225 
SPM C2    C3     sing N N 226 
SPM C2    H21    sing N N 227 
SPM C2    H22    sing N N 228 
SPM C3    C4     sing N N 229 
SPM C3    H31    sing N N 230 
SPM C3    H32    sing N N 231 
SPM C4    N5     sing N N 232 
SPM C4    H41    sing N N 233 
SPM C4    H42    sing N N 234 
SPM N5    C6     sing N N 235 
SPM N5    HN5    sing N N 236 
SPM C6    C7     sing N N 237 
SPM C6    H61    sing N N 238 
SPM C6    H62    sing N N 239 
SPM C7    C8     sing N N 240 
SPM C7    H71    sing N N 241 
SPM C7    H72    sing N N 242 
SPM C8    C9     sing N N 243 
SPM C8    H81    sing N N 244 
SPM C8    H82    sing N N 245 
SPM C9    N10    sing N N 246 
SPM C9    H91    sing N N 247 
SPM C9    H92    sing N N 248 
SPM N10   C11    sing N N 249 
SPM N10   HN0    sing N N 250 
SPM C11   C12    sing N N 251 
SPM C11   H111   sing N N 252 
SPM C11   H112   sing N N 253 
SPM C12   C13    sing N N 254 
SPM C12   H121   sing N N 255 
SPM C12   H122   sing N N 256 
SPM C13   N14    sing N N 257 
SPM C13   H131   sing N N 258 
SPM C13   H132   sing N N 259 
SPM N14   HN41   sing N N 260 
SPM N14   HN42   sing N N 261 
U   OP3   P      sing N N 262 
U   OP3   HOP3   sing N N 263 
U   P     OP1    doub N N 264 
U   P     OP2    sing N N 265 
U   P     "O5'"  sing N N 266 
U   OP2   HOP2   sing N N 267 
U   "O5'" "C5'"  sing N N 268 
U   "C5'" "C4'"  sing N N 269 
U   "C5'" "H5'"  sing N N 270 
U   "C5'" "H5''" sing N N 271 
U   "C4'" "O4'"  sing N N 272 
U   "C4'" "C3'"  sing N N 273 
U   "C4'" "H4'"  sing N N 274 
U   "O4'" "C1'"  sing N N 275 
U   "C3'" "O3'"  sing N N 276 
U   "C3'" "C2'"  sing N N 277 
U   "C3'" "H3'"  sing N N 278 
U   "O3'" "HO3'" sing N N 279 
U   "C2'" "O2'"  sing N N 280 
U   "C2'" "C1'"  sing N N 281 
U   "C2'" "H2'"  sing N N 282 
U   "O2'" "HO2'" sing N N 283 
U   "C1'" N1     sing N N 284 
U   "C1'" "H1'"  sing N N 285 
U   N1    C2     sing N N 286 
U   N1    C6     sing N N 287 
U   C2    O2     doub N N 288 
U   C2    N3     sing N N 289 
U   N3    C4     sing N N 290 
U   N3    H3     sing N N 291 
U   C4    O4     doub N N 292 
U   C4    C5     sing N N 293 
U   C5    C6     doub N N 294 
U   C5    H5     sing N N 295 
U   C6    H6     sing N N 296 
# 
loop_
_ndb_struct_conf_na.entry_id 
_ndb_struct_conf_na.feature 
8XZL 'double helix'         
8XZL 'a-form double helix'  
8XZL 'hairpin loop'         
8XZL 'bulge loop'           
8XZL 'mismatched base pair' 
8XZL 'triple helix'         
# 
loop_
_ndb_struct_na_base_pair.model_number 
_ndb_struct_na_base_pair.i_label_asym_id 
_ndb_struct_na_base_pair.i_label_comp_id 
_ndb_struct_na_base_pair.i_label_seq_id 
_ndb_struct_na_base_pair.i_symmetry 
_ndb_struct_na_base_pair.j_label_asym_id 
_ndb_struct_na_base_pair.j_label_comp_id 
_ndb_struct_na_base_pair.j_label_seq_id 
_ndb_struct_na_base_pair.j_symmetry 
_ndb_struct_na_base_pair.shear 
_ndb_struct_na_base_pair.stretch 
_ndb_struct_na_base_pair.stagger 
_ndb_struct_na_base_pair.buckle 
_ndb_struct_na_base_pair.propeller 
_ndb_struct_na_base_pair.opening 
_ndb_struct_na_base_pair.pair_number 
_ndb_struct_na_base_pair.pair_name 
_ndb_struct_na_base_pair.i_auth_asym_id 
_ndb_struct_na_base_pair.i_auth_seq_id 
_ndb_struct_na_base_pair.i_PDB_ins_code 
_ndb_struct_na_base_pair.j_auth_asym_id 
_ndb_struct_na_base_pair.j_auth_seq_id 
_ndb_struct_na_base_pair.j_PDB_ins_code 
_ndb_struct_na_base_pair.hbond_type_28 
_ndb_struct_na_base_pair.hbond_type_12 
1 A GTP 1  1_555 A U 53 1_555 -2.121 -0.613 -0.675 -9.310  -2.181  -11.797 1  A_GTP1:U53_A A 1  ? A 53 ? 28 1  
1 A G   2  1_555 A C 52 1_555 -0.413 0.066  0.126  0.702   -12.140 3.456   2  A_G2:C52_A   A 2  ? A 52 ? 19 1  
1 A G   3  1_555 A C 51 1_555 -0.435 -0.075 -0.151 -3.846  -14.603 3.307   3  A_G3:C51_A   A 3  ? A 51 ? 19 1  
1 A U   4  1_555 A G 50 1_555 2.333  -0.549 0.046  -0.905  -12.712 3.485   4  A_U4:G50_A   A 4  ? A 50 ? 28 1  
1 A G   5  1_555 A C 49 1_555 -0.094 -0.167 -0.289 -10.868 -12.766 0.727   5  A_G5:C49_A   A 5  ? A 49 ? 19 1  
1 A U   6  1_555 A G 48 1_555 2.435  -0.529 -0.155 -3.929  -2.152  -4.824  6  A_U6:G48_A   A 6  ? A 48 ? 28 1  
1 A G   7  1_555 A A 47 1_555 6.922  -4.762 0.199  11.202  0.807   -10.253 7  A_G7:A47_A   A 7  ? A 47 ? 11 10 
1 A A   9  1_555 A G 46 1_555 -6.811 -4.244 0.823  -13.218 -11.972 2.522   8  A_A9:G46_A   A 9  ? A 46 ? 11 9  
1 A C   10 1_555 A G 45 1_555 0.326  -0.206 -0.026 0.711   -8.528  0.513   9  A_C10:G45_A  A 10 ? A 45 ? 19 1  
1 A C   11 1_555 A G 44 1_555 0.234  -0.134 -0.121 5.317   -10.342 0.008   10 A_C11:G44_A  A 11 ? A 44 ? 19 1  
1 A G   12 1_555 A C 43 1_555 -0.312 -0.203 0.009  -10.809 -17.925 0.406   11 A_G12:C43_A  A 12 ? A 43 ? 19 1  
1 A U   13 1_555 A A 42 1_555 -0.004 -0.001 0.406  -12.973 -11.250 0.851   12 A_U13:A42_A  A 13 ? A 42 ? 20 1  
1 A G   21 1_555 A C 40 1_555 -0.104 -0.149 0.231  3.014   -15.221 0.658   13 A_G21:C40_A  A 21 ? A 40 ? 19 1  
1 A U   22 1_555 A A 39 1_555 -0.078 -0.068 0.043  1.081   -17.739 2.333   14 A_U22:A39_A  A 22 ? A 39 ? 20 1  
1 A C   23 1_555 A G 38 1_555 0.119  -0.092 -0.067 3.957   -11.346 0.532   15 A_C23:G38_A  A 23 ? A 38 ? 19 1  
1 A C   24 1_555 A G 37 1_555 0.280  -0.257 -0.093 1.531   -13.853 -0.874  16 A_C24:G37_A  A 24 ? A 37 ? 19 1  
1 A C   25 1_555 A G 36 1_555 0.405  0.020  0.193  -0.511  -13.730 2.905   17 A_C25:G36_A  A 25 ? A 36 ? 19 1  
1 A A   26 1_555 A U 35 1_555 0.100  -0.126 0.105  -3.884  -15.427 2.403   18 A_A26:U35_A  A 26 ? A 35 ? 20 1  
1 A G   27 1_555 A C 34 1_555 -0.353 -0.102 0.065  -10.901 -19.255 2.490   19 A_G27:C34_A  A 27 ? A 34 ? 19 1  
1 A C   28 1_555 A G 32 1_555 0.308  -0.245 -0.329 5.209   -2.544  -4.080  20 A_C28:G32_A  A 28 ? A 32 ? 19 1  
1 A U   14 1_555 A A 17 1_555 -0.912 3.658  -0.363 5.191   18.693  -75.745 21 A_U14:A17_A  A 14 ? A 17 ? 23 3  
# 
loop_
_ndb_struct_na_base_pair_step.model_number 
_ndb_struct_na_base_pair_step.i_label_asym_id_1 
_ndb_struct_na_base_pair_step.i_label_comp_id_1 
_ndb_struct_na_base_pair_step.i_label_seq_id_1 
_ndb_struct_na_base_pair_step.i_symmetry_1 
_ndb_struct_na_base_pair_step.j_label_asym_id_1 
_ndb_struct_na_base_pair_step.j_label_comp_id_1 
_ndb_struct_na_base_pair_step.j_label_seq_id_1 
_ndb_struct_na_base_pair_step.j_symmetry_1 
_ndb_struct_na_base_pair_step.i_label_asym_id_2 
_ndb_struct_na_base_pair_step.i_label_comp_id_2 
_ndb_struct_na_base_pair_step.i_label_seq_id_2 
_ndb_struct_na_base_pair_step.i_symmetry_2 
_ndb_struct_na_base_pair_step.j_label_asym_id_2 
_ndb_struct_na_base_pair_step.j_label_comp_id_2 
_ndb_struct_na_base_pair_step.j_label_seq_id_2 
_ndb_struct_na_base_pair_step.j_symmetry_2 
_ndb_struct_na_base_pair_step.shift 
_ndb_struct_na_base_pair_step.slide 
_ndb_struct_na_base_pair_step.rise 
_ndb_struct_na_base_pair_step.tilt 
_ndb_struct_na_base_pair_step.roll 
_ndb_struct_na_base_pair_step.twist 
_ndb_struct_na_base_pair_step.x_displacement 
_ndb_struct_na_base_pair_step.y_displacement 
_ndb_struct_na_base_pair_step.helical_rise 
_ndb_struct_na_base_pair_step.inclination 
_ndb_struct_na_base_pair_step.tip 
_ndb_struct_na_base_pair_step.helical_twist 
_ndb_struct_na_base_pair_step.step_number 
_ndb_struct_na_base_pair_step.step_name 
_ndb_struct_na_base_pair_step.i_auth_asym_id_1 
_ndb_struct_na_base_pair_step.i_auth_seq_id_1 
_ndb_struct_na_base_pair_step.i_PDB_ins_code_1 
_ndb_struct_na_base_pair_step.j_auth_asym_id_1 
_ndb_struct_na_base_pair_step.j_auth_seq_id_1 
_ndb_struct_na_base_pair_step.j_PDB_ins_code_1 
_ndb_struct_na_base_pair_step.i_auth_asym_id_2 
_ndb_struct_na_base_pair_step.i_auth_seq_id_2 
_ndb_struct_na_base_pair_step.i_PDB_ins_code_2 
_ndb_struct_na_base_pair_step.j_auth_asym_id_2 
_ndb_struct_na_base_pair_step.j_auth_seq_id_2 
_ndb_struct_na_base_pair_step.j_PDB_ins_code_2 
1 A GTP 1  1_555 A U 53 1_555 A G 2  1_555 A C 52 1_555 0.223  -1.175 3.154 -9.002 5.531  37.469 -2.393  -1.357 2.833 8.408  
13.684  38.879 1  AA_GTP1G2:C52U53_AA A 1  ? A 53 ? A 2  ? A 52 ? 
1 A G   2  1_555 A C 52 1_555 A G 3  1_555 A C 51 1_555 -0.101 -1.753 3.266 0.212  7.708  31.317 -4.442  0.218  2.767 14.014 
-0.386  32.229 2  AA_G2G3:C51C52_AA   A 2  ? A 52 ? A 3  ? A 51 ? 
1 A G   3  1_555 A C 51 1_555 A U 4  1_555 A G 50 1_555 0.186  -1.354 3.291 0.498  3.542  42.551 -2.212  -0.207 3.175 4.870  
-0.685  42.694 3  AA_G3U4:G50C51_AA   A 3  ? A 51 ? A 4  ? A 50 ? 
1 A U   4  1_555 A G 50 1_555 A G 5  1_555 A C 49 1_555 -0.407 -1.926 3.354 5.463  12.423 24.451 -6.593  1.988  2.022 26.851 
-11.807 27.914 4  AA_U4G5:C49G50_AA   A 4  ? A 50 ? A 5  ? A 49 ? 
1 A G   5  1_555 A C 49 1_555 A U 6  1_555 A G 48 1_555 -0.012 -1.224 3.115 0.217  4.761  39.063 -2.344  0.042  2.952 7.087  
-0.323  39.342 5  AA_G5U6:G48C49_AA   A 5  ? A 49 ? A 6  ? A 48 ? 
1 A U   6  1_555 A G 48 1_555 A G 7  1_555 A A 47 1_555 -0.269 -1.312 2.971 3.756  7.213  52.587 -1.871  0.512  2.758 8.086  
-4.211  53.168 6  AA_U6G7:A47G48_AA   A 6  ? A 48 ? A 7  ? A 47 ? 
1 A G   7  1_555 A A 47 1_555 A A 9  1_555 A G 46 1_555 -1.827 -0.379 5.576 6.755  16.893 5.922  -13.966 10.627 0.755 66.963 
-26.777 19.125 7  AA_G7A9:G46A47_AA   A 7  ? A 47 ? A 9  ? A 46 ? 
1 A A   9  1_555 A G 46 1_555 A C 10 1_555 A G 45 1_555 0.335  -0.494 3.068 2.414  8.297  59.186 -0.881  -0.224 2.991 8.352  
-2.430  59.757 8  AA_A9C10:G45G46_AA  A 9  ? A 46 ? A 10 ? A 45 ? 
1 A C   10 1_555 A G 45 1_555 A C 11 1_555 A G 44 1_555 0.289  -2.015 3.108 2.782  7.084  25.902 -5.900  0.001  2.496 15.386 
-6.042  26.979 9  AA_C10C11:G44G45_AA A 10 ? A 45 ? A 11 ? A 44 ? 
1 A C   11 1_555 A G 44 1_555 A G 12 1_555 A C 43 1_555 0.096  -1.764 3.464 -0.071 12.817 33.163 -4.704  -0.168 2.624 21.484 0.119 
35.489 10 AA_C11G12:C43G44_AA A 11 ? A 44 ? A 12 ? A 43 ? 
1 A G   12 1_555 A C 43 1_555 A U 13 1_555 A A 42 1_555 0.016  -1.415 3.294 -0.756 4.839  33.444 -3.198  -0.146 3.064 8.353  1.305 
33.791 11 AA_G12U13:A42C43_AA A 12 ? A 43 ? A 13 ? A 42 ? 
1 A U   13 1_555 A A 42 1_555 A G 21 1_555 A C 40 1_555 -3.018 -2.901 5.859 0.185  3.560  78.028 -2.479  2.405  5.738 2.827  
-0.147  78.096 12 AA_U13G21:C40A42_AA A 13 ? A 42 ? A 21 ? A 40 ? 
1 A G   21 1_555 A C 40 1_555 A U 22 1_555 A A 39 1_555 -0.140 -1.371 3.254 0.335  7.810  31.760 -3.715  0.303  2.844 14.007 
-0.601  32.684 13 AA_G21U22:A39C40_AA A 21 ? A 40 ? A 22 ? A 39 ? 
1 A U   22 1_555 A A 39 1_555 A C 23 1_555 A G 38 1_555 -0.046 -1.299 3.140 0.172  6.587  32.780 -3.264  0.106  2.833 11.527 
-0.301  33.418 14 AA_U22C23:G38A39_AA A 22 ? A 39 ? A 23 ? A 38 ? 
1 A C   23 1_555 A G 38 1_555 A C 24 1_555 A G 37 1_555 0.241  -1.756 3.271 1.947  7.609  31.640 -4.379  -0.111 2.794 13.693 
-3.504  32.576 15 AA_C23C24:G37G38_AA A 23 ? A 38 ? A 24 ? A 37 ? 
1 A C   24 1_555 A G 37 1_555 A C 25 1_555 A G 36 1_555 0.130  -1.898 3.268 -0.112 7.102  30.289 -4.811  -0.262 2.762 13.362 0.210 
31.092 16 AA_C24C25:G36G37_AA A 24 ? A 37 ? A 25 ? A 36 ? 
1 A C   25 1_555 A G 36 1_555 A A 26 1_555 A U 35 1_555 0.154  -1.886 3.274 1.477  7.554  26.933 -5.555  0.006  2.661 15.813 
-3.093  27.992 17 AA_C25A26:U35G36_AA A 25 ? A 36 ? A 26 ? A 35 ? 
1 A A   26 1_555 A U 35 1_555 A G 27 1_555 A C 34 1_555 -0.139 -1.606 3.334 0.801  7.206  33.634 -3.808  0.357  2.934 12.276 
-1.365  34.384 18 AA_A26G27:C34U35_AA A 26 ? A 35 ? A 27 ? A 34 ? 
1 A G   27 1_555 A C 34 1_555 A C 28 1_555 A G 32 1_555 -0.759 -0.635 2.857 5.827  5.446  27.791 -2.280  2.600  2.483 11.053 
-11.828 28.891 19 AA_G27C28:G32C34_AA A 27 ? A 34 ? A 28 ? A 32 ? 
# 
_pdbx_audit_support.funding_organization   'National Natural Science Foundation of China (NSFC)' 
_pdbx_audit_support.country                China 
_pdbx_audit_support.grant_number           ? 
_pdbx_audit_support.ordinal                1 
# 
_pdbx_entity_instance_feature.ordinal        1 
_pdbx_entity_instance_feature.comp_id        DHF 
_pdbx_entity_instance_feature.asym_id        ? 
_pdbx_entity_instance_feature.seq_num        ? 
_pdbx_entity_instance_feature.auth_comp_id   DHF 
_pdbx_entity_instance_feature.auth_asym_id   ? 
_pdbx_entity_instance_feature.auth_seq_num   ? 
_pdbx_entity_instance_feature.feature_type   'SUBJECT OF INVESTIGATION' 
_pdbx_entity_instance_feature.details        ? 
# 
_pdbx_initial_refinement_model.id               1 
_pdbx_initial_refinement_model.entity_id_list   ? 
_pdbx_initial_refinement_model.type             'experimental model' 
_pdbx_initial_refinement_model.source_name      PDB 
_pdbx_initial_refinement_model.accession_code   8XZE 
_pdbx_initial_refinement_model.details          ? 
# 
_atom_sites.entry_id                    8XZL 
_atom_sites.Cartn_transf_matrix[1][1]   ? 
_atom_sites.Cartn_transf_matrix[1][2]   ? 
_atom_sites.Cartn_transf_matrix[1][3]   ? 
_atom_sites.Cartn_transf_matrix[2][1]   ? 
_atom_sites.Cartn_transf_matrix[2][2]   ? 
_atom_sites.Cartn_transf_matrix[2][3]   ? 
_atom_sites.Cartn_transf_matrix[3][1]   ? 
_atom_sites.Cartn_transf_matrix[3][2]   ? 
_atom_sites.Cartn_transf_matrix[3][3]   ? 
_atom_sites.Cartn_transf_vector[1]      ? 
_atom_sites.Cartn_transf_vector[2]      ? 
_atom_sites.Cartn_transf_vector[3]      ? 
_atom_sites.Cartn_transform_axes        ? 
_atom_sites.fract_transf_matrix[1][1]   -0.01063481 
_atom_sites.fract_transf_matrix[1][2]   -0.01081464 
_atom_sites.fract_transf_matrix[1][3]   0.01371368 
_atom_sites.fract_transf_matrix[2][1]   0.01424887 
_atom_sites.fract_transf_matrix[2][2]   -0.00963603 
_atom_sites.fract_transf_matrix[2][3]   0.00345085 
_atom_sites.fract_transf_matrix[3][1]   0.00419651 
_atom_sites.fract_transf_matrix[3][2]   0.01027173 
_atom_sites.fract_transf_matrix[3][3]   0.01135466 
_atom_sites.fract_transf_vector[1]      0.552914 
_atom_sites.fract_transf_vector[2]      0.532706 
_atom_sites.fract_transf_vector[3]      0.276084 
_atom_sites.solution_primary            ? 
_atom_sites.solution_secondary          ? 
_atom_sites.solution_hydrogens          ? 
_atom_sites.special_details             ? 
# 
loop_
_atom_type.symbol 
C  
MG 
N  
O  
P  
# 
loop_
_atom_site.group_PDB 
_atom_site.id 
_atom_site.type_symbol 
_atom_site.label_atom_id 
_atom_site.label_alt_id 
_atom_site.label_comp_id 
_atom_site.label_asym_id 
_atom_site.label_entity_id 
_atom_site.label_seq_id 
_atom_site.pdbx_PDB_ins_code 
_atom_site.Cartn_x 
_atom_site.Cartn_y 
_atom_site.Cartn_z 
_atom_site.occupancy 
_atom_site.B_iso_or_equiv 
_atom_site.pdbx_formal_charge 
_atom_site.auth_seq_id 
_atom_site.auth_comp_id 
_atom_site.auth_asym_id 
_atom_site.auth_atom_id 
_atom_site.pdbx_PDB_model_num 
HETATM 1    P  PG    . GTP A 1 1  ? 18.489  28.183  17.901  1.00 128.09 ? 1   GTP A PG    1 
HETATM 2    O  O1G   . GTP A 1 1  ? 17.417  29.078  18.497  1.00 122.85 ? 1   GTP A O1G   1 
HETATM 3    O  O2G   . GTP A 1 1  ? 19.344  28.970  16.930  1.00 122.17 ? 1   GTP A O2G   1 
HETATM 4    O  O3G   . GTP A 1 1  ? 17.820  27.051  17.148  1.00 124.39 ? 1   GTP A O3G   1 
HETATM 5    O  O3B   . GTP A 1 1  ? 19.462  27.600  19.069  1.00 125.68 ? 1   GTP A O3B   1 
HETATM 6    P  PB    . GTP A 1 1  ? 19.026  27.211  20.591  1.00 126.48 ? 1   GTP A PB    1 
HETATM 7    O  O1B   . GTP A 1 1  ? 19.984  26.157  21.116  1.00 114.89 ? 1   GTP A O1B   1 
HETATM 8    O  O2B   . GTP A 1 1  ? 19.031  28.420  21.508  1.00 116.86 ? 1   GTP A O2B   1 
HETATM 9    O  O3A   . GTP A 1 1  ? 17.527  26.600  20.499  1.00 117.64 ? 1   GTP A O3A   1 
HETATM 10   P  PA    . GTP A 1 1  ? 17.250  25.047  20.154  1.00 117.47 ? 1   GTP A PA    1 
HETATM 11   O  O1A   . GTP A 1 1  ? 17.826  24.651  18.808  1.00 115.33 ? 1   GTP A O1A   1 
HETATM 12   O  O2A   . GTP A 1 1  ? 15.761  24.762  20.181  1.00 113.85 ? 1   GTP A O2A   1 
HETATM 13   O  "O5'" . GTP A 1 1  ? 18.026  24.290  21.352  1.00 110.31 ? 1   GTP A "O5'" 1 
HETATM 14   C  "C5'" . GTP A 1 1  ? 17.410  23.225  22.038  1.00 106.30 ? 1   GTP A "C5'" 1 
HETATM 15   C  "C4'" . GTP A 1 1  ? 17.213  23.510  23.521  1.00 99.35  ? 1   GTP A "C4'" 1 
HETATM 16   O  "O4'" . GTP A 1 1  ? 17.544  24.837  23.876  1.00 99.66  ? 1   GTP A "O4'" 1 
HETATM 17   C  "C3'" . GTP A 1 1  ? 15.759  23.370  23.922  1.00 95.76  ? 1   GTP A "C3'" 1 
HETATM 18   O  "O3'" . GTP A 1 1  ? 15.352  22.022  24.036  1.00 95.06  ? 1   GTP A "O3'" 1 
HETATM 19   C  "C2'" . GTP A 1 1  ? 15.740  24.145  25.223  1.00 94.03  ? 1   GTP A "C2'" 1 
HETATM 20   O  "O2'" . GTP A 1 1  ? 16.174  23.308  26.268  1.00 87.70  ? 1   GTP A "O2'" 1 
HETATM 21   C  "C1'" . GTP A 1 1  ? 16.762  25.253  24.988  1.00 96.52  ? 1   GTP A "C1'" 1 
HETATM 22   N  N9    . GTP A 1 1  ? 16.096  26.537  24.655  1.00 95.29  ? 1   GTP A N9    1 
HETATM 23   C  C8    . GTP A 1 1  ? 16.426  27.351  23.598  1.00 98.10  ? 1   GTP A C8    1 
HETATM 24   N  N7    . GTP A 1 1  ? 15.625  28.442  23.602  1.00 91.52  ? 1   GTP A N7    1 
HETATM 25   C  C5    . GTP A 1 1  ? 14.788  28.351  24.656  1.00 87.10  ? 1   GTP A C5    1 
HETATM 26   C  C6    . GTP A 1 1  ? 13.779  29.194  25.116  1.00 83.43  ? 1   GTP A C6    1 
HETATM 27   O  O6    . GTP A 1 1  ? 13.520  30.246  24.524  1.00 81.38  ? 1   GTP A O6    1 
HETATM 28   N  N1    . GTP A 1 1  ? 13.068  28.838  26.246  1.00 80.34  ? 1   GTP A N1    1 
HETATM 29   C  C2    . GTP A 1 1  ? 13.360  27.657  26.906  1.00 83.44  ? 1   GTP A C2    1 
HETATM 30   N  N2    . GTP A 1 1  ? 12.675  27.315  27.993  1.00 81.14  ? 1   GTP A N2    1 
HETATM 31   N  N3    . GTP A 1 1  ? 14.364  26.828  26.443  1.00 88.66  ? 1   GTP A N3    1 
HETATM 32   C  C4    . GTP A 1 1  ? 15.073  27.164  25.333  1.00 90.13  ? 1   GTP A C4    1 
ATOM   33   P  P     . G   A 1 2  ? 14.305  21.493  22.832  1.00 100.23 ? 2   G   A P     1 
ATOM   34   O  OP1   . G   A 1 2  ? 14.041  20.045  22.603  1.00 95.95  ? 2   G   A OP1   1 
ATOM   35   O  OP2   . G   A 1 2  ? 14.363  22.415  21.665  1.00 95.58  ? 2   G   A OP2   1 
ATOM   36   O  "O5'" . G   A 1 2  ? 13.156  22.034  23.794  1.00 95.41  ? 2   G   A "O5'" 1 
ATOM   37   C  "C5'" . G   A 1 2  ? 12.849  21.381  25.017  1.00 89.60  ? 2   G   A "C5'" 1 
ATOM   38   C  "C4'" . G   A 1 2  ? 11.834  22.165  25.808  1.00 88.57  ? 2   G   A "C4'" 1 
ATOM   39   O  "O4'" . G   A 1 2  ? 12.357  23.489  26.099  1.00 90.36  ? 2   G   A "O4'" 1 
ATOM   40   C  "C3'" . G   A 1 2  ? 10.513  22.445  25.109  1.00 87.46  ? 2   G   A "C3'" 1 
ATOM   41   O  "O3'" . G   A 1 2  ? 9.619   21.349  25.121  1.00 87.81  ? 2   G   A "O3'" 1 
ATOM   42   C  "C2'" . G   A 1 2  ? 10.003  23.669  25.857  1.00 87.96  ? 2   G   A "C2'" 1 
ATOM   43   O  "O2'" . G   A 1 2  ? 9.470   23.307  27.125  1.00 88.31  ? 2   G   A "O2'" 1 
ATOM   44   C  "C1'" . G   A 1 2  ? 11.307  24.436  26.078  1.00 87.20  ? 2   G   A "C1'" 1 
ATOM   45   N  N9    . G   A 1 2  ? 11.553  25.383  24.975  1.00 85.48  ? 2   G   A N9    1 
ATOM   46   C  C8    . G   A 1 2  ? 12.490  25.296  23.975  1.00 87.21  ? 2   G   A C8    1 
ATOM   47   N  N7    . G   A 1 2  ? 12.438  26.296  23.136  1.00 86.73  ? 2   G   A N7    1 
ATOM   48   C  C5    . G   A 1 2  ? 11.397  27.085  23.611  1.00 82.18  ? 2   G   A C5    1 
ATOM   49   C  C6    . G   A 1 2  ? 10.866  28.308  23.116  1.00 77.97  ? 2   G   A C6    1 
ATOM   50   O  O6    . G   A 1 2  ? 11.228  28.956  22.123  1.00 76.65  ? 2   G   A O6    1 
ATOM   51   N  N1    . G   A 1 2  ? 9.805   28.758  23.904  1.00 75.38  ? 2   G   A N1    1 
ATOM   52   C  C2    . G   A 1 2  ? 9.323   28.119  25.031  1.00 78.92  ? 2   G   A C2    1 
ATOM   53   N  N2    . G   A 1 2  ? 8.296   28.704  25.668  1.00 72.40  ? 2   G   A N2    1 
ATOM   54   N  N3    . G   A 1 2  ? 9.813   26.982  25.501  1.00 80.34  ? 2   G   A N3    1 
ATOM   55   C  C4    . G   A 1 2  ? 10.839  26.531  24.744  1.00 82.70  ? 2   G   A C4    1 
ATOM   56   P  P     . G   A 1 3  ? 8.719   21.041  23.827  1.00 88.76  ? 3   G   A P     1 
ATOM   57   O  OP1   . G   A 1 3  ? 8.175   19.666  23.947  1.00 86.83  ? 3   G   A OP1   1 
ATOM   58   O  OP2   . G   A 1 3  ? 9.510   21.391  22.616  1.00 90.98  ? 3   G   A OP2   1 
ATOM   59   O  "O5'" . G   A 1 3  ? 7.500   22.055  23.982  1.00 83.54  ? 3   G   A "O5'" 1 
ATOM   60   C  "C5'" . G   A 1 3  ? 6.735   22.083  25.177  1.00 85.87  ? 3   G   A "C5'" 1 
ATOM   61   C  "C4'" . G   A 1 3  ? 5.851   23.302  25.239  1.00 82.25  ? 3   G   A "C4'" 1 
ATOM   62   O  "O4'" . G   A 1 3  ? 6.671   24.496  25.345  1.00 83.98  ? 3   G   A "O4'" 1 
ATOM   63   C  "C3'" . G   A 1 3  ? 4.994   23.566  24.012  1.00 78.52  ? 3   G   A "C3'" 1 
ATOM   64   O  "O3'" . G   A 1 3  ? 3.827   22.769  23.948  1.00 80.80  ? 3   G   A "O3'" 1 
ATOM   65   C  "C2'" . G   A 1 3  ? 4.710   25.051  24.128  1.00 78.08  ? 3   G   A "C2'" 1 
ATOM   66   O  "O2'" . G   A 1 3  ? 3.723   25.285  25.119  1.00 77.98  ? 3   G   A "O2'" 1 
ATOM   67   C  "C1'" . G   A 1 3  ? 6.052   25.564  24.653  1.00 79.45  ? 3   G   A "C1'" 1 
ATOM   68   N  N9    . G   A 1 3  ? 6.937   26.004  23.553  1.00 76.46  ? 3   G   A N9    1 
ATOM   69   C  C8    . G   A 1 3  ? 8.043   25.371  23.028  1.00 79.94  ? 3   G   A C8    1 
ATOM   70   N  N7    . G   A 1 3  ? 8.603   26.026  22.038  1.00 77.78  ? 3   G   A N7    1 
ATOM   71   C  C5    . G   A 1 3  ? 7.816   27.168  21.899  1.00 75.23  ? 3   G   A C5    1 
ATOM   72   C  C6    . G   A 1 3  ? 7.916   28.270  20.995  1.00 71.59  ? 3   G   A C6    1 
ATOM   73   O  O6    . G   A 1 3  ? 8.751   28.472  20.100  1.00 69.34  ? 3   G   A O6    1 
ATOM   74   N  N1    . G   A 1 3  ? 6.900   29.196  21.211  1.00 66.22  ? 3   G   A N1    1 
ATOM   75   C  C2    . G   A 1 3  ? 5.920   29.078  22.164  1.00 69.39  ? 3   G   A C2    1 
ATOM   76   N  N2    . G   A 1 3  ? 5.020   30.062  22.233  1.00 66.17  ? 3   G   A N2    1 
ATOM   77   N  N3    . G   A 1 3  ? 5.814   28.068  23.006  1.00 72.79  ? 3   G   A N3    1 
ATOM   78   C  C4    . G   A 1 3  ? 6.789   27.159  22.824  1.00 73.34  ? 3   G   A C4    1 
ATOM   79   P  P     . U   A 1 4  ? 3.331   22.229  22.520  1.00 87.25  ? 4   U   A P     1 
ATOM   80   O  OP1   . U   A 1 4  ? 2.128   21.363  22.656  1.00 79.10  ? 4   U   A OP1   1 
ATOM   81   O  OP2   . U   A 1 4  ? 4.559   21.724  21.843  1.00 81.58  ? 4   U   A OP2   1 
ATOM   82   O  "O5'" . U   A 1 4  ? 2.829   23.550  21.778  1.00 80.88  ? 4   U   A "O5'" 1 
ATOM   83   C  "C5'" . U   A 1 4  ? 1.710   24.276  22.263  1.00 71.82  ? 4   U   A "C5'" 1 
ATOM   84   C  "C4'" . U   A 1 4  ? 1.552   25.592  21.542  1.00 69.26  ? 4   U   A "C4'" 1 
ATOM   85   O  "O4'" . U   A 1 4  ? 2.770   26.371  21.674  1.00 74.02  ? 4   U   A "O4'" 1 
ATOM   86   C  "C3'" . U   A 1 4  ? 1.341   25.520  20.039  1.00 69.34  ? 4   U   A "C3'" 1 
ATOM   87   O  "O3'" . U   A 1 4  ? 0.019   25.172  19.671  1.00 69.88  ? 4   U   A "O3'" 1 
ATOM   88   C  "C2'" . U   A 1 4  ? 1.773   26.909  19.593  1.00 69.45  ? 4   U   A "C2'" 1 
ATOM   89   O  "O2'" . U   A 1 4  ? 0.788   27.874  19.936  1.00 65.80  ? 4   U   A "O2'" 1 
ATOM   90   C  "C1'" . U   A 1 4  ? 2.979   27.138  20.502  1.00 67.09  ? 4   U   A "C1'" 1 
ATOM   91   N  N1    . U   A 1 4  ? 4.257   26.712  19.875  1.00 68.70  ? 4   U   A N1    1 
ATOM   92   C  C2    . U   A 1 4  ? 4.849   27.581  18.976  1.00 66.52  ? 4   U   A C2    1 
ATOM   93   O  O2    . U   A 1 4  ? 4.352   28.655  18.695  1.00 64.14  ? 4   U   A O2    1 
ATOM   94   N  N3    . U   A 1 4  ? 6.034   27.142  18.415  1.00 65.99  ? 4   U   A N3    1 
ATOM   95   C  C4    . U   A 1 4  ? 6.679   25.941  18.661  1.00 70.58  ? 4   U   A C4    1 
ATOM   96   O  O4    . U   A 1 4  ? 7.746   25.674  18.086  1.00 71.13  ? 4   U   A O4    1 
ATOM   97   C  C5    . U   A 1 4  ? 5.998   25.096  19.602  1.00 70.70  ? 4   U   A C5    1 
ATOM   98   C  C6    . U   A 1 4  ? 4.848   25.497  20.155  1.00 70.38  ? 4   U   A C6    1 
ATOM   99   P  P     . G   A 1 5  ? -0.263  24.435  18.271  1.00 73.10  ? 5   G   A P     1 
ATOM   100  O  OP1   . G   A 1 5  ? -1.658  23.938  18.293  1.00 74.76  ? 5   G   A OP1   1 
ATOM   101  O  OP2   . G   A 1 5  ? 0.813   23.482  17.918  1.00 64.79  ? 5   G   A OP2   1 
ATOM   102  O  "O5'" . G   A 1 5  ? -0.218  25.636  17.234  1.00 70.99  ? 5   G   A "O5'" 1 
ATOM   103  C  "C5'" . G   A 1 5  ? -1.242  26.614  17.241  1.00 68.00  ? 5   G   A "C5'" 1 
ATOM   104  C  "C4'" . G   A 1 5  ? -0.968  27.714  16.250  1.00 65.41  ? 5   G   A "C4'" 1 
ATOM   105  O  "O4'" . G   A 1 5  ? 0.266   28.402  16.603  1.00 63.97  ? 5   G   A "O4'" 1 
ATOM   106  C  "C3'" . G   A 1 5  ? -0.743  27.293  14.803  1.00 60.73  ? 5   G   A "C3'" 1 
ATOM   107  O  "O3'" . G   A 1 5  ? -1.937  26.963  14.105  1.00 58.83  ? 5   G   A "O3'" 1 
ATOM   108  C  "C2'" . G   A 1 5  ? -0.003  28.502  14.251  1.00 63.23  ? 5   G   A "C2'" 1 
ATOM   109  O  "O2'" . G   A 1 5  ? -0.896  29.601  14.124  1.00 58.69  ? 5   G   A "O2'" 1 
ATOM   110  C  "C1'" . G   A 1 5  ? 0.930   28.817  15.422  1.00 63.92  ? 5   G   A "C1'" 1 
ATOM   111  N  N9    . G   A 1 5  ? 2.217   28.093  15.331  1.00 61.46  ? 5   G   A N9    1 
ATOM   112  C  C8    . G   A 1 5  ? 2.566   26.944  16.006  1.00 63.56  ? 5   G   A C8    1 
ATOM   113  N  N7    . G   A 1 5  ? 3.781   26.537  15.737  1.00 62.85  ? 5   G   A N7    1 
ATOM   114  C  C5    . G   A 1 5  ? 4.267   27.479  14.838  1.00 59.40  ? 5   G   A C5    1 
ATOM   115  C  C6    . G   A 1 5  ? 5.534   27.559  14.196  1.00 58.92  ? 5   G   A C6    1 
ATOM   116  O  O6    . G   A 1 5  ? 6.495   26.787  14.309  1.00 55.75  ? 5   G   A O6    1 
ATOM   117  N  N1    . G   A 1 5  ? 5.612   28.664  13.350  1.00 56.80  ? 5   G   A N1    1 
ATOM   118  C  C2    . G   A 1 5  ? 4.602   29.580  13.153  1.00 61.00  ? 5   G   A C2    1 
ATOM   119  N  N2    . G   A 1 5  ? 4.872   30.593  12.300  1.00 57.74  ? 5   G   A N2    1 
ATOM   120  N  N3    . G   A 1 5  ? 3.420   29.513  13.759  1.00 58.37  ? 5   G   A N3    1 
ATOM   121  C  C4    . G   A 1 5  ? 3.320   28.446  14.580  1.00 57.62  ? 5   G   A C4    1 
ATOM   122  P  P     . U   A 1 6  ? -1.962  25.753  13.043  1.00 62.62  ? 6   U   A P     1 
ATOM   123  O  OP1   . U   A 1 6  ? -3.349  25.639  12.532  1.00 67.31  ? 6   U   A OP1   1 
ATOM   124  O  OP2   . U   A 1 6  ? -1.287  24.546  13.602  1.00 65.29  ? 6   U   A OP2   1 
ATOM   125  O  "O5'" . U   A 1 6  ? -1.071  26.289  11.830  1.00 62.95  ? 6   U   A "O5'" 1 
ATOM   126  C  "C5'" . U   A 1 6  ? -1.465  27.453  11.109  1.00 63.33  ? 6   U   A "C5'" 1 
ATOM   127  C  "C4'" . U   A 1 6  ? -0.344  28.024  10.273  1.00 60.35  ? 6   U   A "C4'" 1 
ATOM   128  O  "O4'" . U   A 1 6  ? 0.782   28.405  11.117  1.00 58.46  ? 6   U   A "O4'" 1 
ATOM   129  C  "C3'" . U   A 1 6  ? 0.276   27.095  9.249   1.00 58.20  ? 6   U   A "C3'" 1 
ATOM   130  O  "O3'" . U   A 1 6  ? -0.493  26.957  8.066   1.00 60.25  ? 6   U   A "O3'" 1 
ATOM   131  C  "C2'" . U   A 1 6  ? 1.627   27.749  9.009   1.00 59.35  ? 6   U   A "C2'" 1 
ATOM   132  O  "O2'" . U   A 1 6  ? 1.453   28.927  8.242   1.00 58.24  ? 6   U   A "O2'" 1 
ATOM   133  C  "C1'" . U   A 1 6  ? 1.993   28.173  10.425  1.00 58.76  ? 6   U   A "C1'" 1 
ATOM   134  N  N1    . U   A 1 6  ? 2.761   27.116  11.127  1.00 58.18  ? 6   U   A N1    1 
ATOM   135  C  C2    . U   A 1 6  ? 4.098   26.997  10.807  1.00 58.21  ? 6   U   A C2    1 
ATOM   136  O  O2    . U   A 1 6  ? 4.649   27.718  9.985   1.00 57.88  ? 6   U   A O2    1 
ATOM   137  N  N3    . U   A 1 6  ? 4.771   26.011  11.493  1.00 58.26  ? 6   U   A N3    1 
ATOM   138  C  C4    . U   A 1 6  ? 4.250   25.139  12.431  1.00 57.71  ? 6   U   A C4    1 
ATOM   139  O  O4    . U   A 1 6  ? 4.978   24.299  12.956  1.00 56.68  ? 6   U   A O4    1 
ATOM   140  C  C5    . U   A 1 6  ? 2.856   25.311  12.691  1.00 57.33  ? 6   U   A C5    1 
ATOM   141  C  C6    . U   A 1 6  ? 2.185   26.275  12.052  1.00 58.71  ? 6   U   A C6    1 
ATOM   142  P  P     . G   A 1 7  ? -0.754  25.501  7.452   1.00 57.81  ? 7   G   A P     1 
ATOM   143  O  OP1   . G   A 1 7  ? -1.788  25.641  6.395   1.00 59.35  ? 7   G   A OP1   1 
ATOM   144  O  OP2   . G   A 1 7  ? -1.013  24.582  8.596   1.00 59.99  ? 7   G   A OP2   1 
ATOM   145  O  "O5'" . G   A 1 7  ? 0.640   25.106  6.787   1.00 59.96  ? 7   G   A "O5'" 1 
ATOM   146  C  "C5'" . G   A 1 7  ? 1.311   26.006  5.913   1.00 59.68  ? 7   G   A "C5'" 1 
ATOM   147  C  "C4'" . G   A 1 7  ? 2.765   25.647  5.771   1.00 56.20  ? 7   G   A "C4'" 1 
ATOM   148  O  "O4'" . G   A 1 7  ? 3.437   25.768  7.051   1.00 58.26  ? 7   G   A "O4'" 1 
ATOM   149  C  "C3'" . G   A 1 7  ? 3.028   24.222  5.333   1.00 57.61  ? 7   G   A "C3'" 1 
ATOM   150  O  "O3'" . G   A 1 7  ? 2.951   24.129  3.924   1.00 59.92  ? 7   G   A "O3'" 1 
ATOM   151  C  "C2'" . G   A 1 7  ? 4.412   23.923  5.904   1.00 59.18  ? 7   G   A "C2'" 1 
ATOM   152  O  "O2'" . G   A 1 7  ? 5.434   24.387  5.034   1.00 63.62  ? 7   G   A "O2'" 1 
ATOM   153  C  "C1'" . G   A 1 7  ? 4.421   24.762  7.185   1.00 59.28  ? 7   G   A "C1'" 1 
ATOM   154  N  N9    . G   A 1 7  ? 4.119   23.971  8.401   1.00 60.10  ? 7   G   A N9    1 
ATOM   155  C  C8    . G   A 1 7  ? 2.870   23.825  8.976   1.00 57.37  ? 7   G   A C8    1 
ATOM   156  N  N7    . G   A 1 7  ? 2.886   23.087  10.065  1.00 59.18  ? 7   G   A N7    1 
ATOM   157  C  C5    . G   A 1 7  ? 4.225   22.735  10.228  1.00 60.28  ? 7   G   A C5    1 
ATOM   158  C  C6    . G   A 1 7  ? 4.846   21.938  11.234  1.00 60.75  ? 7   G   A C6    1 
ATOM   159  O  O6    . G   A 1 7  ? 4.321   21.375  12.206  1.00 60.56  ? 7   G   A O6    1 
ATOM   160  N  N1    . G   A 1 7  ? 6.219   21.835  11.038  1.00 60.38  ? 7   G   A N1    1 
ATOM   161  C  C2    . G   A 1 7  ? 6.917   22.409  10.004  1.00 60.39  ? 7   G   A C2    1 
ATOM   162  N  N2    . G   A 1 7  ? 8.247   22.187  9.996   1.00 59.32  ? 7   G   A N2    1 
ATOM   163  N  N3    . G   A 1 7  ? 6.339   23.139  9.052   1.00 60.13  ? 7   G   A N3    1 
ATOM   164  C  C4    . G   A 1 7  ? 5.003   23.272  9.218   1.00 57.56  ? 7   G   A C4    1 
ATOM   165  P  P     . U   A 1 8  ? 3.250   22.773  3.141   1.00 58.16  ? 8   U   A P     1 
ATOM   166  O  OP1   . U   A 1 8  ? 2.247   22.693  2.049   1.00 58.74  ? 8   U   A OP1   1 
ATOM   167  O  OP2   . U   A 1 8  ? 3.433   21.676  4.140   1.00 61.36  ? 8   U   A OP2   1 
ATOM   168  O  "O5'" . U   A 1 8  ? 4.604   23.111  2.372   1.00 60.17  ? 8   U   A "O5'" 1 
ATOM   169  C  "C5'" . U   A 1 8  ? 4.745   24.398  1.797   1.00 61.58  ? 8   U   A "C5'" 1 
ATOM   170  C  "C4'" . U   A 1 8  ? 6.123   24.642  1.256   1.00 63.53  ? 8   U   A "C4'" 1 
ATOM   171  O  "O4'" . U   A 1 8  ? 7.079   24.803  2.333   1.00 66.86  ? 8   U   A "O4'" 1 
ATOM   172  C  "C3'" . U   A 1 8  ? 6.721   23.539  0.420   1.00 63.29  ? 8   U   A "C3'" 1 
ATOM   173  O  "O3'" . U   A 1 8  ? 6.174   23.497  -0.879  1.00 67.88  ? 8   U   A "O3'" 1 
ATOM   174  C  "C2'" . U   A 1 8  ? 8.205   23.880  0.447   1.00 64.71  ? 8   U   A "C2'" 1 
ATOM   175  O  "O2'" . U   A 1 8  ? 8.497   24.903  -0.492  1.00 68.24  ? 8   U   A "O2'" 1 
ATOM   176  C  "C1'" . U   A 1 8  ? 8.365   24.452  1.863   1.00 65.11  ? 8   U   A "C1'" 1 
ATOM   177  N  N1    . U   A 1 8  ? 8.989   23.503  2.806   1.00 63.51  ? 8   U   A N1    1 
ATOM   178  C  C2    . U   A 1 8  ? 10.318  23.203  2.596   1.00 65.99  ? 8   U   A C2    1 
ATOM   179  O  O2    . U   A 1 8  ? 10.958  23.671  1.665   1.00 70.52  ? 8   U   A O2    1 
ATOM   180  N  N3    . U   A 1 8  ? 10.864  22.318  3.492   1.00 64.31  ? 8   U   A N3    1 
ATOM   181  C  C4    . U   A 1 8  ? 10.231  21.722  4.559   1.00 63.85  ? 8   U   A C4    1 
ATOM   182  O  O4    . U   A 1 8  ? 10.866  20.951  5.284   1.00 65.36  ? 8   U   A O4    1 
ATOM   183  C  C5    . U   A 1 8  ? 8.858   22.097  4.720   1.00 62.04  ? 8   U   A C5    1 
ATOM   184  C  C6    . U   A 1 8  ? 8.299   22.960  3.860   1.00 62.45  ? 8   U   A C6    1 
ATOM   185  P  P     . A   A 1 9  ? 5.882   22.085  -1.578  1.00 64.63  ? 9   A   A P     1 
ATOM   186  O  OP1   . A   A 1 9  ? 5.407   22.399  -2.949  1.00 65.58  ? 9   A   A OP1   1 
ATOM   187  O  OP2   . A   A 1 9  ? 5.023   21.278  -0.654  1.00 64.41  ? 9   A   A OP2   1 
ATOM   188  O  "O5'" . A   A 1 9  ? 7.323   21.418  -1.701  1.00 68.74  ? 9   A   A "O5'" 1 
ATOM   189  C  "C5'" . A   A 1 9  ? 8.220   21.827  -2.724  1.00 71.86  ? 9   A   A "C5'" 1 
ATOM   190  C  "C4'" . A   A 1 9  ? 9.589   21.239  -2.526  1.00 68.16  ? 9   A   A "C4'" 1 
ATOM   191  O  "O4'" . A   A 1 9  ? 10.081  21.608  -1.211  1.00 70.47  ? 9   A   A "O4'" 1 
ATOM   192  C  "C3'" . A   A 1 9  ? 9.676   19.721  -2.534  1.00 72.35  ? 9   A   A "C3'" 1 
ATOM   193  O  "O3'" . A   A 1 9  ? 9.697   19.167  -3.841  1.00 80.54  ? 9   A   A "O3'" 1 
ATOM   194  C  "C2'" . A   A 1 9  ? 10.956  19.469  -1.755  1.00 70.64  ? 9   A   A "C2'" 1 
ATOM   195  O  "O2'" . A   A 1 9  ? 12.092  19.716  -2.566  1.00 75.94  ? 9   A   A "O2'" 1 
ATOM   196  C  "C1'" . A   A 1 9  ? 10.879  20.565  -0.691  1.00 72.26  ? 9   A   A "C1'" 1 
ATOM   197  N  N9    . A   A 1 9  ? 10.254  20.066  0.547   1.00 67.26  ? 9   A   A N9    1 
ATOM   198  C  C8    . A   A 1 9  ? 8.990   20.306  1.017   1.00 66.09  ? 9   A   A C8    1 
ATOM   199  N  N7    . A   A 1 9  ? 8.741   19.694  2.154   1.00 66.15  ? 9   A   A N7    1 
ATOM   200  C  C5    . A   A 1 9  ? 9.905   18.997  2.441   1.00 66.30  ? 9   A   A C5    1 
ATOM   201  C  C6    . A   A 1 9  ? 10.283  18.159  3.515   1.00 68.13  ? 9   A   A C6    1 
ATOM   202  N  N6    . A   A 1 9  ? 9.487   17.850  4.547   1.00 63.16  ? 9   A   A N6    1 
ATOM   203  N  N1    . A   A 1 9  ? 11.533  17.641  3.488   1.00 69.07  ? 9   A   A N1    1 
ATOM   204  C  C2    . A   A 1 9  ? 12.334  17.946  2.456   1.00 69.35  ? 9   A   A C2    1 
ATOM   205  N  N3    . A   A 1 9  ? 12.098  18.721  1.396   1.00 67.03  ? 9   A   A N3    1 
ATOM   206  C  C4    . A   A 1 9  ? 10.848  19.221  1.451   1.00 66.62  ? 9   A   A C4    1 
ATOM   207  P  P     . C   A 1 10 ? 8.631   18.044  -4.276  1.00 79.33  ? 10  C   A P     1 
ATOM   208  O  OP1   . C   A 1 10 ? 8.995   17.575  -5.641  1.00 84.04  ? 10  C   A OP1   1 
ATOM   209  O  OP2   . C   A 1 10 ? 7.256   18.579  -4.081  1.00 75.93  ? 10  C   A OP2   1 
ATOM   210  O  "O5'" . C   A 1 10 ? 8.879   16.855  -3.240  1.00 78.52  ? 10  C   A "O5'" 1 
ATOM   211  C  "C5'" . C   A 1 10 ? 10.056  16.063  -3.315  1.00 77.98  ? 10  C   A "C5'" 1 
ATOM   212  C  "C4'" . C   A 1 10 ? 10.407  15.432  -1.990  1.00 75.31  ? 10  C   A "C4'" 1 
ATOM   213  O  "O4'" . C   A 1 10 ? 10.267  16.408  -0.922  1.00 71.83  ? 10  C   A "O4'" 1 
ATOM   214  C  "C3'" . C   A 1 10 ? 9.533   14.278  -1.521  1.00 74.99  ? 10  C   A "C3'" 1 
ATOM   215  O  "O3'" . C   A 1 10 ? 9.792   13.047  -2.178  1.00 78.82  ? 10  C   A "O3'" 1 
ATOM   216  C  "C2'" . C   A 1 10 ? 9.815   14.258  -0.023  1.00 72.49  ? 10  C   A "C2'" 1 
ATOM   217  O  "O2'" . C   A 1 10 ? 11.099  13.711  0.252   1.00 73.01  ? 10  C   A "O2'" 1 
ATOM   218  C  "C1'" . C   A 1 10 ? 9.884   15.753  0.274   1.00 68.54  ? 10  C   A "C1'" 1 
ATOM   219  N  N1    . C   A 1 10 ? 8.578   16.277  0.726   1.00 66.65  ? 10  C   A N1    1 
ATOM   220  C  C2    . C   A 1 10 ? 8.229   16.035  2.058   1.00 67.95  ? 10  C   A C2    1 
ATOM   221  O  O2    . C   A 1 10 ? 9.026   15.400  2.779   1.00 69.00  ? 10  C   A O2    1 
ATOM   222  N  N3    . C   A 1 10 ? 7.048   16.501  2.536   1.00 64.78  ? 10  C   A N3    1 
ATOM   223  C  C4    . C   A 1 10 ? 6.217   17.165  1.732   1.00 63.29  ? 10  C   A C4    1 
ATOM   224  N  N4    . C   A 1 10 ? 5.056   17.594  2.251   1.00 57.87  ? 10  C   A N4    1 
ATOM   225  C  C5    . C   A 1 10 ? 6.558   17.423  0.368   1.00 65.77  ? 10  C   A C5    1 
ATOM   226  C  C6    . C   A 1 10 ? 7.734   16.969  -0.094  1.00 66.87  ? 10  C   A C6    1 
ATOM   227  P  P     . C   A 1 11 ? 8.567   12.099  -2.617  1.00 82.38  ? 11  C   A P     1 
ATOM   228  O  OP1   . C   A 1 11 ? 9.162   11.033  -3.468  1.00 86.91  ? 11  C   A OP1   1 
ATOM   229  O  OP2   . C   A 1 11 ? 7.445   12.936  -3.113  1.00 82.83  ? 11  C   A OP2   1 
ATOM   230  O  "O5'" . C   A 1 11 ? 8.056   11.438  -1.258  1.00 74.02  ? 11  C   A "O5'" 1 
ATOM   231  C  "C5'" . C   A 1 11 ? 8.863   10.485  -0.595  1.00 72.67  ? 11  C   A "C5'" 1 
ATOM   232  C  "C4'" . C   A 1 11 ? 8.553   10.367  0.874   1.00 70.93  ? 11  C   A "C4'" 1 
ATOM   233  O  "O4'" . C   A 1 11 ? 8.455   11.670  1.511   1.00 68.17  ? 11  C   A "O4'" 1 
ATOM   234  C  "C3'" . C   A 1 11 ? 7.249   9.703   1.258   1.00 66.30  ? 11  C   A "C3'" 1 
ATOM   235  O  "O3'" . C   A 1 11 ? 7.252   8.302   1.079   1.00 67.73  ? 11  C   A "O3'" 1 
ATOM   236  C  "C2'" . C   A 1 11 ? 7.123   10.120  2.714   1.00 66.57  ? 11  C   A "C2'" 1 
ATOM   237  O  "O2'" . C   A 1 11 ? 8.037   9.390   3.514   1.00 66.33  ? 11  C   A "O2'" 1 
ATOM   238  C  "C1'" . C   A 1 11 ? 7.617   11.565  2.647   1.00 64.59  ? 11  C   A "C1'" 1 
ATOM   239  N  N1    . C   A 1 11 ? 6.472   12.495  2.531   1.00 63.49  ? 11  C   A N1    1 
ATOM   240  C  C2    . C   A 1 11 ? 5.731   12.717  3.700   1.00 62.83  ? 11  C   A C2    1 
ATOM   241  O  O2    . C   A 1 11 ? 6.080   12.160  4.762   1.00 61.60  ? 11  C   A O2    1 
ATOM   242  N  N3    . C   A 1 11 ? 4.657   13.536  3.669   1.00 60.76  ? 11  C   A N3    1 
ATOM   243  C  C4    . C   A 1 11 ? 4.299   14.111  2.527   1.00 63.06  ? 11  C   A C4    1 
ATOM   244  N  N4    . C   A 1 11 ? 3.225   14.906  2.565   1.00 58.58  ? 11  C   A N4    1 
ATOM   245  C  C5    . C   A 1 11 ? 5.028   13.899  1.315   1.00 63.10  ? 11  C   A C5    1 
ATOM   246  C  C6    . C   A 1 11 ? 6.097   13.088  1.354   1.00 64.31  ? 11  C   A C6    1 
ATOM   247  P  P     . G   A 1 12 ? 5.875   7.551   0.734   1.00 64.86  ? 12  G   A P     1 
ATOM   248  O  OP1   . G   A 1 12 ? 6.204   6.247   0.118   1.00 77.99  ? 12  G   A OP1   1 
ATOM   249  O  OP2   . G   A 1 12 ? 5.011   8.520   0.018   1.00 65.01  ? 12  G   A OP2   1 
ATOM   250  O  "O5'" . G   A 1 12 ? 5.219   7.232   2.146   1.00 65.26  ? 12  G   A "O5'" 1 
ATOM   251  C  "C5'" . G   A 1 12 ? 6.026   6.841   3.246   1.00 65.39  ? 12  G   A "C5'" 1 
ATOM   252  C  "C4'" . G   A 1 12 ? 5.278   6.988   4.543   1.00 63.57  ? 12  G   A "C4'" 1 
ATOM   253  O  "O4'" . G   A 1 12 ? 5.220   8.387   4.932   1.00 65.63  ? 12  G   A "O4'" 1 
ATOM   254  C  "C3'" . G   A 1 12 ? 3.824   6.561   4.503   1.00 63.87  ? 12  G   A "C3'" 1 
ATOM   255  O  "O3'" . G   A 1 12 ? 3.660   5.159   4.618   1.00 64.68  ? 12  G   A "O3'" 1 
ATOM   256  C  "C2'" . G   A 1 12 ? 3.216   7.343   5.654   1.00 62.30  ? 12  G   A "C2'" 1 
ATOM   257  O  "O2'" . G   A 1 12 ? 3.534   6.727   6.891   1.00 61.45  ? 12  G   A "O2'" 1 
ATOM   258  C  "C1'" . G   A 1 12 ? 3.982   8.660   5.559   1.00 62.08  ? 12  G   A "C1'" 1 
ATOM   259  N  N9    . G   A 1 12 ? 3.246   9.654   4.750   1.00 59.71  ? 12  G   A N9    1 
ATOM   260  C  C8    . G   A 1 12 ? 3.538   10.064  3.475   1.00 60.07  ? 12  G   A C8    1 
ATOM   261  N  N7    . G   A 1 12 ? 2.700   10.956  3.022   1.00 59.48  ? 12  G   A N7    1 
ATOM   262  C  C5    . G   A 1 12 ? 1.796   11.155  4.053   1.00 60.32  ? 12  G   A C5    1 
ATOM   263  C  C6    . G   A 1 12 ? 0.673   12.014  4.140   1.00 56.24  ? 12  G   A C6    1 
ATOM   264  O  O6    . G   A 1 12 ? 0.251   12.790  3.280   1.00 57.62  ? 12  G   A O6    1 
ATOM   265  N  N1    . G   A 1 12 ? 0.026   11.907  5.372   1.00 55.29  ? 12  G   A N1    1 
ATOM   266  C  C2    . G   A 1 12 ? 0.438   11.073  6.392   1.00 58.76  ? 12  G   A C2    1 
ATOM   267  N  N2    . G   A 1 12 ? -0.285  11.078  7.522   1.00 55.26  ? 12  G   A N2    1 
ATOM   268  N  N3    . G   A 1 12 ? 1.487   10.271  6.324   1.00 57.05  ? 12  G   A N3    1 
ATOM   269  C  C4    . G   A 1 12 ? 2.120   10.358  5.133   1.00 61.04  ? 12  G   A C4    1 
ATOM   270  P  P     . U   A 1 13 ? 2.415   4.440   3.905   1.00 69.70  ? 13  U   A P     1 
ATOM   271  O  OP1   . U   A 1 13 ? 2.572   2.969   4.072   1.00 70.98  ? 13  U   A OP1   1 
ATOM   272  O  OP2   . U   A 1 13 ? 2.287   4.997   2.533   1.00 63.88  ? 13  U   A OP2   1 
ATOM   273  O  "O5'" . U   A 1 13 ? 1.150   4.933   4.747   1.00 64.31  ? 13  U   A "O5'" 1 
ATOM   274  C  "C5'" . U   A 1 13 ? 1.032   4.651   6.134   1.00 64.35  ? 13  U   A "C5'" 1 
ATOM   275  C  "C4'" . U   A 1 13 ? -0.199  5.282   6.737   1.00 62.16  ? 13  U   A "C4'" 1 
ATOM   276  O  "O4'" . U   A 1 13 ? -0.079  6.733   6.741   1.00 64.35  ? 13  U   A "O4'" 1 
ATOM   277  C  "C3'" . U   A 1 13 ? -1.501  5.027   6.003   1.00 63.26  ? 13  U   A "C3'" 1 
ATOM   278  O  "O3'" . U   A 1 13 ? -2.046  3.747   6.277   1.00 64.96  ? 13  U   A "O3'" 1 
ATOM   279  C  "C2'" . U   A 1 13 ? -2.373  6.186   6.463   1.00 62.57  ? 13  U   A "C2'" 1 
ATOM   280  O  "O2'" . U   A 1 13 ? -2.868  5.953   7.773   1.00 59.93  ? 13  U   A "O2'" 1 
ATOM   281  C  "C1'" . U   A 1 13 ? -1.346  7.320   6.527   1.00 62.07  ? 13  U   A "C1'" 1 
ATOM   282  N  N1    . U   A 1 13 ? -1.299  8.095   5.264   1.00 59.66  ? 13  U   A N1    1 
ATOM   283  C  C2    . U   A 1 13 ? -2.272  9.055   5.090   1.00 58.98  ? 13  U   A C2    1 
ATOM   284  O  O2    . U   A 1 13 ? -3.128  9.271   5.923   1.00 61.33  ? 13  U   A O2    1 
ATOM   285  N  N3    . U   A 1 13 ? -2.205  9.765   3.920   1.00 57.26  ? 13  U   A N3    1 
ATOM   286  C  C4    . U   A 1 13 ? -1.285  9.607   2.901   1.00 61.03  ? 13  U   A C4    1 
ATOM   287  O  O4    . U   A 1 13 ? -1.374  10.331  1.906   1.00 59.50  ? 13  U   A O4    1 
ATOM   288  C  C5    . U   A 1 13 ? -0.309  8.587   3.142   1.00 58.96  ? 13  U   A C5    1 
ATOM   289  C  C6    . U   A 1 13 ? -0.349  7.889   4.288   1.00 62.07  ? 13  U   A C6    1 
ATOM   290  P  P     . U   A 1 14 ? -3.076  3.076   5.236   1.00 68.90  ? 14  U   A P     1 
ATOM   291  O  OP1   . U   A 1 14 ? -2.615  1.698   4.899   1.00 73.83  ? 14  U   A OP1   1 
ATOM   292  O  OP2   . U   A 1 14 ? -3.335  4.043   4.145   1.00 72.44  ? 14  U   A OP2   1 
ATOM   293  O  "O5'" . U   A 1 14 ? -4.439  3.017   6.043   1.00 66.91  ? 14  U   A "O5'" 1 
ATOM   294  C  "C5'" . U   A 1 14 ? -4.557  2.289   7.253   1.00 70.76  ? 14  U   A "C5'" 1 
ATOM   295  C  "C4'" . U   A 1 14 ? -5.947  2.438   7.808   1.00 73.66  ? 14  U   A "C4'" 1 
ATOM   296  O  "O4'" . U   A 1 14 ? -6.120  3.806   8.244   1.00 70.60  ? 14  U   A "O4'" 1 
ATOM   297  C  "C3'" . U   A 1 14 ? -7.068  2.166   6.808   1.00 76.10  ? 14  U   A "C3'" 1 
ATOM   298  O  "O3'" . U   A 1 14 ? -8.180  1.590   7.478   1.00 86.24  ? 14  U   A "O3'" 1 
ATOM   299  C  "C2'" . U   A 1 14 ? -7.456  3.556   6.333   1.00 73.30  ? 14  U   A "C2'" 1 
ATOM   300  O  "O2'" . U   A 1 14 ? -8.790  3.659   5.877   1.00 75.86  ? 14  U   A "O2'" 1 
ATOM   301  C  "C1'" . U   A 1 14 ? -7.234  4.380   7.594   1.00 69.91  ? 14  U   A "C1'" 1 
ATOM   302  N  N1    . U   A 1 14 ? -6.929  5.779   7.303   1.00 64.54  ? 14  U   A N1    1 
ATOM   303  C  C2    . U   A 1 14 ? -7.578  6.727   8.050   1.00 62.62  ? 14  U   A C2    1 
ATOM   304  O  O2    . U   A 1 14 ? -8.355  6.453   8.953   1.00 65.43  ? 14  U   A O2    1 
ATOM   305  N  N3    . U   A 1 14 ? -7.267  8.015   7.708   1.00 62.64  ? 14  U   A N3    1 
ATOM   306  C  C4    . U   A 1 14 ? -6.403  8.433   6.714   1.00 60.92  ? 14  U   A C4    1 
ATOM   307  O  O4    . U   A 1 14 ? -6.244  9.647   6.542   1.00 59.90  ? 14  U   A O4    1 
ATOM   308  C  C5    . U   A 1 14 ? -5.778  7.376   5.979   1.00 64.43  ? 14  U   A C5    1 
ATOM   309  C  C6    . U   A 1 14 ? -6.063  6.103   6.285   1.00 63.40  ? 14  U   A C6    1 
ATOM   310  P  P     . C   A 1 15 ? -8.619  0.095   7.105   1.00 91.35  ? 15  C   A P     1 
ATOM   311  O  OP1   . C   A 1 15 ? -7.356  -0.701  7.089   1.00 88.51  ? 15  C   A OP1   1 
ATOM   312  O  OP2   . C   A 1 15 ? -9.468  0.134   5.880   1.00 84.70  ? 15  C   A OP2   1 
ATOM   313  O  "O5'" . C   A 1 15 ? -9.499  -0.330  8.360   1.00 91.92  ? 15  C   A "O5'" 1 
ATOM   314  C  "C5'" . C   A 1 15 ? -9.110  0.074   9.663   1.00 91.98  ? 15  C   A "C5'" 1 
ATOM   315  C  "C4'" . C   A 1 15 ? -8.873  -1.107  10.568  1.00 98.25  ? 15  C   A "C4'" 1 
ATOM   316  O  "O4'" . C   A 1 15 ? -8.339  -2.232  9.818   1.00 102.79 ? 15  C   A "O4'" 1 
ATOM   317  C  "C3'" . C   A 1 15 ? -7.848  -0.900  11.663  1.00 99.51  ? 15  C   A "C3'" 1 
ATOM   318  O  "O3'" . C   A 1 15 ? -8.328  -0.116  12.734  1.00 95.89  ? 15  C   A "O3'" 1 
ATOM   319  C  "C2'" . C   A 1 15 ? -7.471  -2.333  12.028  1.00 103.47 ? 15  C   A "C2'" 1 
ATOM   320  O  "O2'" . C   A 1 15 ? -8.485  -2.953  12.808  1.00 102.04 ? 15  C   A "O2'" 1 
ATOM   321  C  "C1'" . C   A 1 15 ? -7.473  -2.988  10.647  1.00 106.26 ? 15  C   A "C1'" 1 
ATOM   322  N  N1    . C   A 1 15 ? -6.113  -3.013  10.053  1.00 113.23 ? 15  C   A N1    1 
ATOM   323  C  C2    . C   A 1 15 ? -5.376  -4.208  10.167  1.00 116.82 ? 15  C   A C2    1 
ATOM   324  O  O2    . C   A 1 15 ? -5.891  -5.195  10.735  1.00 113.02 ? 15  C   A O2    1 
ATOM   325  N  N3    . C   A 1 15 ? -4.123  -4.255  9.640   1.00 117.52 ? 15  C   A N3    1 
ATOM   326  C  C4    . C   A 1 15 ? -3.598  -3.180  9.034   1.00 116.69 ? 15  C   A C4    1 
ATOM   327  N  N4    . C   A 1 15 ? -2.360  -3.286  8.537   1.00 118.36 ? 15  C   A N4    1 
ATOM   328  C  C5    . C   A 1 15 ? -4.322  -1.950  8.913   1.00 111.91 ? 15  C   A C5    1 
ATOM   329  C  C6    . C   A 1 15 ? -5.559  -1.911  9.434   1.00 108.93 ? 15  C   A C6    1 
ATOM   330  P  P     . A   A 1 16 ? -7.432  1.095   13.286  1.00 92.08  ? 16  A   A P     1 
ATOM   331  O  OP1   . A   A 1 16 ? -6.170  0.519   13.834  1.00 93.57  ? 16  A   A OP1   1 
ATOM   332  O  OP2   . A   A 1 16 ? -8.341  1.874   14.172  1.00 84.57  ? 16  A   A OP2   1 
ATOM   333  O  "O5'" . A   A 1 16 ? -7.021  1.923   11.980  1.00 87.15  ? 16  A   A "O5'" 1 
ATOM   334  C  "C5'" . A   A 1 16 ? -7.788  3.036   11.538  1.00 76.77  ? 16  A   A "C5'" 1 
ATOM   335  C  "C4'" . A   A 1 16 ? -7.587  4.235   12.434  1.00 74.04  ? 16  A   A "C4'" 1 
ATOM   336  O  "O4'" . A   A 1 16 ? -6.281  4.806   12.212  1.00 72.30  ? 16  A   A "O4'" 1 
ATOM   337  C  "C3'" . A   A 1 16 ? -8.540  5.394   12.215  1.00 71.06  ? 16  A   A "C3'" 1 
ATOM   338  O  "O3'" . A   A 1 16 ? -9.780  5.197   12.870  1.00 75.11  ? 16  A   A "O3'" 1 
ATOM   339  C  "C2'" . A   A 1 16 ? -7.763  6.596   12.750  1.00 68.24  ? 16  A   A "C2'" 1 
ATOM   340  O  "O2'" . A   A 1 16 ? -7.950  6.741   14.148  1.00 71.80  ? 16  A   A "O2'" 1 
ATOM   341  C  "C1'" . A   A 1 16 ? -6.312  6.192   12.486  1.00 65.62  ? 16  A   A "C1'" 1 
ATOM   342  N  N9    . A   A 1 16 ? -5.680  6.931   11.372  1.00 63.25  ? 16  A   A N9    1 
ATOM   343  C  C8    . A   A 1 16 ? -5.080  6.384   10.261  1.00 64.53  ? 16  A   A C8    1 
ATOM   344  N  N7    . A   A 1 16 ? -4.574  7.276   9.442   1.00 63.71  ? 16  A   A N7    1 
ATOM   345  C  C5    . A   A 1 16 ? -4.842  8.485   10.068  1.00 60.11  ? 16  A   A C5    1 
ATOM   346  C  C6    . A   A 1 16 ? -4.559  9.807   9.701   1.00 59.14  ? 16  A   A C6    1 
ATOM   347  N  N6    . A   A 1 16 ? -3.907  10.107  8.579   1.00 57.78  ? 16  A   A N6    1 
ATOM   348  N  N1    . A   A 1 16 ? -4.966  10.810  10.516  1.00 61.59  ? 16  A   A N1    1 
ATOM   349  C  C2    . A   A 1 16 ? -5.616  10.482  11.647  1.00 59.68  ? 16  A   A C2    1 
ATOM   350  N  N3    . A   A 1 16 ? -5.937  9.262   12.091  1.00 61.35  ? 16  A   A N3    1 
ATOM   351  C  C4    . A   A 1 16 ? -5.520  8.295   11.253  1.00 60.67  ? 16  A   A C4    1 
ATOM   352  P  P     . A   A 1 17 ? -11.118 5.816   12.237  1.00 75.64  ? 17  A   A P     1 
ATOM   353  O  OP1   . A   A 1 17 ? -12.306 5.350   12.998  1.00 76.45  ? 17  A   A OP1   1 
ATOM   354  O  OP2   . A   A 1 17 ? -11.012 5.530   10.781  1.00 67.49  ? 17  A   A OP2   1 
ATOM   355  O  "O5'" . A   A 1 17 ? -10.977 7.386   12.473  1.00 65.07  ? 17  A   A "O5'" 1 
ATOM   356  C  "C5'" . A   A 1 17 ? -11.049 7.949   13.770  1.00 70.25  ? 17  A   A "C5'" 1 
ATOM   357  C  "C4'" . A   A 1 17 ? -10.994 9.457   13.717  1.00 69.89  ? 17  A   A "C4'" 1 
ATOM   358  O  "O4'" . A   A 1 17 ? -9.682  9.906   13.285  1.00 65.89  ? 17  A   A "O4'" 1 
ATOM   359  C  "C3'" . A   A 1 17 ? -11.937 10.140  12.741  1.00 67.70  ? 17  A   A "C3'" 1 
ATOM   360  O  "O3'" . A   A 1 17 ? -13.273 10.205  13.205  1.00 71.23  ? 17  A   A "O3'" 1 
ATOM   361  C  "C2'" . A   A 1 17 ? -11.289 11.509  12.582  1.00 62.77  ? 17  A   A "C2'" 1 
ATOM   362  O  "O2'" . A   A 1 17 ? -11.559 12.312  13.718  1.00 68.73  ? 17  A   A "O2'" 1 
ATOM   363  C  "C1'" . A   A 1 17 ? -9.804  11.143  12.605  1.00 63.75  ? 17  A   A "C1'" 1 
ATOM   364  N  N9    . A   A 1 17 ? -9.243  11.018  11.238  1.00 63.33  ? 17  A   A N9    1 
ATOM   365  C  C8    . A   A 1 17 ? -8.866  9.893   10.549  1.00 60.61  ? 17  A   A C8    1 
ATOM   366  N  N7    . A   A 1 17 ? -8.398  10.141  9.342   1.00 61.72  ? 17  A   A N7    1 
ATOM   367  C  C5    . A   A 1 17 ? -8.478  11.527  9.230   1.00 59.31  ? 17  A   A C5    1 
ATOM   368  C  C6    . A   A 1 17 ? -8.139  12.422  8.196   1.00 57.96  ? 17  A   A C6    1 
ATOM   369  N  N6    . A   A 1 17 ? -7.629  12.042  7.017   1.00 57.95  ? 17  A   A N6    1 
ATOM   370  N  N1    . A   A 1 17 ? -8.344  13.742  8.411   1.00 56.08  ? 17  A   A N1    1 
ATOM   371  C  C2    . A   A 1 17 ? -8.860  14.126  9.589   1.00 59.54  ? 17  A   A C2    1 
ATOM   372  N  N3    . A   A 1 17 ? -9.218  13.375  10.636  1.00 59.27  ? 17  A   A N3    1 
ATOM   373  C  C4    . A   A 1 17 ? -8.994  12.072  10.390  1.00 59.41  ? 17  A   A C4    1 
ATOM   374  P  P     . C   A 1 18 ? -14.490 9.883   12.209  1.00 68.73  ? 18  C   A P     1 
ATOM   375  O  OP1   . C   A 1 18 ? -15.732 10.299  12.915  1.00 73.06  ? 18  C   A OP1   1 
ATOM   376  O  OP2   . C   A 1 18 ? -14.324 8.512   11.693  1.00 60.17  ? 18  C   A OP2   1 
ATOM   377  O  "O5'" . C   A 1 18 ? -14.255 10.867  10.975  1.00 62.38  ? 18  C   A "O5'" 1 
ATOM   378  C  "C5'" . C   A 1 18 ? -14.421 12.270  11.123  1.00 60.41  ? 18  C   A "C5'" 1 
ATOM   379  C  "C4'" . C   A 1 18 ? -13.907 13.001  9.908   1.00 62.66  ? 18  C   A "C4'" 1 
ATOM   380  O  "O4'" . C   A 1 18 ? -12.529 12.629  9.673   1.00 61.40  ? 18  C   A "O4'" 1 
ATOM   381  C  "C3'" . C   A 1 18 ? -14.601 12.686  8.593   1.00 57.72  ? 18  C   A "C3'" 1 
ATOM   382  O  "O3'" . C   A 1 18 ? -15.798 13.426  8.440   1.00 59.41  ? 18  C   A "O3'" 1 
ATOM   383  C  "C2'" . C   A 1 18 ? -13.535 13.054  7.565   1.00 59.20  ? 18  C   A "C2'" 1 
ATOM   384  O  "O2'" . C   A 1 18 ? -13.499 14.458  7.361   1.00 56.06  ? 18  C   A "O2'" 1 
ATOM   385  C  "C1'" . C   A 1 18 ? -12.256 12.648  8.291   1.00 58.99  ? 18  C   A "C1'" 1 
ATOM   386  N  N1    . C   A 1 18 ? -11.769 11.318  7.859   1.00 56.52  ? 18  C   A N1    1 
ATOM   387  C  C2    . C   A 1 18 ? -11.025 11.284  6.673   1.00 56.82  ? 18  C   A C2    1 
ATOM   388  O  O2    . C   A 1 18 ? -10.811 12.352  6.076   1.00 56.83  ? 18  C   A O2    1 
ATOM   389  N  N3    . C   A 1 18 ? -10.538 10.112  6.202   1.00 55.66  ? 18  C   A N3    1 
ATOM   390  C  C4    . C   A 1 18 ? -10.787 8.976   6.859   1.00 58.94  ? 18  C   A C4    1 
ATOM   391  N  N4    . C   A 1 18 ? -10.285 7.845   6.338   1.00 53.95  ? 18  C   A N4    1 
ATOM   392  C  C5    . C   A 1 18 ? -11.558 8.978   8.073   1.00 56.28  ? 18  C   A C5    1 
ATOM   393  C  C6    . C   A 1 18 ? -12.020 10.159  8.540   1.00 59.31  ? 18  C   A C6    1 
ATOM   394  P  P     . U   A 1 19 ? -16.803 13.140  7.225   1.00 58.80  ? 19  U   A P     1 
ATOM   395  O  OP1   . U   A 1 19 ? -16.064 13.197  5.934   1.00 62.88  ? 19  U   A OP1   1 
ATOM   396  O  OP2   . U   A 1 19 ? -17.980 14.011  7.435   1.00 62.89  ? 19  U   A OP2   1 
ATOM   397  O  "O5'" . U   A 1 19 ? -17.207 11.611  7.424   1.00 55.35  ? 19  U   A "O5'" 1 
ATOM   398  C  "C5'" . U   A 1 19 ? -17.853 11.180  8.612   1.00 56.80  ? 19  U   A "C5'" 1 
ATOM   399  C  "C4'" . U   A 1 19 ? -19.016 10.268  8.309   1.00 57.41  ? 19  U   A "C4'" 1 
ATOM   400  O  "O4'" . U   A 1 19 ? -20.103 11.048  7.751   1.00 59.57  ? 19  U   A "O4'" 1 
ATOM   401  C  "C3'" . U   A 1 19 ? -18.740 9.145   7.314   1.00 61.38  ? 19  U   A "C3'" 1 
ATOM   402  O  "O3'" . U   A 1 19 ? -19.426 7.973   7.738   1.00 58.89  ? 19  U   A "O3'" 1 
ATOM   403  C  "C2'" . U   A 1 19 ? -19.374 9.655   6.021   1.00 59.43  ? 19  U   A "C2'" 1 
ATOM   404  O  "O2'" . U   A 1 19 ? -19.805 8.628   5.152   1.00 59.33  ? 19  U   A "O2'" 1 
ATOM   405  C  "C1'" . U   A 1 19 ? -20.556 10.453  6.555   1.00 59.33  ? 19  U   A "C1'" 1 
ATOM   406  N  N1    . U   A 1 19 ? -21.033 11.534  5.680   1.00 60.39  ? 19  U   A N1    1 
ATOM   407  C  C2    . U   A 1 19 ? -22.400 11.679  5.587   1.00 63.86  ? 19  U   A C2    1 
ATOM   408  O  O2    . U   A 1 19 ? -23.172 10.930  6.176   1.00 64.77  ? 19  U   A O2    1 
ATOM   409  N  N3    . U   A 1 19 ? -22.826 12.712  4.786   1.00 62.38  ? 19  U   A N3    1 
ATOM   410  C  C4    . U   A 1 19 ? -22.042 13.614  4.089   1.00 68.28  ? 19  U   A C4    1 
ATOM   411  O  O4    . U   A 1 19 ? -22.579 14.502  3.408   1.00 69.47  ? 19  U   A O4    1 
ATOM   412  C  C5    . U   A 1 19 ? -20.633 13.401  4.244   1.00 64.42  ? 19  U   A C5    1 
ATOM   413  C  C6    . U   A 1 19 ? -20.194 12.393  5.013   1.00 64.42  ? 19  U   A C6    1 
ATOM   414  P  P     . C   A 1 20 ? -18.594 6.783   8.415   1.00 60.09  ? 20  C   A P     1 
ATOM   415  O  OP1   . C   A 1 20 ? -19.587 5.732   8.767   1.00 59.89  ? 20  C   A OP1   1 
ATOM   416  O  OP2   . C   A 1 20 ? -17.667 7.307   9.434   1.00 59.30  ? 20  C   A OP2   1 
ATOM   417  O  "O5'" . C   A 1 20 ? -17.665 6.270   7.233   1.00 60.82  ? 20  C   A "O5'" 1 
ATOM   418  C  "C5'" . C   A 1 20 ? -18.229 5.617   6.108   1.00 59.97  ? 20  C   A "C5'" 1 
ATOM   419  C  "C4'" . C   A 1 20 ? -17.346 4.486   5.675   1.00 58.72  ? 20  C   A "C4'" 1 
ATOM   420  O  "O4'" . C   A 1 20 ? -18.016 3.676   4.693   1.00 62.21  ? 20  C   A "O4'" 1 
ATOM   421  C  "C3'" . C   A 1 20 ? -16.035 4.876   5.011   1.00 58.69  ? 20  C   A "C3'" 1 
ATOM   422  O  "O3'" . C   A 1 20 ? -15.056 5.224   5.976   1.00 58.82  ? 20  C   A "O3'" 1 
ATOM   423  C  "C2'" . C   A 1 20 ? -15.678 3.620   4.224   1.00 63.78  ? 20  C   A "C2'" 1 
ATOM   424  O  "O2'" . C   A 1 20 ? -15.061 2.683   5.094   1.00 64.46  ? 20  C   A "O2'" 1 
ATOM   425  C  "C1'" . C   A 1 20 ? -17.063 3.083   3.835   1.00 63.65  ? 20  C   A "C1'" 1 
ATOM   426  N  N1    . C   A 1 20 ? -17.458 3.364   2.439   1.00 64.28  ? 20  C   A N1    1 
ATOM   427  C  C2    . C   A 1 20 ? -17.102 2.453   1.435   1.00 63.08  ? 20  C   A C2    1 
ATOM   428  O  O2    . C   A 1 20 ? -16.415 1.464   1.737   1.00 62.09  ? 20  C   A O2    1 
ATOM   429  N  N3    . C   A 1 20 ? -17.501 2.695   0.166   1.00 59.47  ? 20  C   A N3    1 
ATOM   430  C  C4    . C   A 1 20 ? -18.225 3.776   -0.133  1.00 63.57  ? 20  C   A C4    1 
ATOM   431  N  N4    . C   A 1 20 ? -18.589 3.967   -1.407  1.00 64.09  ? 20  C   A N4    1 
ATOM   432  C  C5    . C   A 1 20 ? -18.616 4.710   0.871   1.00 62.78  ? 20  C   A C5    1 
ATOM   433  C  C6    . C   A 1 20 ? -18.222 4.462   2.135   1.00 61.88  ? 20  C   A C6    1 
ATOM   434  P  P     . G   A 1 21 ? -13.688 5.963   5.565   1.00 62.18  ? 21  G   A P     1 
ATOM   435  O  OP1   . G   A 1 21 ? -13.101 5.277   4.383   1.00 56.31  ? 21  G   A OP1   1 
ATOM   436  O  OP2   . G   A 1 21 ? -12.912 6.114   6.813   1.00 59.94  ? 21  G   A OP2   1 
ATOM   437  O  "O5'" . G   A 1 21 ? -14.152 7.414   5.093   1.00 56.80  ? 21  G   A "O5'" 1 
ATOM   438  C  "C5'" . G   A 1 21 ? -14.789 8.320   5.977   1.00 53.97  ? 21  G   A "C5'" 1 
ATOM   439  C  "C4'" . G   A 1 21 ? -15.014 9.652   5.304   1.00 56.57  ? 21  G   A "C4'" 1 
ATOM   440  O  "O4'" . G   A 1 21 ? -13.772 10.394  5.216   1.00 57.56  ? 21  G   A "O4'" 1 
ATOM   441  C  "C3'" . G   A 1 21 ? -15.491 9.571   3.869   1.00 53.34  ? 21  G   A "C3'" 1 
ATOM   442  O  "O3'" . G   A 1 21 ? -16.873 9.336   3.804   1.00 53.99  ? 21  G   A "O3'" 1 
ATOM   443  C  "C2'" . G   A 1 21 ? -15.045 10.910  3.286   1.00 55.07  ? 21  G   A "C2'" 1 
ATOM   444  O  "O2'" . G   A 1 21 ? -15.898 11.971  3.695   1.00 56.03  ? 21  G   A "O2'" 1 
ATOM   445  C  "C1'" . G   A 1 21 ? -13.707 11.093  3.987   1.00 54.46  ? 21  G   A "C1'" 1 
ATOM   446  N  N9    . G   A 1 21 ? -12.599 10.518  3.212   1.00 53.56  ? 21  G   A N9    1 
ATOM   447  C  C8    . G   A 1 21 ? -11.963 9.332   3.480   1.00 52.50  ? 21  G   A C8    1 
ATOM   448  N  N7    . G   A 1 21 ? -10.998 9.090   2.636   1.00 55.82  ? 21  G   A N7    1 
ATOM   449  C  C5    . G   A 1 21 ? -10.996 10.178  1.764   1.00 54.36  ? 21  G   A C5    1 
ATOM   450  C  C6    . G   A 1 21 ? -10.177 10.462  0.640   1.00 53.82  ? 21  G   A C6    1 
ATOM   451  O  O6    . G   A 1 21 ? -9.245  9.797   0.158   1.00 53.85  ? 21  G   A O6    1 
ATOM   452  N  N1    . G   A 1 21 ? -10.533 11.661  0.045   1.00 53.91  ? 21  G   A N1    1 
ATOM   453  C  C2    . G   A 1 21 ? -11.536 12.489  0.475   1.00 57.26  ? 21  G   A C2    1 
ATOM   454  N  N2    . G   A 1 21 ? -11.703 13.599  -0.254  1.00 56.84  ? 21  G   A N2    1 
ATOM   455  N  N3    . G   A 1 21 ? -12.315 12.251  1.525   1.00 55.05  ? 21  G   A N3    1 
ATOM   456  C  C4    . G   A 1 21 ? -11.988 11.075  2.111   1.00 56.75  ? 21  G   A C4    1 
ATOM   457  P  P     . U   A 1 22 ? -17.490 8.487   2.602   1.00 55.83  ? 22  U   A P     1 
ATOM   458  O  OP1   . U   A 1 22 ? -18.920 8.392   2.999   1.00 54.14  ? 22  U   A OP1   1 
ATOM   459  O  OP2   . U   A 1 22 ? -16.701 7.275   2.266   1.00 55.13  ? 22  U   A OP2   1 
ATOM   460  O  "O5'" . U   A 1 22 ? -17.362 9.466   1.355   1.00 53.85  ? 22  U   A "O5'" 1 
ATOM   461  C  "C5'" . U   A 1 22 ? -18.074 10.691  1.336   1.00 56.63  ? 22  U   A "C5'" 1 
ATOM   462  C  "C4'" . U   A 1 22 ? -17.687 11.498  0.134   1.00 54.14  ? 22  U   A "C4'" 1 
ATOM   463  O  "O4'" . U   A 1 22 ? -16.290 11.863  0.250   1.00 54.33  ? 22  U   A "O4'" 1 
ATOM   464  C  "C3'" . U   A 1 22 ? -17.748 10.761  -1.187  1.00 55.51  ? 22  U   A "C3'" 1 
ATOM   465  O  "O3'" . U   A 1 22 ? -19.060 10.688  -1.725  1.00 61.36  ? 22  U   A "O3'" 1 
ATOM   466  C  "C2'" . U   A 1 22 ? -16.782 11.562  -2.038  1.00 57.24  ? 22  U   A "C2'" 1 
ATOM   467  O  "O2'" . U   A 1 22 ? -17.371 12.808  -2.374  1.00 55.90  ? 22  U   A "O2'" 1 
ATOM   468  C  "C1'" . U   A 1 22 ? -15.683 11.844  -1.024  1.00 54.57  ? 22  U   A "C1'" 1 
ATOM   469  N  N1    . U   A 1 22 ? -14.618 10.812  -1.022  1.00 52.94  ? 22  U   A N1    1 
ATOM   470  C  C2    . U   A 1 22 ? -13.632 10.933  -1.985  1.00 55.60  ? 22  U   A C2    1 
ATOM   471  O  O2    . U   A 1 22 ? -13.633 11.810  -2.839  1.00 57.60  ? 22  U   A O2    1 
ATOM   472  N  N3    . U   A 1 22 ? -12.655 9.972   -1.946  1.00 52.62  ? 22  U   A N3    1 
ATOM   473  C  C4    . U   A 1 22 ? -12.559 8.916   -1.062  1.00 55.87  ? 22  U   A C4    1 
ATOM   474  O  O4    . U   A 1 22 ? -11.599 8.145   -1.167  1.00 54.49  ? 22  U   A O4    1 
ATOM   475  C  C5    . U   A 1 22 ? -13.622 8.841   -0.093  1.00 53.44  ? 22  U   A C5    1 
ATOM   476  C  C6    . U   A 1 22 ? -14.579 9.786   -0.099  1.00 52.34  ? 22  U   A C6    1 
ATOM   477  P  P     . C   A 1 23 ? -19.535 9.387   -2.533  1.00 62.11  ? 23  C   A P     1 
ATOM   478  O  OP1   . C   A 1 23 ? -21.022 9.493   -2.641  1.00 64.52  ? 23  C   A OP1   1 
ATOM   479  O  OP2   . C   A 1 23 ? -18.925 8.158   -1.968  1.00 63.47  ? 23  C   A OP2   1 
ATOM   480  O  "O5'" . C   A 1 23 ? -18.848 9.547   -3.971  1.00 63.75  ? 23  C   A "O5'" 1 
ATOM   481  C  "C5'" . C   A 1 23 ? -19.169 10.649  -4.814  1.00 65.01  ? 23  C   A "C5'" 1 
ATOM   482  C  "C4'" . C   A 1 23 ? -18.181 10.810  -5.943  1.00 63.16  ? 23  C   A "C4'" 1 
ATOM   483  O  "O4'" . C   A 1 23 ? -16.858 11.089  -5.408  1.00 62.52  ? 23  C   A "O4'" 1 
ATOM   484  C  "C3'" . C   A 1 23 ? -17.960 9.593   -6.818  1.00 66.86  ? 23  C   A "C3'" 1 
ATOM   485  O  "O3'" . C   A 1 23 ? -18.988 9.397   -7.779  1.00 70.75  ? 23  C   A "O3'" 1 
ATOM   486  C  "C2'" . C   A 1 23 ? -16.591 9.878   -7.421  1.00 62.97  ? 23  C   A "C2'" 1 
ATOM   487  O  "O2'" . C   A 1 23 ? -16.687 10.877  -8.422  1.00 68.18  ? 23  C   A "O2'" 1 
ATOM   488  C  "C1'" . C   A 1 23 ? -15.873 10.499  -6.232  1.00 60.92  ? 23  C   A "C1'" 1 
ATOM   489  N  N1    . C   A 1 23 ? -15.131 9.485   -5.453  1.00 56.35  ? 23  C   A N1    1 
ATOM   490  C  C2    . C   A 1 23 ? -13.866 9.105   -5.933  1.00 60.86  ? 23  C   A C2    1 
ATOM   491  O  O2    . C   A 1 23 ? -13.430 9.638   -6.973  1.00 62.82  ? 23  C   A O2    1 
ATOM   492  N  N3    . C   A 1 23 ? -13.150 8.173   -5.261  1.00 57.92  ? 23  C   A N3    1 
ATOM   493  C  C4    . C   A 1 23 ? -13.652 7.624   -4.150  1.00 55.98  ? 23  C   A C4    1 
ATOM   494  N  N4    . C   A 1 23 ? -12.904 6.718   -3.527  1.00 55.79  ? 23  C   A N4    1 
ATOM   495  C  C5    . C   A 1 23 ? -14.938 7.972   -3.640  1.00 56.95  ? 23  C   A C5    1 
ATOM   496  C  C6    . C   A 1 23 ? -15.644 8.903   -4.320  1.00 57.77  ? 23  C   A C6    1 
ATOM   497  P  P     . C   A 1 24 ? -19.360 7.917   -8.274  1.00 70.06  ? 24  C   A P     1 
ATOM   498  O  OP1   . C   A 1 24 ? -20.551 8.103   -9.136  1.00 76.63  ? 24  C   A OP1   1 
ATOM   499  O  OP2   . C   A 1 24 ? -19.404 6.947   -7.152  1.00 70.87  ? 24  C   A OP2   1 
ATOM   500  O  "O5'" . C   A 1 24 ? -18.102 7.452   -9.136  1.00 65.83  ? 24  C   A "O5'" 1 
ATOM   501  C  "C5'" . C   A 1 24 ? -17.710 8.186   -10.280 1.00 68.58  ? 24  C   A "C5'" 1 
ATOM   502  C  "C4'" . C   A 1 24 ? -16.380 7.731   -10.825 1.00 70.44  ? 24  C   A "C4'" 1 
ATOM   503  O  "O4'" . C   A 1 24 ? -15.323 7.983   -9.864  1.00 69.61  ? 24  C   A "O4'" 1 
ATOM   504  C  "C3'" . C   A 1 24 ? -16.226 6.252   -11.136 1.00 73.38  ? 24  C   A "C3'" 1 
ATOM   505  O  "O3'" . C   A 1 24 ? -16.878 5.844   -12.332 1.00 75.78  ? 24  C   A "O3'" 1 
ATOM   506  C  "C2'" . C   A 1 24 ? -14.711 6.100   -11.173 1.00 71.43  ? 24  C   A "C2'" 1 
ATOM   507  O  "O2'" . C   A 1 24 ? -14.193 6.643   -12.381 1.00 74.17  ? 24  C   A "O2'" 1 
ATOM   508  C  "C1'" . C   A 1 24 ? -14.298 7.019   -10.020 1.00 67.25  ? 24  C   A "C1'" 1 
ATOM   509  N  N1    . C   A 1 24 ? -14.138 6.270   -8.748  1.00 63.64  ? 24  C   A N1    1 
ATOM   510  C  C2    . C   A 1 24 ? -12.931 5.590   -8.547  1.00 63.37  ? 24  C   A C2    1 
ATOM   511  O  O2    . C   A 1 24 ? -12.061 5.651   -9.431  1.00 65.38  ? 24  C   A O2    1 
ATOM   512  N  N3    . C   A 1 24 ? -12.735 4.874   -7.412  1.00 59.48  ? 24  C   A N3    1 
ATOM   513  C  C4    . C   A 1 24 ? -13.695 4.827   -6.498  1.00 59.22  ? 24  C   A C4    1 
ATOM   514  N  N4    . C   A 1 24 ? -13.434 4.113   -5.400  1.00 64.30  ? 24  C   A N4    1 
ATOM   515  C  C5    . C   A 1 24 ? -14.942 5.508   -6.661  1.00 59.46  ? 24  C   A C5    1 
ATOM   516  C  C6    . C   A 1 24 ? -15.123 6.216   -7.790  1.00 61.29  ? 24  C   A C6    1 
ATOM   517  P  P     . C   A 1 25 ? -17.461 4.348   -12.462 1.00 76.98  ? 25  C   A P     1 
ATOM   518  O  OP1   . C   A 1 25 ? -18.278 4.335   -13.702 1.00 80.08  ? 25  C   A OP1   1 
ATOM   519  O  OP2   . C   A 1 25 ? -18.132 3.924   -11.202 1.00 73.49  ? 25  C   A OP2   1 
ATOM   520  O  "O5'" . C   A 1 25 ? -16.153 3.444   -12.617 1.00 73.27  ? 25  C   A "O5'" 1 
ATOM   521  C  "C5'" . C   A 1 25 ? -15.278 3.612   -13.724 1.00 75.23  ? 25  C   A "C5'" 1 
ATOM   522  C  "C4'" . C   A 1 25 ? -13.968 2.868   -13.566 1.00 74.79  ? 25  C   A "C4'" 1 
ATOM   523  O  "O4'" . C   A 1 25 ? -13.232 3.343   -12.402 1.00 75.71  ? 25  C   A "O4'" 1 
ATOM   524  C  "C3'" . C   A 1 25 ? -14.028 1.364   -13.349 1.00 74.79  ? 25  C   A "C3'" 1 
ATOM   525  O  "O3'" . C   A 1 25 ? -14.327 0.628   -14.522 1.00 78.05  ? 25  C   A "O3'" 1 
ATOM   526  C  "C2'" . C   A 1 25 ? -12.639 1.078   -12.789 1.00 73.61  ? 25  C   A "C2'" 1 
ATOM   527  O  "O2'" . C   A 1 25 ? -11.657 1.152   -13.817 1.00 73.26  ? 25  C   A "O2'" 1 
ATOM   528  C  "C1'" . C   A 1 25 ? -12.446 2.285   -11.874 1.00 71.48  ? 25  C   A "C1'" 1 
ATOM   529  N  N1    . C   A 1 25 ? -12.889 1.992   -10.487 1.00 67.99  ? 25  C   A N1    1 
ATOM   530  C  C2    . C   A 1 25 ? -12.067 1.233   -9.630  1.00 65.63  ? 25  C   A C2    1 
ATOM   531  O  O2    . C   A 1 25 ? -10.967 0.811   -10.030 1.00 69.27  ? 25  C   A O2    1 
ATOM   532  N  N3    . C   A 1 25 ? -12.489 0.974   -8.372  1.00 62.34  ? 25  C   A N3    1 
ATOM   533  C  C4    . C   A 1 25 ? -13.674 1.423   -7.960  1.00 61.41  ? 25  C   A C4    1 
ATOM   534  N  N4    . C   A 1 25 ? -14.052 1.142   -6.712  1.00 62.25  ? 25  C   A N4    1 
ATOM   535  C  C5    . C   A 1 25 ? -14.533 2.187   -8.802  1.00 63.97  ? 25  C   A C5    1 
ATOM   536  C  C6    . C   A 1 25 ? -14.105 2.443   -10.044 1.00 66.82  ? 25  C   A C6    1 
ATOM   537  P  P     . A   A 1 26 ? -15.094 -0.782  -14.423 1.00 78.58  ? 26  A   A P     1 
ATOM   538  O  OP1   . A   A 1 26 ? -15.247 -1.198  -15.831 1.00 81.66  ? 26  A   A OP1   1 
ATOM   539  O  OP2   . A   A 1 26 ? -16.291 -0.686  -13.544 1.00 77.28  ? 26  A   A OP2   1 
ATOM   540  O  "O5'" . A   A 1 26 ? -14.079 -1.755  -13.671 1.00 72.19  ? 26  A   A "O5'" 1 
ATOM   541  C  "C5'" . A   A 1 26 ? -13.008 -2.362  -14.370 1.00 72.06  ? 26  A   A "C5'" 1 
ATOM   542  C  "C4'" . A   A 1 26 ? -12.021 -3.019  -13.437 1.00 72.50  ? 26  A   A "C4'" 1 
ATOM   543  O  "O4'" . A   A 1 26 ? -11.724 -2.150  -12.311 1.00 71.58  ? 26  A   A "O4'" 1 
ATOM   544  C  "C3'" . A   A 1 26 ? -12.439 -4.322  -12.770 1.00 70.20  ? 26  A   A "C3'" 1 
ATOM   545  O  "O3'" . A   A 1 26 ? -12.394 -5.444  -13.637 1.00 70.52  ? 26  A   A "O3'" 1 
ATOM   546  C  "C2'" . A   A 1 26 ? -11.448 -4.400  -11.616 1.00 70.21  ? 26  A   A "C2'" 1 
ATOM   547  O  "O2'" . A   A 1 26 ? -10.158 -4.746  -12.092 1.00 73.92  ? 26  A   A "O2'" 1 
ATOM   548  C  "C1'" . A   A 1 26 ? -11.391 -2.941  -11.183 1.00 68.32  ? 26  A   A "C1'" 1 
ATOM   549  N  N9    . A   A 1 26 ? -12.332 -2.666  -10.076 1.00 68.63  ? 26  A   A N9    1 
ATOM   550  C  C8    . A   A 1 26 ? -13.515 -1.960  -10.083 1.00 67.35  ? 26  A   A C8    1 
ATOM   551  N  N7    . A   A 1 26 ? -14.109 -1.912  -8.914  1.00 64.42  ? 26  A   A N7    1 
ATOM   552  C  C5    . A   A 1 26 ? -13.264 -2.646  -8.087  1.00 67.63  ? 26  A   A C5    1 
ATOM   553  C  C6    . A   A 1 26 ? -13.323 -2.973  -6.720  1.00 65.03  ? 26  A   A C6    1 
ATOM   554  N  N6    . A   A 1 26 ? -14.309 -2.581  -5.907  1.00 64.42  ? 26  A   A N6    1 
ATOM   555  N  N1    . A   A 1 26 ? -12.315 -3.709  -6.211  1.00 65.66  ? 26  A   A N1    1 
ATOM   556  C  C2    . A   A 1 26 ? -11.314 -4.100  -7.014  1.00 66.54  ? 26  A   A C2    1 
ATOM   557  N  N3    . A   A 1 26 ? -11.145 -3.862  -8.313  1.00 65.96  ? 26  A   A N3    1 
ATOM   558  C  C4    . A   A 1 26 ? -12.166 -3.117  -8.788  1.00 66.55  ? 26  A   A C4    1 
ATOM   559  P  P     . G   A 1 27 ? -13.349 -6.726  -13.408 1.00 72.38  ? 27  G   A P     1 
ATOM   560  O  OP1   . G   A 1 27 ? -13.291 -7.522  -14.660 1.00 76.48  ? 27  G   A OP1   1 
ATOM   561  O  OP2   . G   A 1 27 ? -14.683 -6.314  -12.888 1.00 65.66  ? 27  G   A OP2   1 
ATOM   562  O  "O5'" . G   A 1 27 ? -12.604 -7.572  -12.280 1.00 68.47  ? 27  G   A "O5'" 1 
ATOM   563  C  "C5'" . G   A 1 27 ? -11.212 -7.851  -12.368 1.00 70.36  ? 27  G   A "C5'" 1 
ATOM   564  C  "C4'" . G   A 1 27 ? -10.696 -8.414  -11.071 1.00 69.77  ? 27  G   A "C4'" 1 
ATOM   565  O  "O4'" . G   A 1 27 ? -10.758 -7.401  -10.039 1.00 72.47  ? 27  G   A "O4'" 1 
ATOM   566  C  "C3'" . G   A 1 27 ? -11.503 -9.568  -10.512 1.00 67.95  ? 27  G   A "C3'" 1 
ATOM   567  O  "O3'" . G   A 1 27 ? -11.100 -10.793 -11.070 1.00 66.55  ? 27  G   A "O3'" 1 
ATOM   568  C  "C2'" . G   A 1 27 ? -11.238 -9.491  -9.021  1.00 66.49  ? 27  G   A "C2'" 1 
ATOM   569  O  "O2'" . G   A 1 27 ? -9.981  -10.088 -8.727  1.00 64.54  ? 27  G   A "O2'" 1 
ATOM   570  C  "C1'" . G   A 1 27 ? -11.120 -7.985  -8.809  1.00 69.94  ? 27  G   A "C1'" 1 
ATOM   571  N  N9    . G   A 1 27 ? -12.359 -7.327  -8.332  1.00 67.82  ? 27  G   A N9    1 
ATOM   572  C  C8    . G   A 1 27 ? -13.227 -6.556  -9.074  1.00 66.38  ? 27  G   A C8    1 
ATOM   573  N  N7    . G   A 1 27 ? -14.207 -6.048  -8.372  1.00 65.42  ? 27  G   A N7    1 
ATOM   574  C  C5    . G   A 1 27 ? -13.962 -6.501  -7.085  1.00 63.15  ? 27  G   A C5    1 
ATOM   575  C  C6    . G   A 1 27 ? -14.682 -6.273  -5.882  1.00 68.31  ? 27  G   A C6    1 
ATOM   576  O  O6    . G   A 1 27 ? -15.712 -5.605  -5.705  1.00 66.46  ? 27  G   A O6    1 
ATOM   577  N  N1    . G   A 1 27 ? -14.092 -6.919  -4.795  1.00 66.83  ? 27  G   A N1    1 
ATOM   578  C  C2    . G   A 1 27 ? -12.951 -7.678  -4.860  1.00 66.12  ? 27  G   A C2    1 
ATOM   579  N  N2    . G   A 1 27 ? -12.552 -8.205  -3.692  1.00 64.10  ? 27  G   A N2    1 
ATOM   580  N  N3    . G   A 1 27 ? -12.263 -7.898  -5.978  1.00 66.15  ? 27  G   A N3    1 
ATOM   581  C  C4    . G   A 1 27 ? -12.821 -7.277  -7.039  1.00 64.43  ? 27  G   A C4    1 
ATOM   582  P  P     . C   A 1 28 ? -12.172 -11.958 -11.279 1.00 72.38  ? 28  C   A P     1 
ATOM   583  O  OP1   . C   A 1 28 ? -11.495 -12.958 -12.143 1.00 71.56  ? 28  C   A OP1   1 
ATOM   584  O  OP2   . C   A 1 28 ? -13.497 -11.408 -11.647 1.00 68.54  ? 28  C   A OP2   1 
ATOM   585  O  "O5'" . C   A 1 28 ? -12.372 -12.528 -9.809  1.00 71.15  ? 28  C   A "O5'" 1 
ATOM   586  C  "C5'" . C   A 1 28 ? -11.274 -12.956 -9.016  1.00 65.73  ? 28  C   A "C5'" 1 
ATOM   587  C  "C4'" . C   A 1 28 ? -11.751 -13.370 -7.649  1.00 68.91  ? 28  C   A "C4'" 1 
ATOM   588  O  "O4'" . C   A 1 28 ? -12.335 -12.216 -6.963  1.00 66.54  ? 28  C   A "O4'" 1 
ATOM   589  C  "C3'" . C   A 1 28 ? -12.834 -14.450 -7.653  1.00 64.06  ? 28  C   A "C3'" 1 
ATOM   590  O  "O3'" . C   A 1 28 ? -12.682 -15.253 -6.489  1.00 66.85  ? 28  C   A "O3'" 1 
ATOM   591  C  "C2'" . C   A 1 28 ? -14.112 -13.632 -7.514  1.00 65.52  ? 28  C   A "C2'" 1 
ATOM   592  O  "O2'" . C   A 1 28 ? -15.223 -14.330 -6.996  1.00 66.20  ? 28  C   A "O2'" 1 
ATOM   593  C  "C1'" . C   A 1 28 ? -13.656 -12.531 -6.565  1.00 65.60  ? 28  C   A "C1'" 1 
ATOM   594  N  N1    . C   A 1 28 ? -14.502 -11.331 -6.627  1.00 65.93  ? 28  C   A N1    1 
ATOM   595  C  C2    . C   A 1 28 ? -14.963 -10.798 -5.423  1.00 66.91  ? 28  C   A C2    1 
ATOM   596  O  O2    . C   A 1 28 ? -14.596 -11.329 -4.358  1.00 63.63  ? 28  C   A O2    1 
ATOM   597  N  N3    . C   A 1 28 ? -15.762 -9.705  -5.457  1.00 65.82  ? 28  C   A N3    1 
ATOM   598  C  C4    . C   A 1 28 ? -16.121 -9.173  -6.629  1.00 64.70  ? 28  C   A C4    1 
ATOM   599  N  N4    . C   A 1 28 ? -16.918 -8.105  -6.604  1.00 62.94  ? 28  C   A N4    1 
ATOM   600  C  C5    . C   A 1 28 ? -15.673 -9.701  -7.875  1.00 65.75  ? 28  C   A C5    1 
ATOM   601  C  C6    . C   A 1 28 ? -14.876 -10.782 -7.827  1.00 67.98  ? 28  C   A C6    1 
ATOM   602  P  P     . U   A 1 29 ? -11.547 -16.377 -6.412  1.00 66.20  ? 29  U   A P     1 
ATOM   603  O  OP1   . U   A 1 29 ? -10.522 -15.992 -5.435  1.00 63.80  ? 29  U   A OP1   1 
ATOM   604  O  OP2   . U   A 1 29 ? -11.204 -16.747 -7.808  1.00 70.35  ? 29  U   A OP2   1 
ATOM   605  O  "O5'" . U   A 1 29 ? -12.303 -17.613 -5.774  1.00 65.52  ? 29  U   A "O5'" 1 
ATOM   606  C  "C5'" . U   A 1 29 ? -13.338 -18.260 -6.489  1.00 65.42  ? 29  U   A "C5'" 1 
ATOM   607  C  "C4'" . U   A 1 29 ? -14.104 -19.152 -5.564  1.00 64.86  ? 29  U   A "C4'" 1 
ATOM   608  O  "O4'" . U   A 1 29 ? -13.178 -20.059 -4.911  1.00 63.67  ? 29  U   A "O4'" 1 
ATOM   609  C  "C3'" . U   A 1 29 ? -14.777 -18.433 -4.413  1.00 61.75  ? 29  U   A "C3'" 1 
ATOM   610  O  "O3'" . U   A 1 29 ? -16.012 -17.867 -4.795  1.00 62.51  ? 29  U   A "O3'" 1 
ATOM   611  C  "C2'" . U   A 1 29 ? -14.895 -19.529 -3.360  1.00 61.58  ? 29  U   A "C2'" 1 
ATOM   612  O  "O2'" . U   A 1 29 ? -15.976 -20.405 -3.658  1.00 59.23  ? 29  U   A "O2'" 1 
ATOM   613  C  "C1'" . U   A 1 29 ? -13.592 -20.296 -3.585  1.00 61.94  ? 29  U   A "C1'" 1 
ATOM   614  N  N1    . U   A 1 29 ? -12.516 -19.856 -2.677  1.00 58.78  ? 29  U   A N1    1 
ATOM   615  C  C2    . U   A 1 29 ? -12.574 -20.374 -1.404  1.00 60.43  ? 29  U   A C2    1 
ATOM   616  O  O2    . U   A 1 29 ? -13.471 -21.126 -1.049  1.00 59.86  ? 29  U   A O2    1 
ATOM   617  N  N3    . U   A 1 29 ? -11.567 -19.981 -0.566  1.00 60.36  ? 29  U   A N3    1 
ATOM   618  C  C4    . U   A 1 29 ? -10.517 -19.135 -0.874  1.00 61.71  ? 29  U   A C4    1 
ATOM   619  O  O4    . U   A 1 29 ? -9.689  -18.871 0.009   1.00 59.80  ? 29  U   A O4    1 
ATOM   620  C  C5    . U   A 1 29 ? -10.520 -18.652 -2.225  1.00 58.38  ? 29  U   A C5    1 
ATOM   621  C  C6    . U   A 1 29 ? -11.497 -19.026 -3.068  1.00 59.79  ? 29  U   A C6    1 
ATOM   622  P  P     . U   A 1 30 ? -16.414 -16.396 -4.312  1.00 63.55  ? 30  U   A P     1 
ATOM   623  O  OP1   . U   A 1 30 ? -17.806 -16.204 -4.785  1.00 64.03  ? 30  U   A OP1   1 
ATOM   624  O  OP2   . U   A 1 30 ? -15.346 -15.412 -4.677  1.00 64.57  ? 30  U   A OP2   1 
ATOM   625  O  "O5'" . U   A 1 30 ? -16.346 -16.507 -2.730  1.00 63.53  ? 30  U   A "O5'" 1 
ATOM   626  C  "C5'" . U   A 1 30 ? -17.334 -17.233 -2.004  1.00 66.61  ? 30  U   A "C5'" 1 
ATOM   627  C  "C4'" . U   A 1 30 ? -17.639 -16.565 -0.689  1.00 66.54  ? 30  U   A "C4'" 1 
ATOM   628  O  "O4'" . U   A 1 30 ? -16.515 -16.746 0.211   1.00 63.74  ? 30  U   A "O4'" 1 
ATOM   629  C  "C3'" . U   A 1 30 ? -17.877 -15.059 -0.764  1.00 64.76  ? 30  U   A "C3'" 1 
ATOM   630  O  "O3'" . U   A 1 30 ? -18.798 -14.699 0.259   1.00 68.86  ? 30  U   A "O3'" 1 
ATOM   631  C  "C2'" . U   A 1 30 ? -16.510 -14.488 -0.414  1.00 62.86  ? 30  U   A "C2'" 1 
ATOM   632  O  "O2'" . U   A 1 30 ? -16.537 -13.175 0.101   1.00 63.62  ? 30  U   A "O2'" 1 
ATOM   633  C  "C1'" . U   A 1 30 ? -16.035 -15.483 0.633   1.00 65.53  ? 30  U   A "C1'" 1 
ATOM   634  N  N1    . U   A 1 30 ? -14.578 -15.561 0.758   1.00 64.27  ? 30  U   A N1    1 
ATOM   635  C  C2    . U   A 1 30 ? -14.069 -15.285 1.994   1.00 61.52  ? 30  U   A C2    1 
ATOM   636  O  O2    . U   A 1 30 ? -14.787 -14.987 2.929   1.00 63.34  ? 30  U   A O2    1 
ATOM   637  N  N3    . U   A 1 30 ? -12.707 -15.372 2.088   1.00 66.44  ? 30  U   A N3    1 
ATOM   638  C  C4    . U   A 1 30 ? -11.822 -15.702 1.074   1.00 64.77  ? 30  U   A C4    1 
ATOM   639  O  O4    . U   A 1 30 ? -10.611 -15.733 1.319   1.00 64.93  ? 30  U   A O4    1 
ATOM   640  C  C5    . U   A 1 30 ? -12.438 -15.980 -0.190  1.00 63.92  ? 30  U   A C5    1 
ATOM   641  C  C6    . U   A 1 30 ? -13.769 -15.899 -0.307  1.00 65.60  ? 30  U   A C6    1 
ATOM   642  P  P     . C   A 1 31 ? -20.301 -14.297 -0.130  1.00 69.82  ? 31  C   A P     1 
ATOM   643  O  OP1   . C   A 1 31 ? -20.975 -13.979 1.162   1.00 74.66  ? 31  C   A OP1   1 
ATOM   644  O  OP2   . C   A 1 31 ? -20.880 -15.287 -1.064  1.00 63.27  ? 31  C   A OP2   1 
ATOM   645  O  "O5'" . C   A 1 31 ? -20.111 -12.940 -0.940  1.00 69.53  ? 31  C   A "O5'" 1 
ATOM   646  C  "C5'" . C   A 1 31 ? -19.832 -11.717 -0.261  1.00 67.80  ? 31  C   A "C5'" 1 
ATOM   647  C  "C4'" . C   A 1 31 ? -20.422 -10.548 -1.008  1.00 67.99  ? 31  C   A "C4'" 1 
ATOM   648  O  "O4'" . C   A 1 31 ? -19.610 -10.284 -2.183  1.00 66.30  ? 31  C   A "O4'" 1 
ATOM   649  C  "C3'" . C   A 1 31 ? -21.844 -10.777 -1.520  1.00 68.35  ? 31  C   A "C3'" 1 
ATOM   650  O  "O3'" . C   A 1 31 ? -22.558 -9.541  -1.535  1.00 72.22  ? 31  C   A "O3'" 1 
ATOM   651  C  "C2'" . C   A 1 31 ? -21.606 -11.240 -2.948  1.00 66.77  ? 31  C   A "C2'" 1 
ATOM   652  O  "O2'" . C   A 1 31 ? -22.694 -11.065 -3.828  1.00 69.98  ? 31  C   A "O2'" 1 
ATOM   653  C  "C1'" . C   A 1 31 ? -20.414 -10.383 -3.342  1.00 64.36  ? 31  C   A "C1'" 1 
ATOM   654  N  N1    . C   A 1 31 ? -19.606 -10.964 -4.414  1.00 66.89  ? 31  C   A N1    1 
ATOM   655  C  C2    . C   A 1 31 ? -19.717 -10.424 -5.694  1.00 66.64  ? 31  C   A C2    1 
ATOM   656  O  O2    . C   A 1 31 ? -20.487 -9.468  -5.861  1.00 66.31  ? 31  C   A O2    1 
ATOM   657  N  N3    . C   A 1 31 ? -18.983 -10.958 -6.695  1.00 63.92  ? 31  C   A N3    1 
ATOM   658  C  C4    . C   A 1 31 ? -18.163 -11.984 -6.439  1.00 65.51  ? 31  C   A C4    1 
ATOM   659  N  N4    . C   A 1 31 ? -17.442 -12.490 -7.444  1.00 67.06  ? 31  C   A N4    1 
ATOM   660  C  C5    . C   A 1 31 ? -18.039 -12.556 -5.142  1.00 64.73  ? 31  C   A C5    1 
ATOM   661  C  C6    . C   A 1 31 ? -18.780 -12.020 -4.165  1.00 67.74  ? 31  C   A C6    1 
ATOM   662  P  P     . G   A 1 32 ? -23.272 -8.990  -0.199  1.00 72.09  ? 32  G   A P     1 
ATOM   663  O  OP1   . G   A 1 32 ? -23.965 -10.104 0.504   1.00 69.21  ? 32  G   A OP1   1 
ATOM   664  O  OP2   . G   A 1 32 ? -24.059 -7.807  -0.608  1.00 70.85  ? 32  G   A OP2   1 
ATOM   665  O  "O5'" . G   A 1 32 ? -22.062 -8.522  0.737   1.00 67.84  ? 32  G   A "O5'" 1 
ATOM   666  C  "C5'" . G   A 1 32 ? -21.894 -9.070  2.043   1.00 63.65  ? 32  G   A "C5'" 1 
ATOM   667  C  "C4'" . G   A 1 32 ? -20.611 -8.602  2.681   1.00 64.99  ? 32  G   A "C4'" 1 
ATOM   668  O  "O4'" . G   A 1 32 ? -19.495 -9.001  1.845   1.00 67.71  ? 32  G   A "O4'" 1 
ATOM   669  C  "C3'" . G   A 1 32 ? -20.474 -7.093  2.821   1.00 66.82  ? 32  G   A "C3'" 1 
ATOM   670  O  "O3'" . G   A 1 32 ? -21.036 -6.602  4.027   1.00 66.53  ? 32  G   A "O3'" 1 
ATOM   671  C  "C2'" . G   A 1 32 ? -18.974 -6.861  2.719   1.00 68.20  ? 32  G   A "C2'" 1 
ATOM   672  O  "O2'" . G   A 1 32 ? -18.345 -7.105  3.970   1.00 68.85  ? 32  G   A "O2'" 1 
ATOM   673  C  "C1'" . G   A 1 32 ? -18.561 -7.949  1.733   1.00 65.88  ? 32  G   A "C1'" 1 
ATOM   674  N  N9    . G   A 1 32 ? -18.608 -7.504  0.330   1.00 67.17  ? 32  G   A N9    1 
ATOM   675  C  C8    . G   A 1 32 ? -19.338 -6.486  -0.243  1.00 66.56  ? 32  G   A C8    1 
ATOM   676  N  N7    . G   A 1 32 ? -19.172 -6.418  -1.545  1.00 68.72  ? 32  G   A N7    1 
ATOM   677  C  C5    . G   A 1 32 ? -18.302 -7.458  -1.852  1.00 67.10  ? 32  G   A C5    1 
ATOM   678  C  C6    . G   A 1 32 ? -17.750 -7.887  -3.084  1.00 67.02  ? 32  G   A C6    1 
ATOM   679  O  O6    . G   A 1 32 ? -17.912 -7.434  -4.215  1.00 67.18  ? 32  G   A O6    1 
ATOM   680  N  N1    . G   A 1 32 ? -16.919 -8.985  -2.931  1.00 66.99  ? 32  G   A N1    1 
ATOM   681  C  C2    . G   A 1 32 ? -16.642 -9.598  -1.741  1.00 68.04  ? 32  G   A C2    1 
ATOM   682  N  N2    . G   A 1 32 ? -15.813 -10.651 -1.800  1.00 70.58  ? 32  G   A N2    1 
ATOM   683  N  N3    . G   A 1 32 ? -17.139 -9.211  -0.585  1.00 66.05  ? 32  G   A N3    1 
ATOM   684  C  C4    . G   A 1 32 ? -17.953 -8.142  -0.709  1.00 68.76  ? 32  G   A C4    1 
ATOM   685  P  P     . A   A 1 33 ? -22.318 -5.641  3.975   1.00 61.02  ? 33  A   A P     1 
ATOM   686  O  OP1   . A   A 1 33 ? -22.638 -5.335  5.391   1.00 64.83  ? 33  A   A OP1   1 
ATOM   687  O  OP2   . A   A 1 33 ? -23.335 -6.208  3.054   1.00 63.84  ? 33  A   A OP2   1 
ATOM   688  O  "O5'" . A   A 1 33 ? -21.785 -4.347  3.207   1.00 60.42  ? 33  A   A "O5'" 1 
ATOM   689  C  "C5'" . A   A 1 33 ? -20.686 -3.601  3.712   1.00 61.21  ? 33  A   A "C5'" 1 
ATOM   690  C  "C4'" . A   A 1 33 ? -19.908 -2.955  2.594   1.00 64.89  ? 33  A   A "C4'" 1 
ATOM   691  O  "O4'" . A   A 1 33 ? -20.649 -1.824  2.073   1.00 57.80  ? 33  A   A "O4'" 1 
ATOM   692  C  "C3'" . A   A 1 33 ? -18.554 -2.380  2.981   1.00 65.83  ? 33  A   A "C3'" 1 
ATOM   693  O  "O3'" . A   A 1 33 ? -17.538 -3.359  2.929   1.00 66.67  ? 33  A   A "O3'" 1 
ATOM   694  C  "C2'" . A   A 1 33 ? -18.345 -1.260  1.972   1.00 66.07  ? 33  A   A "C2'" 1 
ATOM   695  O  "O2'" . A   A 1 33 ? -17.880 -1.777  0.729   1.00 60.46  ? 33  A   A "O2'" 1 
ATOM   696  C  "C1'" . A   A 1 33 ? -19.774 -0.759  1.780   1.00 63.24  ? 33  A   A "C1'" 1 
ATOM   697  N  N9    . A   A 1 33 ? -20.101 0.350   2.688   1.00 66.89  ? 33  A   A N9    1 
ATOM   698  C  C8    . A   A 1 33 ? -19.914 0.452   4.054   1.00 62.31  ? 33  A   A C8    1 
ATOM   699  N  N7    . A   A 1 33 ? -20.332 1.588   4.563   1.00 69.69  ? 33  A   A N7    1 
ATOM   700  C  C5    . A   A 1 33 ? -20.829 2.255   3.444   1.00 67.00  ? 33  A   A C5    1 
ATOM   701  C  C6    . A   A 1 33 ? -21.415 3.517   3.302   1.00 67.22  ? 33  A   A C6    1 
ATOM   702  N  N6    . A   A 1 33 ? -21.604 4.323   4.350   1.00 68.91  ? 33  A   A N6    1 
ATOM   703  N  N1    . A   A 1 33 ? -21.804 3.897   2.055   1.00 65.27  ? 33  A   A N1    1 
ATOM   704  C  C2    . A   A 1 33 ? -21.600 3.053   1.030   1.00 65.41  ? 33  A   A C2    1 
ATOM   705  N  N3    . A   A 1 33 ? -21.059 1.832   1.037   1.00 64.92  ? 33  A   A N3    1 
ATOM   706  C  C4    . A   A 1 33 ? -20.701 1.504   2.290   1.00 65.80  ? 33  A   A C4    1 
ATOM   707  P  P     . C   A 1 34 ? -16.337 -3.293  3.976   1.00 77.73  ? 34  C   A P     1 
ATOM   708  O  OP1   . C   A 1 34 ? -16.946 -3.651  5.285   1.00 73.46  ? 34  C   A OP1   1 
ATOM   709  O  OP2   . C   A 1 34 ? -15.634 -1.986  3.801   1.00 65.99  ? 34  C   A OP2   1 
ATOM   710  O  "O5'" . C   A 1 34 ? -15.377 -4.482  3.530   1.00 70.08  ? 34  C   A "O5'" 1 
ATOM   711  C  "C5'" . C   A 1 34 ? -15.414 -5.737  4.192   1.00 69.27  ? 34  C   A "C5'" 1 
ATOM   712  C  "C4'" . C   A 1 34 ? -14.596 -6.769  3.456   1.00 66.61  ? 34  C   A "C4'" 1 
ATOM   713  O  "O4'" . C   A 1 34 ? -15.394 -7.325  2.378   1.00 71.34  ? 34  C   A "O4'" 1 
ATOM   714  C  "C3'" . C   A 1 34 ? -13.334 -6.260  2.764   1.00 68.68  ? 34  C   A "C3'" 1 
ATOM   715  O  "O3'" . C   A 1 34 ? -12.213 -6.133  3.626   1.00 69.84  ? 34  C   A "O3'" 1 
ATOM   716  C  "C2'" . C   A 1 34 ? -13.131 -7.277  1.656   1.00 68.91  ? 34  C   A "C2'" 1 
ATOM   717  O  "O2'" . C   A 1 34 ? -12.548 -8.457  2.182   1.00 72.70  ? 34  C   A "O2'" 1 
ATOM   718  C  "C1'" . C   A 1 34 ? -14.580 -7.586  1.256   1.00 69.59  ? 34  C   A "C1'" 1 
ATOM   719  N  N1    . C   A 1 34 ? -15.054 -6.736  0.137   1.00 65.59  ? 34  C   A N1    1 
ATOM   720  C  C2    . C   A 1 34 ? -14.718 -7.056  -1.182  1.00 68.38  ? 34  C   A C2    1 
ATOM   721  O  O2    . C   A 1 34 ? -14.021 -8.065  -1.399  1.00 65.93  ? 34  C   A O2    1 
ATOM   722  N  N3    . C   A 1 34 ? -15.180 -6.259  -2.182  1.00 65.88  ? 34  C   A N3    1 
ATOM   723  C  C4    . C   A 1 34 ? -15.930 -5.185  -1.900  1.00 66.97  ? 34  C   A C4    1 
ATOM   724  N  N4    . C   A 1 34 ? -16.369 -4.417  -2.901  1.00 66.77  ? 34  C   A N4    1 
ATOM   725  C  C5    . C   A 1 34 ? -16.287 -4.839  -0.568  1.00 66.02  ? 34  C   A C5    1 
ATOM   726  C  C6    . C   A 1 34 ? -15.830 -5.638  0.401   1.00 68.38  ? 34  C   A C6    1 
ATOM   727  P  P     . U   A 1 35 ? -11.118 -4.978  3.365   1.00 71.20  ? 35  U   A P     1 
ATOM   728  O  OP1   . U   A 1 35 ? -10.160 -4.975  4.492   1.00 72.79  ? 35  U   A OP1   1 
ATOM   729  O  OP2   . U   A 1 35 ? -11.833 -3.719  3.023   1.00 66.70  ? 35  U   A OP2   1 
ATOM   730  O  "O5'" . U   A 1 35 ? -10.347 -5.452  2.052   1.00 75.07  ? 35  U   A "O5'" 1 
ATOM   731  C  "C5'" . U   A 1 35 ? -9.627  -6.676  2.009   1.00 71.64  ? 35  U   A "C5'" 1 
ATOM   732  C  "C4'" . U   A 1 35 ? -9.070  -6.937  0.631   1.00 67.76  ? 35  U   A "C4'" 1 
ATOM   733  O  "O4'" . U   A 1 35 ? -10.152 -7.248  -0.288  1.00 70.76  ? 35  U   A "O4'" 1 
ATOM   734  C  "C3'" . U   A 1 35 ? -8.368  -5.765  -0.039  1.00 71.60  ? 35  U   A "C3'" 1 
ATOM   735  O  "O3'" . U   A 1 35 ? -7.049  -5.542  0.415   1.00 74.49  ? 35  U   A "O3'" 1 
ATOM   736  C  "C2'" . U   A 1 35 ? -8.444  -6.141  -1.507  1.00 70.79  ? 35  U   A "C2'" 1 
ATOM   737  O  "O2'" . U   A 1 35 ? -7.511  -7.172  -1.789  1.00 73.47  ? 35  U   A "O2'" 1 
ATOM   738  C  "C1'" . U   A 1 35 ? -9.847  -6.738  -1.576  1.00 67.21  ? 35  U   A "C1'" 1 
ATOM   739  N  N1    . U   A 1 35 ? -10.857 -5.715  -1.937  1.00 68.01  ? 35  U   A N1    1 
ATOM   740  C  C2    . U   A 1 35 ? -11.027 -5.404  -3.279  1.00 66.69  ? 35  U   A C2    1 
ATOM   741  O  O2    . U   A 1 35 ? -10.395 -5.929  -4.182  1.00 66.35  ? 35  U   A O2    1 
ATOM   742  N  N3    . U   A 1 35 ? -11.978 -4.447  -3.534  1.00 65.35  ? 35  U   A N3    1 
ATOM   743  C  C4    . U   A 1 35 ? -12.762 -3.775  -2.616  1.00 65.94  ? 35  U   A C4    1 
ATOM   744  O  O4    . U   A 1 35 ? -13.577 -2.947  -3.018  1.00 61.86  ? 35  U   A O4    1 
ATOM   745  C  C5    . U   A 1 35 ? -12.525 -4.138  -1.251  1.00 66.26  ? 35  U   A C5    1 
ATOM   746  C  C6    . U   A 1 35 ? -11.606 -5.070  -0.967  1.00 69.14  ? 35  U   A C6    1 
ATOM   747  P  P     . G   A 1 36 ? -6.473  -4.042  0.417   1.00 81.50  ? 36  G   A P     1 
ATOM   748  O  OP1   . G   A 1 36 ? -5.186  -4.022  1.163   1.00 74.07  ? 36  G   A OP1   1 
ATOM   749  O  OP2   . G   A 1 36 ? -7.587  -3.171  0.871   1.00 75.26  ? 36  G   A OP2   1 
ATOM   750  O  "O5'" . G   A 1 36 ? -6.182  -3.748  -1.127  1.00 74.20  ? 36  G   A "O5'" 1 
ATOM   751  C  "C5'" . G   A 1 36 ? -5.231  -4.522  -1.846  1.00 77.53  ? 36  G   A "C5'" 1 
ATOM   752  C  "C4'" . G   A 1 36 ? -5.260  -4.239  -3.329  1.00 74.37  ? 36  G   A "C4'" 1 
ATOM   753  O  "O4'" . G   A 1 36 ? -6.554  -4.605  -3.883  1.00 78.15  ? 36  G   A "O4'" 1 
ATOM   754  C  "C3'" . G   A 1 36 ? -5.102  -2.792  -3.754  1.00 73.96  ? 36  G   A "C3'" 1 
ATOM   755  O  "O3'" . G   A 1 36 ? -3.779  -2.301  -3.693  1.00 78.80  ? 36  G   A "O3'" 1 
ATOM   756  C  "C2'" . G   A 1 36 ? -5.669  -2.817  -5.158  1.00 73.85  ? 36  G   A "C2'" 1 
ATOM   757  O  "O2'" . G   A 1 36 ? -4.766  -3.462  -6.042  1.00 79.61  ? 36  G   A "O2'" 1 
ATOM   758  C  "C1'" . G   A 1 36 ? -6.870  -3.732  -4.954  1.00 75.38  ? 36  G   A "C1'" 1 
ATOM   759  N  N9    . G   A 1 36 ? -8.060  -2.937  -4.603  1.00 70.79  ? 36  G   A N9    1 
ATOM   760  C  C8    . G   A 1 36 ? -8.629  -2.738  -3.369  1.00 69.11  ? 36  G   A C8    1 
ATOM   761  N  N7    . G   A 1 36 ? -9.675  -1.948  -3.419  1.00 69.84  ? 36  G   A N7    1 
ATOM   762  C  C5    . G   A 1 36 ? -9.798  -1.592  -4.758  1.00 68.00  ? 36  G   A C5    1 
ATOM   763  C  C6    . G   A 1 36 ? -10.746 -0.761  -5.424  1.00 67.07  ? 36  G   A C6    1 
ATOM   764  O  O6    . G   A 1 36 ? -11.716 -0.145  -4.957  1.00 65.65  ? 36  G   A O6    1 
ATOM   765  N  N1    . G   A 1 36 ? -10.488 -0.692  -6.792  1.00 69.41  ? 36  G   A N1    1 
ATOM   766  C  C2    . G   A 1 36 ? -9.458  -1.332  -7.447  1.00 69.68  ? 36  G   A C2    1 
ATOM   767  N  N2    . G   A 1 36 ? -9.377  -1.127  -8.769  1.00 67.31  ? 36  G   A N2    1 
ATOM   768  N  N3    . G   A 1 36 ? -8.571  -2.115  -6.840  1.00 71.11  ? 36  G   A N3    1 
ATOM   769  C  C4    . G   A 1 36 ? -8.798  -2.194  -5.503  1.00 71.32  ? 36  G   A C4    1 
ATOM   770  P  P     . G   A 1 37 ? -3.538  -0.742  -3.395  1.00 87.34  ? 37  G   A P     1 
ATOM   771  O  OP1   . G   A 1 37 ? -2.091  -0.561  -3.114  1.00 90.15  ? 37  G   A OP1   1 
ATOM   772  O  OP2   . G   A 1 37 ? -4.554  -0.272  -2.413  1.00 81.91  ? 37  G   A OP2   1 
ATOM   773  O  "O5'" . G   A 1 37 ? -3.879  -0.027  -4.774  1.00 78.29  ? 37  G   A "O5'" 1 
ATOM   774  C  "C5'" . G   A 1 37 ? -3.274  -0.453  -5.980  1.00 73.75  ? 37  G   A "C5'" 1 
ATOM   775  C  "C4'" . G   A 1 37 ? -3.884  0.249   -7.157  1.00 72.04  ? 37  G   A "C4'" 1 
ATOM   776  O  "O4'" . G   A 1 37 ? -5.259  -0.180  -7.329  1.00 73.11  ? 37  G   A "O4'" 1 
ATOM   777  C  "C3'" . G   A 1 37 ? -3.997  1.757   -7.046  1.00 72.26  ? 37  G   A "C3'" 1 
ATOM   778  O  "O3'" . G   A 1 37 ? -2.779  2.434   -7.284  1.00 75.67  ? 37  G   A "O3'" 1 
ATOM   779  C  "C2'" . G   A 1 37 ? -5.081  2.071   -8.063  1.00 71.90  ? 37  G   A "C2'" 1 
ATOM   780  O  "O2'" . G   A 1 37 ? -4.556  2.007   -9.381  1.00 69.77  ? 37  G   A "O2'" 1 
ATOM   781  C  "C1'" . G   A 1 37 ? -6.026  0.886   -7.851  1.00 68.74  ? 37  G   A "C1'" 1 
ATOM   782  N  N9    . G   A 1 37 ? -7.092  1.225   -6.891  1.00 67.79  ? 37  G   A N9    1 
ATOM   783  C  C8    . G   A 1 37 ? -7.192  0.927   -5.552  1.00 69.03  ? 37  G   A C8    1 
ATOM   784  N  N7    . G   A 1 37 ? -8.272  1.423   -4.999  1.00 68.31  ? 37  G   A N7    1 
ATOM   785  C  C5    . G   A 1 37 ? -8.916  2.094   -6.036  1.00 65.30  ? 37  G   A C5    1 
ATOM   786  C  C6    . G   A 1 37 ? -10.134 2.828   -6.074  1.00 64.95  ? 37  G   A C6    1 
ATOM   787  O  O6    . G   A 1 37 ? -10.929 3.047   -5.153  1.00 66.35  ? 37  G   A O6    1 
ATOM   788  N  N1    . G   A 1 37 ? -10.403 3.346   -7.342  1.00 63.39  ? 37  G   A N1    1 
ATOM   789  C  C2    . G   A 1 37 ? -9.586  3.168   -8.439  1.00 66.56  ? 37  G   A C2    1 
ATOM   790  N  N2    . G   A 1 37 ? -9.980  3.719   -9.605  1.00 66.51  ? 37  G   A N2    1 
ATOM   791  N  N3    . G   A 1 37 ? -8.453  2.485   -8.414  1.00 66.67  ? 37  G   A N3    1 
ATOM   792  C  C4    . G   A 1 37 ? -8.188  1.980   -7.198  1.00 66.38  ? 37  G   A C4    1 
ATOM   793  P  P     . G   A 1 38 ? -2.538  3.880   -6.629  1.00 71.69  ? 38  G   A P     1 
ATOM   794  O  OP1   . G   A 1 38 ? -1.111  4.247   -6.836  1.00 75.15  ? 38  G   A OP1   1 
ATOM   795  O  OP2   . G   A 1 38 ? -3.083  3.869   -5.253  1.00 74.73  ? 38  G   A OP2   1 
ATOM   796  O  "O5'" . G   A 1 38 ? -3.458  4.856   -7.495  1.00 71.06  ? 38  G   A "O5'" 1 
ATOM   797  C  "C5'" . G   A 1 38 ? -3.196  5.079   -8.873  1.00 71.29  ? 38  G   A "C5'" 1 
ATOM   798  C  "C4'" . G   A 1 38 ? -4.268  5.917   -9.534  1.00 70.14  ? 38  G   A "C4'" 1 
ATOM   799  O  "O4'" . G   A 1 38 ? -5.549  5.230   -9.470  1.00 72.41  ? 38  G   A "O4'" 1 
ATOM   800  C  "C3'" . G   A 1 38 ? -4.554  7.280   -8.915  1.00 72.19  ? 38  G   A "C3'" 1 
ATOM   801  O  "O3'" . G   A 1 38 ? -3.610  8.274   -9.287  1.00 71.81  ? 38  G   A "O3'" 1 
ATOM   802  C  "C2'" . G   A 1 38 ? -5.968  7.563   -9.410  1.00 72.08  ? 38  G   A "C2'" 1 
ATOM   803  O  "O2'" . G   A 1 38 ? -5.949  7.950   -10.775 1.00 73.16  ? 38  G   A "O2'" 1 
ATOM   804  C  "C1'" . G   A 1 38 ? -6.595  6.172   -9.325  1.00 68.48  ? 38  G   A "C1'" 1 
ATOM   805  N  N9    . G   A 1 38 ? -7.263  5.956   -8.019  1.00 67.26  ? 38  G   A N9    1 
ATOM   806  C  C8    . G   A 1 38 ? -6.806  5.207   -6.957  1.00 65.43  ? 38  G   A C8    1 
ATOM   807  N  N7    . G   A 1 38 ? -7.612  5.218   -5.931  1.00 63.94  ? 38  G   A N7    1 
ATOM   808  C  C5    . G   A 1 38 ? -8.666  6.023   -6.330  1.00 60.75  ? 38  G   A C5    1 
ATOM   809  C  C6    . G   A 1 38 ? -9.840  6.403   -5.636  1.00 60.54  ? 38  G   A C6    1 
ATOM   810  O  O6    . G   A 1 38 ? -10.176 6.096   -4.481  1.00 61.67  ? 38  G   A O6    1 
ATOM   811  N  N1    . G   A 1 38 ? -10.640 7.235   -6.406  1.00 57.93  ? 38  G   A N1    1 
ATOM   812  C  C2    . G   A 1 38 ? -10.342 7.641   -7.683  1.00 61.76  ? 38  G   A C2    1 
ATOM   813  N  N2    . G   A 1 38 ? -11.221 8.448   -8.295  1.00 60.24  ? 38  G   A N2    1 
ATOM   814  N  N3    . G   A 1 38 ? -9.250  7.297   -8.332  1.00 65.04  ? 38  G   A N3    1 
ATOM   815  C  C4    . G   A 1 38 ? -8.459  6.493   -7.605  1.00 63.74  ? 38  G   A C4    1 
ATOM   816  P  P     . A   A 1 39 ? -3.182  9.434   -8.260  1.00 77.36  ? 39  A   A P     1 
ATOM   817  O  OP1   . A   A 1 39 ? -1.940  10.063  -8.778  1.00 79.99  ? 39  A   A OP1   1 
ATOM   818  O  OP2   . A   A 1 39 ? -3.188  8.917   -6.869  1.00 75.09  ? 39  A   A OP2   1 
ATOM   819  O  "O5'" . A   A 1 39 ? -4.369  10.490  -8.366  1.00 72.12  ? 39  A   A "O5'" 1 
ATOM   820  C  "C5'" . A   A 1 39 ? -4.820  10.951  -9.627  1.00 69.88  ? 39  A   A "C5'" 1 
ATOM   821  C  "C4'" . A   A 1 39 ? -6.152  11.641  -9.507  1.00 69.15  ? 39  A   A "C4'" 1 
ATOM   822  O  "O4'" . A   A 1 39 ? -7.184  10.656  -9.223  1.00 67.76  ? 39  A   A "O4'" 1 
ATOM   823  C  "C3'" . A   A 1 39 ? -6.284  12.644  -8.375  1.00 66.78  ? 39  A   A "C3'" 1 
ATOM   824  O  "O3'" . A   A 1 39 ? -5.725  13.916  -8.675  1.00 68.77  ? 39  A   A "O3'" 1 
ATOM   825  C  "C2'" . A   A 1 39 ? -7.788  12.678  -8.151  1.00 66.14  ? 39  A   A "C2'" 1 
ATOM   826  O  "O2'" . A   A 1 39 ? -8.421  13.418  -9.182  1.00 64.50  ? 39  A   A "O2'" 1 
ATOM   827  C  "C1'" . A   A 1 39 ? -8.142  11.207  -8.341  1.00 62.09  ? 39  A   A "C1'" 1 
ATOM   828  N  N9    . A   A 1 39 ? -8.099  10.462  -7.065  1.00 60.70  ? 39  A   A N9    1 
ATOM   829  C  C8    . A   A 1 39 ? -7.097  9.658   -6.563  1.00 62.25  ? 39  A   A C8    1 
ATOM   830  N  N7    . A   A 1 39 ? -7.366  9.127   -5.384  1.00 59.06  ? 39  A   A N7    1 
ATOM   831  C  C5    . A   A 1 39 ? -8.637  9.617   -5.090  1.00 59.84  ? 39  A   A C5    1 
ATOM   832  C  C6    . A   A 1 39 ? -9.502  9.437   -3.989  1.00 55.56  ? 39  A   A C6    1 
ATOM   833  N  N6    . A   A 1 39 ? -9.215  8.691   -2.931  1.00 53.59  ? 39  A   A N6    1 
ATOM   834  N  N1    . A   A 1 39 ? -10.687 10.073  -3.993  1.00 55.69  ? 39  A   A N1    1 
ATOM   835  C  C2    . A   A 1 39 ? -10.994 10.835  -5.056  1.00 59.04  ? 39  A   A C2    1 
ATOM   836  N  N3    . A   A 1 39 ? -10.280 11.075  -6.152  1.00 61.65  ? 39  A   A N3    1 
ATOM   837  C  C4    . A   A 1 39 ? -9.096  10.436  -6.111  1.00 61.98  ? 39  A   A C4    1 
ATOM   838  P  P     . C   A 1 40 ? -4.872  14.727  -7.570  1.00 71.58  ? 40  C   A P     1 
ATOM   839  O  OP1   . C   A 1 40 ? -4.153  15.772  -8.336  1.00 78.13  ? 40  C   A OP1   1 
ATOM   840  O  OP2   . C   A 1 40 ? -4.091  13.798  -6.708  1.00 70.71  ? 40  C   A OP2   1 
ATOM   841  O  "O5'" . C   A 1 40 ? -5.972  15.434  -6.670  1.00 64.56  ? 40  C   A "O5'" 1 
ATOM   842  C  "C5'" . C   A 1 40 ? -6.953  16.263  -7.266  1.00 68.75  ? 40  C   A "C5'" 1 
ATOM   843  C  "C4'" . C   A 1 40 ? -8.196  16.372  -6.417  1.00 66.63  ? 40  C   A "C4'" 1 
ATOM   844  O  "O4'" . C   A 1 40 ? -8.794  15.063  -6.222  1.00 66.43  ? 40  C   A "O4'" 1 
ATOM   845  C  "C3'" . C   A 1 40 ? -8.009  16.894  -5.006  1.00 66.39  ? 40  C   A "C3'" 1 
ATOM   846  O  "O3'" . C   A 1 40 ? -7.850  18.303  -4.944  1.00 67.32  ? 40  C   A "O3'" 1 
ATOM   847  C  "C2'" . C   A 1 40 ? -9.270  16.393  -4.311  1.00 64.40  ? 40  C   A "C2'" 1 
ATOM   848  O  "O2'" . C   A 1 40 ? -10.383 17.208  -4.645  1.00 66.48  ? 40  C   A "O2'" 1 
ATOM   849  C  "C1'" . C   A 1 40 ? -9.453  15.023  -4.972  1.00 63.04  ? 40  C   A "C1'" 1 
ATOM   850  N  N1    . C   A 1 40 ? -8.865  13.936  -4.150  1.00 58.62  ? 40  C   A N1    1 
ATOM   851  C  C2    . C   A 1 40 ? -9.558  13.508  -3.006  1.00 60.58  ? 40  C   A C2    1 
ATOM   852  O  O2    . C   A 1 40 ? -10.644 14.029  -2.708  1.00 59.61  ? 40  C   A O2    1 
ATOM   853  N  N3    . C   A 1 40 ? -9.034  12.530  -2.234  1.00 58.20  ? 40  C   A N3    1 
ATOM   854  C  C4    . C   A 1 40 ? -7.878  11.977  -2.554  1.00 56.15  ? 40  C   A C4    1 
ATOM   855  N  N4    . C   A 1 40 ? -7.423  11.020  -1.748  1.00 54.60  ? 40  C   A N4    1 
ATOM   856  C  C5    . C   A 1 40 ? -7.148  12.385  -3.712  1.00 62.41  ? 40  C   A C5    1 
ATOM   857  C  C6    . C   A 1 40 ? -7.670  13.364  -4.473  1.00 60.13  ? 40  C   A C6    1 
ATOM   858  P  P     . U   A 1 41 ? -6.869  18.961  -3.849  1.00 68.17  ? 41  U   A P     1 
ATOM   859  O  OP1   . U   A 1 41 ? -6.887  20.428  -4.088  1.00 76.24  ? 41  U   A OP1   1 
ATOM   860  O  OP2   . U   A 1 41 ? -5.586  18.209  -3.807  1.00 65.14  ? 41  U   A OP2   1 
ATOM   861  O  "O5'" . U   A 1 41 ? -7.596  18.723  -2.461  1.00 63.79  ? 41  U   A "O5'" 1 
ATOM   862  C  "C5'" . U   A 1 41 ? -8.786  19.420  -2.144  1.00 63.08  ? 41  U   A "C5'" 1 
ATOM   863  C  "C4'" . U   A 1 41 ? -9.468  18.797  -0.955  1.00 63.04  ? 41  U   A "C4'" 1 
ATOM   864  O  "O4'" . U   A 1 41 ? -9.721  17.392  -1.236  1.00 64.15  ? 41  U   A "O4'" 1 
ATOM   865  C  "C3'" . U   A 1 41 ? -8.672  18.756  0.339   1.00 62.10  ? 41  U   A "C3'" 1 
ATOM   866  O  "O3'" . U   A 1 41 ? -8.629  19.982  1.056   1.00 67.35  ? 41  U   A "O3'" 1 
ATOM   867  C  "C2'" . U   A 1 41 ? -9.366  17.628  1.087   1.00 61.35  ? 41  U   A "C2'" 1 
ATOM   868  O  "O2'" . U   A 1 41 ? -10.644 18.051  1.543   1.00 58.00  ? 41  U   A "O2'" 1 
ATOM   869  C  "C1'" . U   A 1 41 ? -9.579  16.637  -0.048  1.00 59.16  ? 41  U   A "C1'" 1 
ATOM   870  N  N1    . U   A 1 41 ? -8.421  15.714  -0.180  1.00 59.05  ? 41  U   A N1    1 
ATOM   871  C  C2    . U   A 1 41 ? -8.421  14.640  0.678   1.00 57.82  ? 41  U   A C2    1 
ATOM   872  O  O2    . U   A 1 41 ? -9.313  14.464  1.490   1.00 58.02  ? 41  U   A O2    1 
ATOM   873  N  N3    . U   A 1 41 ? -7.355  13.790  0.572   1.00 54.21  ? 41  U   A N3    1 
ATOM   874  C  C4    . U   A 1 41 ? -6.289  13.892  -0.286  1.00 56.05  ? 41  U   A C4    1 
ATOM   875  O  O4    . U   A 1 41 ? -5.413  13.019  -0.255  1.00 57.00  ? 41  U   A O4    1 
ATOM   876  C  C5    . U   A 1 41 ? -6.348  15.028  -1.158  1.00 59.47  ? 41  U   A C5    1 
ATOM   877  C  C6    . U   A 1 41 ? -7.380  15.883  -1.073  1.00 60.52  ? 41  U   A C6    1 
ATOM   878  P  P     . A   A 1 42 ? -7.366  20.313  2.001   1.00 69.34  ? 42  A   A P     1 
ATOM   879  O  OP1   . A   A 1 42 ? -7.638  21.612  2.667   1.00 72.12  ? 42  A   A OP1   1 
ATOM   880  O  OP2   . A   A 1 42 ? -6.108  20.109  1.229   1.00 64.18  ? 42  A   A OP2   1 
ATOM   881  O  "O5'" . A   A 1 42 ? -7.403  19.184  3.125   1.00 61.99  ? 42  A   A "O5'" 1 
ATOM   882  C  "C5'" . A   A 1 42 ? -8.465  19.143  4.062   1.00 63.52  ? 42  A   A "C5'" 1 
ATOM   883  C  "C4'" . A   A 1 42 ? -8.439  17.882  4.891   1.00 60.60  ? 42  A   A "C4'" 1 
ATOM   884  O  "O4'" . A   A 1 42 ? -8.372  16.708  4.040   1.00 58.12  ? 42  A   A "O4'" 1 
ATOM   885  C  "C3'" . A   A 1 42 ? -7.260  17.709  5.828   1.00 56.22  ? 42  A   A "C3'" 1 
ATOM   886  O  "O3'" . A   A 1 42 ? -7.367  18.505  7.001   1.00 57.26  ? 42  A   A "O3'" 1 
ATOM   887  C  "C2'" . A   A 1 42 ? -7.286  16.205  6.087   1.00 59.63  ? 42  A   A "C2'" 1 
ATOM   888  O  "O2'" . A   A 1 42 ? -8.349  15.867  6.963   1.00 58.29  ? 42  A   A "O2'" 1 
ATOM   889  C  "C1'" . A   A 1 42 ? -7.666  15.676  4.707   1.00 55.81  ? 42  A   A "C1'" 1 
ATOM   890  N  N9    . A   A 1 42 ? -6.492  15.259  3.894   1.00 57.72  ? 42  A   A N9    1 
ATOM   891  C  C8    . A   A 1 42 ? -5.915  15.936  2.840   1.00 58.59  ? 42  A   A C8    1 
ATOM   892  N  N7    . A   A 1 42 ? -4.899  15.312  2.282   1.00 58.16  ? 42  A   A N7    1 
ATOM   893  C  C5    . A   A 1 42 ? -4.774  14.137  3.011   1.00 56.75  ? 42  A   A C5    1 
ATOM   894  C  C6    . A   A 1 42 ? -3.877  13.051  2.904   1.00 57.99  ? 42  A   A C6    1 
ATOM   895  N  N6    . A   A 1 42 ? -2.887  12.966  1.995   1.00 58.34  ? 42  A   A N6    1 
ATOM   896  N  N1    . A   A 1 42 ? -4.030  12.030  3.782   1.00 53.21  ? 42  A   A N1    1 
ATOM   897  C  C2    . A   A 1 42 ? -5.023  12.122  4.683   1.00 57.27  ? 42  A   A C2    1 
ATOM   898  N  N3    . A   A 1 42 ? -5.923  13.084  4.890   1.00 54.60  ? 42  A   A N3    1 
ATOM   899  C  C4    . A   A 1 42 ? -5.749  14.087  4.008   1.00 58.28  ? 42  A   A C4    1 
ATOM   900  P  P     . C   A 1 43 ? -6.067  19.238  7.620   1.00 61.84  ? 43  C   A P     1 
ATOM   901  O  OP1   . C   A 1 43 ? -6.570  20.331  8.474   1.00 61.25  ? 43  C   A OP1   1 
ATOM   902  O  OP2   . C   A 1 43 ? -5.121  19.546  6.523   1.00 57.05  ? 43  C   A OP2   1 
ATOM   903  O  "O5'" . C   A 1 43 ? -5.410  18.122  8.552   1.00 59.80  ? 43  C   A "O5'" 1 
ATOM   904  C  "C5'" . C   A 1 43 ? -6.221  17.335  9.415   1.00 57.71  ? 43  C   A "C5'" 1 
ATOM   905  C  "C4'" . C   A 1 43 ? -5.602  15.990  9.706   1.00 58.68  ? 43  C   A "C4'" 1 
ATOM   906  O  "O4'" . C   A 1 43 ? -5.612  15.166  8.508   1.00 58.33  ? 43  C   A "O4'" 1 
ATOM   907  C  "C3'" . C   A 1 43 ? -4.143  15.986  10.129  1.00 56.40  ? 43  C   A "C3'" 1 
ATOM   908  O  "O3'" . C   A 1 43 ? -3.948  16.335  11.487  1.00 58.06  ? 43  C   A "O3'" 1 
ATOM   909  C  "C2'" . C   A 1 43 ? -3.725  14.558  9.815   1.00 59.08  ? 43  C   A "C2'" 1 
ATOM   910  O  "O2'" . C   A 1 43 ? -4.237  13.673  10.798  1.00 58.07  ? 43  C   A "O2'" 1 
ATOM   911  C  "C1'" . C   A 1 43 ? -4.497  14.298  8.518   1.00 56.66  ? 43  C   A "C1'" 1 
ATOM   912  N  N1    . C   A 1 43 ? -3.682  14.551  7.311   1.00 52.92  ? 43  C   A N1    1 
ATOM   913  C  C2    . C   A 1 43 ? -2.761  13.587  6.920   1.00 56.83  ? 43  C   A C2    1 
ATOM   914  O  O2    . C   A 1 43 ? -2.653  12.563  7.609   1.00 57.40  ? 43  C   A O2    1 
ATOM   915  N  N3    . C   A 1 43 ? -2.013  13.790  5.808   1.00 57.36  ? 43  C   A N3    1 
ATOM   916  C  C4    . C   A 1 43 ? -2.165  14.922  5.108   1.00 56.55  ? 43  C   A C4    1 
ATOM   917  N  N4    . C   A 1 43 ? -1.414  15.096  4.016   1.00 55.98  ? 43  C   A N4    1 
ATOM   918  C  C5    . C   A 1 43 ? -3.108  15.920  5.486   1.00 56.32  ? 43  C   A C5    1 
ATOM   919  C  C6    . C   A 1 43 ? -3.834  15.699  6.586   1.00 53.99  ? 43  C   A C6    1 
ATOM   920  P  P     . G   A 1 44 ? -2.652  17.189  11.926  1.00 61.72  ? 44  G   A P     1 
ATOM   921  O  OP1   . G   A 1 44 ? -2.848  17.561  13.349  1.00 64.88  ? 44  G   A OP1   1 
ATOM   922  O  OP2   . G   A 1 44 ? -2.387  18.236  10.900  1.00 57.38  ? 44  G   A OP2   1 
ATOM   923  O  "O5'" . G   A 1 44 ? -1.462  16.139  11.849  1.00 60.64  ? 44  G   A "O5'" 1 
ATOM   924  C  "C5'" . G   A 1 44 ? -1.343  15.130  12.836  1.00 62.11  ? 44  G   A "C5'" 1 
ATOM   925  C  "C4'" . G   A 1 44 ? -0.258  14.148  12.490  1.00 61.27  ? 44  G   A "C4'" 1 
ATOM   926  O  "O4'" . G   A 1 44 ? -0.531  13.521  11.210  1.00 64.58  ? 44  G   A "O4'" 1 
ATOM   927  C  "C3'" . G   A 1 44 ? 1.133   14.721  12.310  1.00 59.72  ? 44  G   A "C3'" 1 
ATOM   928  O  "O3'" . G   A 1 44 ? 1.769   15.010  13.540  1.00 61.12  ? 44  G   A "O3'" 1 
ATOM   929  C  "C2'" . G   A 1 44 ? 1.821   13.628  11.502  1.00 60.88  ? 44  G   A "C2'" 1 
ATOM   930  O  "O2'" . G   A 1 44 ? 2.130   12.519  12.337  1.00 62.79  ? 44  G   A "O2'" 1 
ATOM   931  C  "C1'" . G   A 1 44 ? 0.693   13.204  10.566  1.00 58.45  ? 44  G   A "C1'" 1 
ATOM   932  N  N9    . G   A 1 44 ? 0.742   13.911  9.279   1.00 56.15  ? 44  G   A N9    1 
ATOM   933  C  C8    . G   A 1 44 ? -0.103  14.912  8.858   1.00 57.16  ? 44  G   A C8    1 
ATOM   934  N  N7    . G   A 1 44 ? 0.184   15.345  7.659   1.00 55.92  ? 44  G   A N7    1 
ATOM   935  C  C5    . G   A 1 44 ? 1.279   14.584  7.272   1.00 58.90  ? 44  G   A C5    1 
ATOM   936  C  C6    . G   A 1 44 ? 2.019   14.592  6.062   1.00 59.74  ? 44  G   A C6    1 
ATOM   937  O  O6    . G   A 1 44 ? 1.826   15.306  5.074   1.00 60.85  ? 44  G   A O6    1 
ATOM   938  N  N1    . G   A 1 44 ? 3.057   13.657  6.065   1.00 58.52  ? 44  G   A N1    1 
ATOM   939  C  C2    . G   A 1 44 ? 3.343   12.818  7.125   1.00 61.16  ? 44  G   A C2    1 
ATOM   940  N  N2    . G   A 1 44 ? 4.381   11.976  6.972   1.00 59.01  ? 44  G   A N2    1 
ATOM   941  N  N3    . G   A 1 44 ? 2.647   12.793  8.255   1.00 59.59  ? 44  G   A N3    1 
ATOM   942  C  C4    . G   A 1 44 ? 1.638   13.693  8.260   1.00 58.62  ? 44  G   A C4    1 
ATOM   943  P  P     . G   A 1 45 ? 2.855   16.194  13.628  1.00 64.41  ? 45  G   A P     1 
ATOM   944  O  OP1   . G   A 1 45 ? 3.234   16.259  15.060  1.00 64.75  ? 45  G   A OP1   1 
ATOM   945  O  OP2   . G   A 1 45 ? 2.421   17.417  12.910  1.00 59.95  ? 45  G   A OP2   1 
ATOM   946  O  "O5'" . G   A 1 45 ? 4.089   15.643  12.790  1.00 62.87  ? 45  G   A "O5'" 1 
ATOM   947  C  "C5'" . G   A 1 45 ? 4.795   14.499  13.225  1.00 62.49  ? 45  G   A "C5'" 1 
ATOM   948  C  "C4'" . G   A 1 45 ? 5.887   14.135  12.260  1.00 60.69  ? 45  G   A "C4'" 1 
ATOM   949  O  "O4'" . G   A 1 45 ? 5.312   13.737  10.990  1.00 61.49  ? 45  G   A "O4'" 1 
ATOM   950  C  "C3'" . G   A 1 45 ? 6.853   15.240  11.890  1.00 59.26  ? 45  G   A "C3'" 1 
ATOM   951  O  "O3'" . G   A 1 45 ? 7.819   15.480  12.901  1.00 63.19  ? 45  G   A "O3'" 1 
ATOM   952  C  "C2'" . G   A 1 45 ? 7.436   14.729  10.578  1.00 63.04  ? 45  G   A "C2'" 1 
ATOM   953  O  "O2'" . G   A 1 45 ? 8.423   13.738  10.817  1.00 65.25  ? 45  G   A "O2'" 1 
ATOM   954  C  "C1'" . G   A 1 45 ? 6.215   14.046  9.947   1.00 63.81  ? 45  G   A "C1'" 1 
ATOM   955  N  N9    . G   A 1 45 ? 5.544   14.910  8.952   1.00 61.42  ? 45  G   A N9    1 
ATOM   956  C  C8    . G   A 1 45 ? 4.403   15.672  9.079   1.00 57.83  ? 45  G   A C8    1 
ATOM   957  N  N7    . G   A 1 45 ? 4.116   16.318  7.979   1.00 57.60  ? 45  G   A N7    1 
ATOM   958  C  C5    . G   A 1 45 ? 5.123   15.967  7.089   1.00 58.31  ? 45  G   A C5    1 
ATOM   959  C  C6    . G   A 1 45 ? 5.363   16.345  5.745   1.00 59.66  ? 45  G   A C6    1 
ATOM   960  O  O6    . G   A 1 45 ? 4.690   17.094  5.033   1.00 62.50  ? 45  G   A O6    1 
ATOM   961  N  N1    . G   A 1 45 ? 6.507   15.744  5.220   1.00 58.80  ? 45  G   A N1    1 
ATOM   962  C  C2    . G   A 1 45 ? 7.321   14.879  5.914   1.00 60.08  ? 45  G   A C2    1 
ATOM   963  N  N2    . G   A 1 45 ? 8.389   14.391  5.275   1.00 58.87  ? 45  G   A N2    1 
ATOM   964  N  N3    . G   A 1 45 ? 7.106   14.515  7.162   1.00 61.95  ? 45  G   A N3    1 
ATOM   965  C  C4    . G   A 1 45 ? 6.004   15.097  7.679   1.00 61.11  ? 45  G   A C4    1 
ATOM   966  P  P     . G   A 1 46 ? 8.319   16.974  13.225  1.00 60.14  ? 46  G   A P     1 
ATOM   967  O  OP1   . G   A 1 46 ? 9.501   16.826  14.108  1.00 71.16  ? 46  G   A OP1   1 
ATOM   968  O  OP2   . G   A 1 46 ? 7.232   17.856  13.707  1.00 59.95  ? 46  G   A OP2   1 
ATOM   969  O  "O5'" . G   A 1 46 ? 8.852   17.494  11.814  1.00 66.08  ? 46  G   A "O5'" 1 
ATOM   970  C  "C5'" . G   A 1 46 ? 10.042  16.959  11.245  1.00 64.11  ? 46  G   A "C5'" 1 
ATOM   971  C  "C4'" . G   A 1 46 ? 10.296  17.489  9.855   1.00 63.06  ? 46  G   A "C4'" 1 
ATOM   972  O  "O4'" . G   A 1 46 ? 9.216   17.084  8.973   1.00 65.70  ? 46  G   A "O4'" 1 
ATOM   973  C  "C3'" . G   A 1 46 ? 10.360  19.003  9.711   1.00 60.18  ? 46  G   A "C3'" 1 
ATOM   974  O  "O3'" . G   A 1 46 ? 11.643  19.516  10.021  1.00 65.12  ? 46  G   A "O3'" 1 
ATOM   975  C  "C2'" . G   A 1 46 ? 9.974   19.222  8.251   1.00 63.77  ? 46  G   A "C2'" 1 
ATOM   976  O  "O2'" . G   A 1 46 ? 11.091  19.045  7.397   1.00 64.33  ? 46  G   A "O2'" 1 
ATOM   977  C  "C1'" . G   A 1 46 ? 8.966   18.086  8.012   1.00 61.01  ? 46  G   A "C1'" 1 
ATOM   978  N  N9    . G   A 1 46 ? 7.589   18.576  8.201   1.00 60.63  ? 46  G   A N9    1 
ATOM   979  C  C8    . G   A 1 46 ? 6.876   18.616  9.375   1.00 60.94  ? 46  G   A C8    1 
ATOM   980  N  N7    . G   A 1 46 ? 5.687   19.143  9.240   1.00 59.77  ? 46  G   A N7    1 
ATOM   981  C  C5    . G   A 1 46 ? 5.633   19.502  7.901   1.00 60.80  ? 46  G   A C5    1 
ATOM   982  C  C6    . G   A 1 46 ? 4.597   20.132  7.161   1.00 60.77  ? 46  G   A C6    1 
ATOM   983  O  O6    . G   A 1 46 ? 3.498   20.508  7.572   1.00 60.60  ? 46  G   A O6    1 
ATOM   984  N  N1    . G   A 1 46 ? 4.934   20.301  5.818   1.00 58.26  ? 46  G   A N1    1 
ATOM   985  C  C2    . G   A 1 46 ? 6.126   19.913  5.262   1.00 59.80  ? 46  G   A C2    1 
ATOM   986  N  N2    . G   A 1 46 ? 6.269   20.172  3.955   1.00 60.32  ? 46  G   A N2    1 
ATOM   987  N  N3    . G   A 1 46 ? 7.111   19.336  5.942   1.00 60.34  ? 46  G   A N3    1 
ATOM   988  C  C4    . G   A 1 46 ? 6.797   19.164  7.247   1.00 60.32  ? 46  G   A C4    1 
ATOM   989  P  P     . A   A 1 47 ? 11.892  20.489  11.283  1.00 64.07  ? 47  A   A P     1 
ATOM   990  O  OP1   . A   A 1 47 ? 12.611  19.694  12.307  1.00 64.44  ? 47  A   A OP1   1 
ATOM   991  O  OP2   . A   A 1 47 ? 10.658  21.239  11.638  1.00 64.48  ? 47  A   A OP2   1 
ATOM   992  O  "O5'" . A   A 1 47 ? 12.908  21.574  10.723  1.00 66.26  ? 47  A   A "O5'" 1 
ATOM   993  C  "C5'" . A   A 1 47 ? 14.248  21.226  10.414  1.00 66.19  ? 47  A   A "C5'" 1 
ATOM   994  C  "C4'" . A   A 1 47 ? 14.723  21.938  9.175   1.00 67.36  ? 47  A   A "C4'" 1 
ATOM   995  O  "O4'" . A   A 1 47 ? 13.880  21.558  8.048   1.00 69.13  ? 47  A   A "O4'" 1 
ATOM   996  C  "C3'" . A   A 1 47 ? 14.644  23.461  9.202   1.00 66.38  ? 47  A   A "C3'" 1 
ATOM   997  O  "O3'" . A   A 1 47 ? 15.746  24.069  9.868   1.00 69.50  ? 47  A   A "O3'" 1 
ATOM   998  C  "C2'" . A   A 1 47 ? 14.553  23.802  7.719   1.00 66.08  ? 47  A   A "C2'" 1 
ATOM   999  O  "O2'" . A   A 1 47 ? 15.818  23.658  7.095   1.00 71.11  ? 47  A   A "O2'" 1 
ATOM   1000 C  "C1'" . A   A 1 47 ? 13.662  22.672  7.212   1.00 64.00  ? 47  A   A "C1'" 1 
ATOM   1001 N  N9    . A   A 1 47 ? 12.242  23.040  7.313   1.00 63.65  ? 47  A   A N9    1 
ATOM   1002 C  C8    . A   A 1 47 ? 11.309  22.536  8.187   1.00 64.72  ? 47  A   A C8    1 
ATOM   1003 N  N7    . A   A 1 47 ? 10.119  23.080  8.051   1.00 64.64  ? 47  A   A N7    1 
ATOM   1004 C  C5    . A   A 1 47 ? 10.281  24.005  7.021   1.00 62.70  ? 47  A   A C5    1 
ATOM   1005 C  C6    . A   A 1 47 ? 9.391   24.910  6.406   1.00 60.65  ? 47  A   A C6    1 
ATOM   1006 N  N6    . A   A 1 47 ? 8.103   25.026  6.746   1.00 59.20  ? 47  A   A N6    1 
ATOM   1007 N  N1    . A   A 1 47 ? 9.873   25.689  5.410   1.00 60.62  ? 47  A   A N1    1 
ATOM   1008 C  C2    . A   A 1 47 ? 11.168  25.568  5.068   1.00 62.49  ? 47  A   A C2    1 
ATOM   1009 N  N3    . A   A 1 47 ? 12.104  24.760  5.571   1.00 62.72  ? 47  A   A N3    1 
ATOM   1010 C  C4    . A   A 1 47 ? 11.588  23.994  6.556   1.00 64.25  ? 47  A   A C4    1 
ATOM   1011 P  P     . G   A 1 48 ? 15.548  25.292  10.908  1.00 70.27  ? 48  G   A P     1 
ATOM   1012 O  OP1   . G   A 1 48 ? 16.907  25.764  11.263  1.00 74.95  ? 48  G   A OP1   1 
ATOM   1013 O  OP2   . G   A 1 48 ? 14.609  24.921  12.001  1.00 70.68  ? 48  G   A OP2   1 
ATOM   1014 O  "O5'" . G   A 1 48 ? 14.857  26.428  10.047  1.00 64.90  ? 48  G   A "O5'" 1 
ATOM   1015 C  "C5'" . G   A 1 48 ? 15.523  27.008  8.941   1.00 69.09  ? 48  G   A "C5'" 1 
ATOM   1016 C  "C4'" . G   A 1 48 ? 14.580  27.877  8.153   1.00 66.75  ? 48  G   A "C4'" 1 
ATOM   1017 O  "O4'" . G   A 1 48 ? 13.500  27.064  7.632   1.00 63.23  ? 48  G   A "O4'" 1 
ATOM   1018 C  "C3'" . G   A 1 48 ? 13.862  28.961  8.940   1.00 64.86  ? 48  G   A "C3'" 1 
ATOM   1019 O  "O3'" . G   A 1 48 ? 14.656  30.107  9.166   1.00 63.82  ? 48  G   A "O3'" 1 
ATOM   1020 C  "C2'" . G   A 1 48 ? 12.637  29.223  8.077   1.00 63.97  ? 48  G   A "C2'" 1 
ATOM   1021 O  "O2'" . G   A 1 48 ? 12.998  29.949  6.906   1.00 61.28  ? 48  G   A "O2'" 1 
ATOM   1022 C  "C1'" . G   A 1 48 ? 12.294  27.807  7.640   1.00 62.09  ? 48  G   A "C1'" 1 
ATOM   1023 N  N9    . G   A 1 48 ? 11.335  27.144  8.545   1.00 60.72  ? 48  G   A N9    1 
ATOM   1024 C  C8    . G   A 1 48 ? 11.592  26.138  9.454   1.00 64.08  ? 48  G   A C8    1 
ATOM   1025 N  N7    . G   A 1 48 ? 10.526  25.731  10.095  1.00 61.86  ? 48  G   A N7    1 
ATOM   1026 C  C5    . G   A 1 48 ? 9.506   26.511  9.561   1.00 58.57  ? 48  G   A C5    1 
ATOM   1027 C  C6    . G   A 1 48 ? 8.117   26.530  9.855   1.00 60.82  ? 48  G   A C6    1 
ATOM   1028 O  O6    . G   A 1 48 ? 7.494   25.830  10.672  1.00 62.33  ? 48  G   A O6    1 
ATOM   1029 N  N1    . G   A 1 48 ? 7.437   27.479  9.094   1.00 56.04  ? 48  G   A N1    1 
ATOM   1030 C  C2    . G   A 1 48 ? 8.020   28.300  8.159   1.00 59.88  ? 48  G   A C2    1 
ATOM   1031 N  N2    . G   A 1 48 ? 7.197   29.145  7.519   1.00 58.62  ? 48  G   A N2    1 
ATOM   1032 N  N3    . G   A 1 48 ? 9.313   28.292  7.873   1.00 60.99  ? 48  G   A N3    1 
ATOM   1033 C  C4    . G   A 1 48 ? 9.986   27.380  8.606   1.00 59.22  ? 48  G   A C4    1 
ATOM   1034 P  P     . C   A 1 49 ? 14.474  30.957  10.517  1.00 67.29  ? 49  C   A P     1 
ATOM   1035 O  OP1   . C   A 1 49 ? 15.445  32.074  10.427  1.00 72.91  ? 49  C   A OP1   1 
ATOM   1036 O  OP2   . C   A 1 49 ? 14.468  30.021  11.673  1.00 66.73  ? 49  C   A OP2   1 
ATOM   1037 O  "O5'" . C   A 1 49 ? 13.036  31.618  10.366  1.00 61.52  ? 49  C   A "O5'" 1 
ATOM   1038 C  "C5'" . C   A 1 49 ? 12.793  32.572  9.346   1.00 62.44  ? 49  C   A "C5'" 1 
ATOM   1039 C  "C4'" . C   A 1 49 ? 11.329  32.892  9.252   1.00 64.63  ? 49  C   A "C4'" 1 
ATOM   1040 O  "O4'" . C   A 1 49 ? 10.588  31.677  8.955   1.00 59.65  ? 49  C   A "O4'" 1 
ATOM   1041 C  "C3'" . C   A 1 49 ? 10.693  33.385  10.538  1.00 62.47  ? 49  C   A "C3'" 1 
ATOM   1042 O  "O3'" . C   A 1 49 ? 10.943  34.745  10.824  1.00 66.30  ? 49  C   A "O3'" 1 
ATOM   1043 C  "C2'" . C   A 1 49 ? 9.228   33.053  10.319  1.00 58.14  ? 49  C   A "C2'" 1 
ATOM   1044 O  "O2'" . C   A 1 49 ? 8.643   33.970  9.407   1.00 58.68  ? 49  C   A "O2'" 1 
ATOM   1045 C  "C1'" . C   A 1 49 ? 9.346   31.700  9.629   1.00 57.44  ? 49  C   A "C1'" 1 
ATOM   1046 N  N1    . C   A 1 49 ? 9.325   30.587  10.597  1.00 59.38  ? 49  C   A N1    1 
ATOM   1047 C  C2    . C   A 1 49 ? 8.083   30.177  11.085  1.00 59.04  ? 49  C   A C2    1 
ATOM   1048 O  O2    . C   A 1 49 ? 7.062   30.756  10.699  1.00 59.86  ? 49  C   A O2    1 
ATOM   1049 N  N3    . C   A 1 49 ? 8.028   29.150  11.964  1.00 58.94  ? 49  C   A N3    1 
ATOM   1050 C  C4    . C   A 1 49 ? 9.144   28.551  12.362  1.00 58.78  ? 49  C   A C4    1 
ATOM   1051 N  N4    . C   A 1 49 ? 9.015   27.555  13.239  1.00 61.01  ? 49  C   A N4    1 
ATOM   1052 C  C5    . C   A 1 49 ? 10.433  28.954  11.894  1.00 60.26  ? 49  C   A C5    1 
ATOM   1053 C  C6    . C   A 1 49 ? 10.475  29.970  11.015  1.00 61.84  ? 49  C   A C6    1 
ATOM   1054 P  P     . G   A 1 50 ? 11.035  35.197  12.357  1.00 60.39  ? 50  G   A P     1 
ATOM   1055 O  OP1   . G   A 1 50 ? 11.582  36.565  12.351  1.00 64.82  ? 50  G   A OP1   1 
ATOM   1056 O  OP2   . G   A 1 50 ? 11.705  34.101  13.117  1.00 58.00  ? 50  G   A OP2   1 
ATOM   1057 O  "O5'" . G   A 1 50 ? 9.518   35.218  12.831  1.00 58.35  ? 50  G   A "O5'" 1 
ATOM   1058 C  "C5'" . G   A 1 50 ? 8.632   36.223  12.372  1.00 57.53  ? 50  G   A "C5'" 1 
ATOM   1059 C  "C4'" . G   A 1 50 ? 7.238   35.963  12.864  1.00 56.54  ? 50  G   A "C4'" 1 
ATOM   1060 O  "O4'" . G   A 1 50 ? 6.843   34.602  12.543  1.00 59.52  ? 50  G   A "O4'" 1 
ATOM   1061 C  "C3'" . G   A 1 50 ? 7.047   36.037  14.362  1.00 57.97  ? 50  G   A "C3'" 1 
ATOM   1062 O  "O3'" . G   A 1 50 ? 6.962   37.366  14.833  1.00 62.84  ? 50  G   A "O3'" 1 
ATOM   1063 C  "C2'" . G   A 1 50 ? 5.774   35.228  14.563  1.00 59.51  ? 50  G   A "C2'" 1 
ATOM   1064 O  "O2'" . G   A 1 50 ? 4.643   35.982  14.160  1.00 60.01  ? 50  G   A "O2'" 1 
ATOM   1065 C  "C1'" . G   A 1 50 ? 5.973   34.109  13.542  1.00 59.38  ? 50  G   A "C1'" 1 
ATOM   1066 N  N9    . G   A 1 50 ? 6.576   32.911  14.157  1.00 60.59  ? 50  G   A N9    1 
ATOM   1067 C  C8    . G   A 1 50 ? 7.842   32.403  13.980  1.00 60.06  ? 50  G   A C8    1 
ATOM   1068 N  N7    . G   A 1 50 ? 8.061   31.319  14.689  1.00 60.96  ? 50  G   A N7    1 
ATOM   1069 C  C5    . G   A 1 50 ? 6.871   31.100  15.371  1.00 61.96  ? 50  G   A C5    1 
ATOM   1070 C  C6    . G   A 1 50 ? 6.501   30.076  16.284  1.00 60.70  ? 50  G   A C6    1 
ATOM   1071 O  O6    . G   A 1 50 ? 7.168   29.116  16.689  1.00 60.90  ? 50  G   A O6    1 
ATOM   1072 N  N1    . G   A 1 50 ? 5.198   30.258  16.735  1.00 60.91  ? 50  G   A N1    1 
ATOM   1073 C  C2    . G   A 1 50 ? 4.361   31.277  16.351  1.00 62.05  ? 50  G   A C2    1 
ATOM   1074 N  N2    . G   A 1 50 ? 3.138   31.273  16.893  1.00 61.38  ? 50  G   A N2    1 
ATOM   1075 N  N3    . G   A 1 50 ? 4.690   32.234  15.497  1.00 59.83  ? 50  G   A N3    1 
ATOM   1076 C  C4    . G   A 1 50 ? 5.949   32.080  15.053  1.00 60.99  ? 50  G   A C4    1 
ATOM   1077 P  P     . C   A 1 51 ? 7.668   37.780  16.214  1.00 63.63  ? 51  C   A P     1 
ATOM   1078 O  OP1   . C   A 1 51 ? 7.587   39.254  16.255  1.00 65.15  ? 51  C   A OP1   1 
ATOM   1079 O  OP2   . C   A 1 51 ? 8.970   37.088  16.387  1.00 60.08  ? 51  C   A OP2   1 
ATOM   1080 O  "O5'" . C   A 1 51 ? 6.702   37.178  17.333  1.00 64.68  ? 51  C   A "O5'" 1 
ATOM   1081 C  "C5'" . C   A 1 51 ? 5.310   37.466  17.326  1.00 62.83  ? 51  C   A "C5'" 1 
ATOM   1082 C  "C4'" . C   A 1 51 ? 4.555   36.565  18.268  1.00 63.11  ? 51  C   A "C4'" 1 
ATOM   1083 O  "O4'" . C   A 1 51 ? 4.542   35.202  17.754  1.00 64.70  ? 51  C   A "O4'" 1 
ATOM   1084 C  "C3'" . C   A 1 51 ? 5.146   36.417  19.653  1.00 60.58  ? 51  C   A "C3'" 1 
ATOM   1085 O  "O3'" . C   A 1 51 ? 4.858   37.510  20.493  1.00 66.66  ? 51  C   A "O3'" 1 
ATOM   1086 C  "C2'" . C   A 1 51 ? 4.542   35.103  20.124  1.00 63.70  ? 51  C   A "C2'" 1 
ATOM   1087 O  "O2'" . C   A 1 51 ? 3.177   35.284  20.471  1.00 64.63  ? 51  C   A "O2'" 1 
ATOM   1088 C  "C1'" . C   A 1 51 ? 4.592   34.287  18.836  1.00 64.52  ? 51  C   A "C1'" 1 
ATOM   1089 N  N1    . C   A 1 51 ? 5.833   33.481  18.733  1.00 63.30  ? 51  C   A N1    1 
ATOM   1090 C  C2    . C   A 1 51 ? 5.877   32.259  19.415  1.00 64.61  ? 51  C   A C2    1 
ATOM   1091 O  O2    . C   A 1 51 ? 4.882   31.918  20.073  1.00 62.58  ? 51  C   A O2    1 
ATOM   1092 N  N3    . C   A 1 51 ? 6.990   31.488  19.335  1.00 61.75  ? 51  C   A N3    1 
ATOM   1093 C  C4    . C   A 1 51 ? 8.040   31.900  18.622  1.00 63.51  ? 51  C   A C4    1 
ATOM   1094 N  N4    . C   A 1 51 ? 9.118   31.105  18.573  1.00 62.85  ? 51  C   A N4    1 
ATOM   1095 C  C5    . C   A 1 51 ? 8.031   33.144  17.921  1.00 58.55  ? 51  C   A C5    1 
ATOM   1096 C  C6    . C   A 1 51 ? 6.920   33.888  18.006  1.00 61.62  ? 51  C   A C6    1 
ATOM   1097 P  P     . C   A 1 52 ? 5.869   37.892  21.683  1.00 67.36  ? 52  C   A P     1 
ATOM   1098 O  OP1   . C   A 1 52 ? 5.294   39.115  22.294  1.00 67.22  ? 52  C   A OP1   1 
ATOM   1099 O  OP2   . C   A 1 52 ? 7.275   37.866  21.206  1.00 66.56  ? 52  C   A OP2   1 
ATOM   1100 O  "O5'" . C   A 1 52 ? 5.694   36.705  22.730  1.00 67.47  ? 52  C   A "O5'" 1 
ATOM   1101 C  "C5'" . C   A 1 52 ? 4.441   36.487  23.362  1.00 66.18  ? 52  C   A "C5'" 1 
ATOM   1102 C  "C4'" . C   A 1 52 ? 4.464   35.253  24.224  1.00 66.99  ? 52  C   A "C4'" 1 
ATOM   1103 O  "O4'" . C   A 1 52 ? 4.654   34.076  23.390  1.00 70.14  ? 52  C   A "O4'" 1 
ATOM   1104 C  "C3'" . C   A 1 52 ? 5.593   35.153  25.244  1.00 68.54  ? 52  C   A "C3'" 1 
ATOM   1105 O  "O3'" . C   A 1 52 ? 5.390   35.954  26.406  1.00 72.65  ? 52  C   A "O3'" 1 
ATOM   1106 C  "C2'" . C   A 1 52 ? 5.641   33.651  25.499  1.00 71.71  ? 52  C   A "C2'" 1 
ATOM   1107 O  "O2'" . C   A 1 52 ? 4.517   33.225  26.260  1.00 68.37  ? 52  C   A "O2'" 1 
ATOM   1108 C  "C1'" . C   A 1 52 ? 5.428   33.121  24.087  1.00 69.38  ? 52  C   A "C1'" 1 
ATOM   1109 N  N1    . C   A 1 52 ? 6.705   32.897  23.365  1.00 67.27  ? 52  C   A N1    1 
ATOM   1110 C  C2    . C   A 1 52 ? 7.388   31.711  23.645  1.00 70.30  ? 52  C   A C2    1 
ATOM   1111 O  O2    . C   A 1 52 ? 6.897   30.936  24.483  1.00 72.53  ? 52  C   A O2    1 
ATOM   1112 N  N3    . C   A 1 52 ? 8.549   31.434  23.001  1.00 67.42  ? 52  C   A N3    1 
ATOM   1113 C  C4    . C   A 1 52 ? 9.040   32.285  22.104  1.00 67.91  ? 52  C   A C4    1 
ATOM   1114 N  N4    . C   A 1 52 ? 10.192  31.958  21.506  1.00 68.57  ? 52  C   A N4    1 
ATOM   1115 C  C5    . C   A 1 52 ? 8.370   33.514  21.801  1.00 68.76  ? 52  C   A C5    1 
ATOM   1116 C  C6    . C   A 1 52 ? 7.216   33.778  22.443  1.00 67.62  ? 52  C   A C6    1 
ATOM   1117 P  P     . U   A 1 53 ? 6.626   36.651  27.186  1.00 74.16  ? 53  U   A P     1 
ATOM   1118 O  OP1   . U   A 1 53 ? 5.998   37.603  28.135  1.00 74.86  ? 53  U   A OP1   1 
ATOM   1119 O  OP2   . U   A 1 53 ? 7.700   37.147  26.288  1.00 70.85  ? 53  U   A OP2   1 
ATOM   1120 O  "O5'" . U   A 1 53 ? 7.284   35.456  28.007  1.00 75.58  ? 53  U   A "O5'" 1 
ATOM   1121 C  "C5'" . U   A 1 53 ? 6.475   34.558  28.756  1.00 73.40  ? 53  U   A "C5'" 1 
ATOM   1122 C  "C4'" . U   A 1 53 ? 7.237   33.317  29.143  1.00 77.83  ? 53  U   A "C4'" 1 
ATOM   1123 O  "O4'" . U   A 1 53 ? 7.774   32.689  27.944  1.00 76.77  ? 53  U   A "O4'" 1 
ATOM   1124 C  "C3'" . U   A 1 53 ? 8.421   33.558  30.081  1.00 77.88  ? 53  U   A "C3'" 1 
ATOM   1125 O  "O3'" . U   A 1 53 ? 8.489   32.534  31.069  1.00 82.17  ? 53  U   A "O3'" 1 
ATOM   1126 C  "C2'" . U   A 1 53 ? 9.632   33.448  29.165  1.00 77.75  ? 53  U   A "C2'" 1 
ATOM   1127 O  "O2'" . U   A 1 53 ? 10.792  32.980  29.818  1.00 84.11  ? 53  U   A "O2'" 1 
ATOM   1128 C  "C1'" . U   A 1 53 ? 9.158   32.455  28.106  1.00 78.63  ? 53  U   A "C1'" 1 
ATOM   1129 N  N1    . U   A 1 53 ? 9.857   32.637  26.819  1.00 76.31  ? 53  U   A N1    1 
ATOM   1130 C  C2    . U   A 1 53 ? 10.671  31.610  26.359  1.00 76.18  ? 53  U   A C2    1 
ATOM   1131 O  O2    . U   A 1 53 ? 10.786  30.542  26.940  1.00 78.38  ? 53  U   A O2    1 
ATOM   1132 N  N3    . U   A 1 53 ? 11.339  31.867  25.181  1.00 74.61  ? 53  U   A N3    1 
ATOM   1133 C  C4    . U   A 1 53 ? 11.291  33.034  24.437  1.00 73.42  ? 53  U   A C4    1 
ATOM   1134 O  O4    . U   A 1 53 ? 11.952  33.120  23.399  1.00 75.09  ? 53  U   A O4    1 
ATOM   1135 C  C5    . U   A 1 53 ? 10.442  34.052  24.982  1.00 72.12  ? 53  U   A C5    1 
ATOM   1136 C  C6    . U   A 1 53 ? 9.780   33.830  26.129  1.00 75.54  ? 53  U   A C6    1 
HETATM 1137 N  N1    . DHF B 2 .  ? -7.460  11.546  2.423   1.00 53.37  ? 101 DHF A N1    1 
HETATM 1138 C  C2    . DHF B 2 .  ? -8.424  11.423  3.350   1.00 55.49  ? 101 DHF A C2    1 
HETATM 1139 N  NA2   . DHF B 2 .  ? -9.206  12.490  3.628   1.00 54.08  ? 101 DHF A NA2   1 
HETATM 1140 N  N3    . DHF B 2 .  ? -8.657  10.277  4.024   1.00 55.66  ? 101 DHF A N3    1 
HETATM 1141 C  C4    . DHF B 2 .  ? -7.920  9.176   3.817   1.00 55.65  ? 101 DHF A C4    1 
HETATM 1142 O  O4    . DHF B 2 .  ? -8.154  8.118   4.442   1.00 56.40  ? 101 DHF A O4    1 
HETATM 1143 C  C4A   . DHF B 2 .  ? -6.835  9.258   2.822   1.00 53.86  ? 101 DHF A C4A   1 
HETATM 1144 N  N5    . DHF B 2 .  ? -6.046  8.217   2.547   1.00 54.20  ? 101 DHF A N5    1 
HETATM 1145 C  C6    . DHF B 2 .  ? -5.050  8.325   1.640   1.00 60.06  ? 101 DHF A C6    1 
HETATM 1146 C  C7    . DHF B 2 .  ? -4.760  9.586   0.858   1.00 57.46  ? 101 DHF A C7    1 
HETATM 1147 N  N8    . DHF B 2 .  ? -5.666  10.679  1.214   1.00 59.72  ? 101 DHF A N8    1 
HETATM 1148 C  C8A   . DHF B 2 .  ? -6.642  10.538  2.125   1.00 53.86  ? 101 DHF A C8A   1 
HETATM 1149 C  C9    . DHF B 2 .  ? -4.245  7.078   1.455   1.00 64.91  ? 101 DHF A C9    1 
HETATM 1150 N  N10   . DHF B 2 .  ? -3.047  7.059   0.634   1.00 73.68  ? 101 DHF A N10   1 
HETATM 1151 C  C11   . DHF B 2 .  ? -2.148  3.004   0.563   1.00 95.15  ? 101 DHF A C11   1 
HETATM 1152 C  C12   . DHF B 2 .  ? -2.983  3.563   -0.408  1.00 93.94  ? 101 DHF A C12   1 
HETATM 1153 C  C13   . DHF B 2 .  ? -3.270  4.927   -0.383  1.00 88.08  ? 101 DHF A C13   1 
HETATM 1154 C  C14   . DHF B 2 .  ? -2.693  5.752   0.588   1.00 84.83  ? 101 DHF A C14   1 
HETATM 1155 C  C15   . DHF B 2 .  ? -1.885  5.192   1.584   1.00 83.36  ? 101 DHF A C15   1 
HETATM 1156 C  C16   . DHF B 2 .  ? -1.597  3.820   1.556   1.00 87.97  ? 101 DHF A C16   1 
HETATM 1157 C  C     . DHF B 2 .  ? -1.863  1.524   0.513   1.00 102.44 ? 101 DHF A C     1 
HETATM 1158 O  O     . DHF B 2 .  ? -2.801  0.784   0.221   1.00 104.79 ? 101 DHF A O     1 
HETATM 1159 N  N     . DHF B 2 .  ? -0.641  1.048   0.803   1.00 106.21 ? 101 DHF A N     1 
HETATM 1160 C  CA    . DHF B 2 .  ? 0.000   0.000   0.000   1.00 111.48 ? 101 DHF A CA    1 
HETATM 1161 C  CB    . DHF B 2 .  ? 1.530   0.012   0.194   1.00 111.57 ? 101 DHF A CB    1 
HETATM 1162 C  CG    . DHF B 2 .  ? 2.315   -0.507  -1.022  1.00 111.40 ? 101 DHF A CG    1 
HETATM 1163 C  CD    . DHF B 2 .  ? 3.805   -0.640  -0.727  1.00 104.03 ? 101 DHF A CD    1 
HETATM 1164 O  OE1   . DHF B 2 .  ? 4.289   -1.796  -0.628  1.00 96.87  ? 101 DHF A OE1   1 
HETATM 1165 O  OE2   . DHF B 2 .  ? 4.508   0.397   -0.601  1.00 97.33  ? 101 DHF A OE2   1 
HETATM 1166 C  CT    . DHF B 2 .  ? -0.586  -1.377  0.262   1.00 112.10 ? 101 DHF A CT    1 
HETATM 1167 O  O1    . DHF B 2 .  ? -0.890  -2.103  -0.720  1.00 109.11 ? 101 DHF A O1    1 
HETATM 1168 O  O2    . DHF B 2 .  ? -0.769  -1.745  1.454   1.00 112.90 ? 101 DHF A O2    1 
HETATM 1169 MG MG    . MG  C 3 .  ? 8.792   30.932  32.373  1.00 83.30  ? 102 MG  A MG    1 
HETATM 1170 MG MG    . MG  D 3 .  ? 8.597   24.757  15.781  1.00 77.27  ? 103 MG  A MG    1 
HETATM 1171 MG MG    . MG  E 3 .  ? 1.427   18.919  9.498   1.00 71.73  ? 104 MG  A MG    1 
HETATM 1172 MG MG    . MG  F 3 .  ? 14.614  29.382  21.399  1.00 93.87  ? 105 MG  A MG    1 
HETATM 1173 N  N1    . SPM G 4 .  ? -17.530 -4.129  -7.327  1.00 72.69  ? 106 SPM A N1    1 
HETATM 1174 C  C2    . SPM G 4 .  ? -18.719 -4.915  -7.016  1.00 75.37  ? 106 SPM A C2    1 
HETATM 1175 C  C3    . SPM G 4 .  ? -19.148 -4.677  -5.564  1.00 73.32  ? 106 SPM A C3    1 
HETATM 1176 C  C4    . SPM G 4 .  ? -20.332 -5.557  -5.143  1.00 73.30  ? 106 SPM A C4    1 
HETATM 1177 N  N5    . SPM G 4 .  ? -20.797 -5.210  -3.805  1.00 74.99  ? 106 SPM A N5    1 
HETATM 1178 C  C6    . SPM G 4 .  ? -21.902 -5.893  -3.154  1.00 71.26  ? 106 SPM A C6    1 
HETATM 1179 C  C7    . SPM G 4 .  ? -22.809 -6.661  -4.109  1.00 73.60  ? 106 SPM A C7    1 
HETATM 1180 C  C8    . SPM G 4 .  ? -24.205 -6.801  -3.499  1.00 73.44  ? 106 SPM A C8    1 
HETATM 1181 C  C9    . SPM G 4 .  ? -24.900 -8.055  -4.011  1.00 73.22  ? 106 SPM A C9    1 
HETATM 1182 N  N10   . SPM G 4 .  ? -25.586 -8.781  -2.955  1.00 75.46  ? 106 SPM A N10   1 
HETATM 1183 C  C11   . SPM G 4 .  ? -25.622 -10.230 -3.039  1.00 74.13  ? 106 SPM A C11   1 
HETATM 1184 C  C12   . SPM G 4 .  ? -26.765 -10.863 -2.257  1.00 79.65  ? 106 SPM A C12   1 
HETATM 1185 C  C13   . SPM G 4 .  ? -26.590 -12.380 -2.181  1.00 80.07  ? 106 SPM A C13   1 
HETATM 1186 N  N14   . SPM G 4 .  ? -25.653 -12.712 -1.118  1.00 82.23  ? 106 SPM A N14   1 
HETATM 1187 O  O     . HOH H 5 .  ? 10.431  32.311  32.033  1.00 75.74  ? 201 HOH A O     1 
HETATM 1188 O  O     . HOH H 5 .  ? 9.629   30.532  30.513  1.00 82.42  ? 202 HOH A O     1 
HETATM 1189 O  O     . HOH H 5 .  ? 12.467  28.649  20.041  1.00 81.88  ? 203 HOH A O     1 
HETATM 1190 O  O     . HOH H 5 .  ? 10.914  27.568  18.965  1.00 68.64  ? 204 HOH A O     1 
HETATM 1191 O  O     . HOH H 5 .  ? -10.830 5.829   -0.065  1.00 62.18  ? 205 HOH A O     1 
HETATM 1192 O  O     . HOH H 5 .  ? 5.123   22.178  14.664  1.00 64.78  ? 206 HOH A O     1 
HETATM 1193 O  O     . HOH H 5 .  ? -9.639  4.709   -2.203  1.00 68.59  ? 207 HOH A O     1 
HETATM 1194 O  O     . HOH H 5 .  ? 3.091   19.044  10.765  1.00 64.65  ? 208 HOH A O     1 
HETATM 1195 O  O     . HOH H 5 .  ? -8.493  7.148   0.651   1.00 55.18  ? 209 HOH A O     1 
HETATM 1196 O  O     . HOH H 5 .  ? 16.510  29.784  21.054  1.00 101.91 ? 210 HOH A O     1 
HETATM 1197 O  O     . HOH H 5 .  ? 1.788   18.220  5.486   1.00 62.27  ? 211 HOH A O     1 
HETATM 1198 O  O     . HOH H 5 .  ? -0.362  18.051  6.251   1.00 57.06  ? 212 HOH A O     1 
HETATM 1199 O  O     . HOH H 5 .  ? 8.140   24.122  13.450  1.00 56.12  ? 213 HOH A O     1 
HETATM 1200 O  O     . HOH H 5 .  ? -10.522 2.686   -1.627  1.00 72.31  ? 214 HOH A O     1 
# 
